data_1PAQ
# 
_entry.id   1PAQ 
# 
_audit_conform.dict_name       mmcif_pdbx.dic 
_audit_conform.dict_version    5.398 
_audit_conform.dict_location   http://mmcif.pdb.org/dictionaries/ascii/mmcif_pdbx.dic 
# 
loop_
_database_2.database_id 
_database_2.database_code 
_database_2.pdbx_database_accession 
_database_2.pdbx_DOI 
PDB   1PAQ         pdb_00001paq 10.2210/pdb1paq/pdb 
RCSB  RCSB019204   ?            ?                   
WWPDB D_1000019204 ?            ?                   
# 
loop_
_pdbx_audit_revision_history.ordinal 
_pdbx_audit_revision_history.data_content_type 
_pdbx_audit_revision_history.major_revision 
_pdbx_audit_revision_history.minor_revision 
_pdbx_audit_revision_history.revision_date 
1 'Structure model' 1 0 2004-02-10 
2 'Structure model' 1 1 2008-04-29 
3 'Structure model' 1 2 2011-07-13 
4 'Structure model' 1 3 2024-10-30 
# 
_pdbx_audit_revision_details.ordinal             1 
_pdbx_audit_revision_details.revision_ordinal    1 
_pdbx_audit_revision_details.data_content_type   'Structure model' 
_pdbx_audit_revision_details.provider            repository 
_pdbx_audit_revision_details.type                'Initial release' 
_pdbx_audit_revision_details.description         ? 
_pdbx_audit_revision_details.details             ? 
# 
loop_
_pdbx_audit_revision_group.ordinal 
_pdbx_audit_revision_group.revision_ordinal 
_pdbx_audit_revision_group.data_content_type 
_pdbx_audit_revision_group.group 
1 2 'Structure model' 'Version format compliance' 
2 3 'Structure model' 'Version format compliance' 
3 4 'Structure model' 'Data collection'           
4 4 'Structure model' 'Database references'       
5 4 'Structure model' 'Derived calculations'      
6 4 'Structure model' 'Structure summary'         
# 
loop_
_pdbx_audit_revision_category.ordinal 
_pdbx_audit_revision_category.revision_ordinal 
_pdbx_audit_revision_category.data_content_type 
_pdbx_audit_revision_category.category 
1 4 'Structure model' chem_comp_atom            
2 4 'Structure model' chem_comp_bond            
3 4 'Structure model' database_2                
4 4 'Structure model' diffrn_source             
5 4 'Structure model' pdbx_entry_details        
6 4 'Structure model' pdbx_modification_feature 
7 4 'Structure model' struct_conn               
8 4 'Structure model' struct_ref_seq_dif        
# 
loop_
_pdbx_audit_revision_item.ordinal 
_pdbx_audit_revision_item.revision_ordinal 
_pdbx_audit_revision_item.data_content_type 
_pdbx_audit_revision_item.item 
1 4 'Structure model' '_database_2.pdbx_DOI'                 
2 4 'Structure model' '_database_2.pdbx_database_accession'  
3 4 'Structure model' '_diffrn_source.pdbx_synchrotron_site' 
4 4 'Structure model' '_struct_conn.pdbx_leaving_atom_flag'  
5 4 'Structure model' '_struct_ref_seq_dif.details'          
# 
_pdbx_database_status.status_code                     REL 
_pdbx_database_status.entry_id                        1PAQ 
_pdbx_database_status.recvd_initial_deposition_date   2003-05-14 
_pdbx_database_status.deposit_site                    RCSB 
_pdbx_database_status.process_site                    RCSB 
_pdbx_database_status.status_code_sf                  REL 
_pdbx_database_status.status_code_mr                  ? 
_pdbx_database_status.SG_entry                        ? 
_pdbx_database_status.pdb_format_compatible           Y 
_pdbx_database_status.status_code_cs                  ? 
_pdbx_database_status.status_code_nmr_data            ? 
_pdbx_database_status.methods_development_category    ? 
# 
loop_
_audit_author.name 
_audit_author.pdbx_ordinal 
'Boesen, T.'     1 
'Andersen, G.R.' 2 
'Pavitt, G.D.'   3 
# 
_citation.id                        primary 
_citation.title                     
;Structure of the catalytic fragment of translation initiation factor 2B and identification of a critically important catalytic residue.
;
_citation.journal_abbrev            J.Biol.Chem. 
_citation.journal_volume            279 
_citation.page_first                10584 
_citation.page_last                 10592 
_citation.year                      2004 
_citation.journal_id_ASTM           JBCHA3 
_citation.country                   US 
_citation.journal_id_ISSN           0021-9258 
_citation.journal_id_CSD            0071 
_citation.book_publisher            ? 
_citation.pdbx_database_id_PubMed   14681227 
_citation.pdbx_database_id_DOI      10.1074/jbc.M311055200 
# 
loop_
_citation_author.citation_id 
_citation_author.name 
_citation_author.ordinal 
_citation_author.identifier_ORCID 
primary 'Boesen, T.'     1 ? 
primary 'Mohammad, S.S.' 2 ? 
primary 'Pavitt, G.D.'   3 ? 
primary 'Andersen, G.R.' 4 ? 
# 
loop_
_entity.id 
_entity.type 
_entity.src_method 
_entity.pdbx_description 
_entity.formula_weight 
_entity.pdbx_number_of_molecules 
_entity.pdbx_ec 
_entity.pdbx_mutation 
_entity.pdbx_fragment 
_entity.details 
1 polymer man 'Translation initiation factor eIF-2B epsilon subunit' 22573.363 1  ? ? 'catalytic domain, residues (524-712)' ? 
2 water   nat water                                                  18.015    90 ? ? ?                                      ? 
# 
_entity_name_com.entity_id   1 
_entity_name_com.name        
'eIF-2B GDP-GTP exchange factor, Guanine nucleotide exchange factor subunit GCD6, GCD complex subunit GCD6' 
# 
_entity_poly.entity_id                      1 
_entity_poly.type                           'polypeptide(L)' 
_entity_poly.nstd_linkage                   no 
_entity_poly.nstd_monomer                   yes 
_entity_poly.pdbx_seq_one_letter_code       
;MSVNSIYTDREEIDSEFEDEDFEKEGIATVERA(MSE)ENNHDLDTALLELNTLR(MSE)S(MSE)NVTYHEVRIATITA
LLRRVYHFIATQTLGPKDAVVKVFNQWGLLFKRQAFDEEEYIDL(MSE)NII(MSE)EKIVEQSFDKPDLILFSALVSLY
DNDIIEEDVIYKWWDNVSTDPRYDEVKKLTVKWVEWLQNADEESSSEEE
;
_entity_poly.pdbx_seq_one_letter_code_can   
;MSVNSIYTDREEIDSEFEDEDFEKEGIATVERAMENNHDLDTALLELNTLRMSMNVTYHEVRIATITALLRRVYHFIATQ
TLGPKDAVVKVFNQWGLLFKRQAFDEEEYIDLMNIIMEKIVEQSFDKPDLILFSALVSLYDNDIIEEDVIYKWWDNVSTD
PRYDEVKKLTVKWVEWLQNADEESSSEEE
;
_entity_poly.pdbx_strand_id                 A 
_entity_poly.pdbx_target_identifier         ? 
# 
_pdbx_entity_nonpoly.entity_id   2 
_pdbx_entity_nonpoly.name        water 
_pdbx_entity_nonpoly.comp_id     HOH 
# 
loop_
_entity_poly_seq.entity_id 
_entity_poly_seq.num 
_entity_poly_seq.mon_id 
_entity_poly_seq.hetero 
1 1   MET n 
1 2   SER n 
1 3   VAL n 
1 4   ASN n 
1 5   SER n 
1 6   ILE n 
1 7   TYR n 
1 8   THR n 
1 9   ASP n 
1 10  ARG n 
1 11  GLU n 
1 12  GLU n 
1 13  ILE n 
1 14  ASP n 
1 15  SER n 
1 16  GLU n 
1 17  PHE n 
1 18  GLU n 
1 19  ASP n 
1 20  GLU n 
1 21  ASP n 
1 22  PHE n 
1 23  GLU n 
1 24  LYS n 
1 25  GLU n 
1 26  GLY n 
1 27  ILE n 
1 28  ALA n 
1 29  THR n 
1 30  VAL n 
1 31  GLU n 
1 32  ARG n 
1 33  ALA n 
1 34  MSE n 
1 35  GLU n 
1 36  ASN n 
1 37  ASN n 
1 38  HIS n 
1 39  ASP n 
1 40  LEU n 
1 41  ASP n 
1 42  THR n 
1 43  ALA n 
1 44  LEU n 
1 45  LEU n 
1 46  GLU n 
1 47  LEU n 
1 48  ASN n 
1 49  THR n 
1 50  LEU n 
1 51  ARG n 
1 52  MSE n 
1 53  SER n 
1 54  MSE n 
1 55  ASN n 
1 56  VAL n 
1 57  THR n 
1 58  TYR n 
1 59  HIS n 
1 60  GLU n 
1 61  VAL n 
1 62  ARG n 
1 63  ILE n 
1 64  ALA n 
1 65  THR n 
1 66  ILE n 
1 67  THR n 
1 68  ALA n 
1 69  LEU n 
1 70  LEU n 
1 71  ARG n 
1 72  ARG n 
1 73  VAL n 
1 74  TYR n 
1 75  HIS n 
1 76  PHE n 
1 77  ILE n 
1 78  ALA n 
1 79  THR n 
1 80  GLN n 
1 81  THR n 
1 82  LEU n 
1 83  GLY n 
1 84  PRO n 
1 85  LYS n 
1 86  ASP n 
1 87  ALA n 
1 88  VAL n 
1 89  VAL n 
1 90  LYS n 
1 91  VAL n 
1 92  PHE n 
1 93  ASN n 
1 94  GLN n 
1 95  TRP n 
1 96  GLY n 
1 97  LEU n 
1 98  LEU n 
1 99  PHE n 
1 100 LYS n 
1 101 ARG n 
1 102 GLN n 
1 103 ALA n 
1 104 PHE n 
1 105 ASP n 
1 106 GLU n 
1 107 GLU n 
1 108 GLU n 
1 109 TYR n 
1 110 ILE n 
1 111 ASP n 
1 112 LEU n 
1 113 MSE n 
1 114 ASN n 
1 115 ILE n 
1 116 ILE n 
1 117 MSE n 
1 118 GLU n 
1 119 LYS n 
1 120 ILE n 
1 121 VAL n 
1 122 GLU n 
1 123 GLN n 
1 124 SER n 
1 125 PHE n 
1 126 ASP n 
1 127 LYS n 
1 128 PRO n 
1 129 ASP n 
1 130 LEU n 
1 131 ILE n 
1 132 LEU n 
1 133 PHE n 
1 134 SER n 
1 135 ALA n 
1 136 LEU n 
1 137 VAL n 
1 138 SER n 
1 139 LEU n 
1 140 TYR n 
1 141 ASP n 
1 142 ASN n 
1 143 ASP n 
1 144 ILE n 
1 145 ILE n 
1 146 GLU n 
1 147 GLU n 
1 148 ASP n 
1 149 VAL n 
1 150 ILE n 
1 151 TYR n 
1 152 LYS n 
1 153 TRP n 
1 154 TRP n 
1 155 ASP n 
1 156 ASN n 
1 157 VAL n 
1 158 SER n 
1 159 THR n 
1 160 ASP n 
1 161 PRO n 
1 162 ARG n 
1 163 TYR n 
1 164 ASP n 
1 165 GLU n 
1 166 VAL n 
1 167 LYS n 
1 168 LYS n 
1 169 LEU n 
1 170 THR n 
1 171 VAL n 
1 172 LYS n 
1 173 TRP n 
1 174 VAL n 
1 175 GLU n 
1 176 TRP n 
1 177 LEU n 
1 178 GLN n 
1 179 ASN n 
1 180 ALA n 
1 181 ASP n 
1 182 GLU n 
1 183 GLU n 
1 184 SER n 
1 185 SER n 
1 186 SER n 
1 187 GLU n 
1 188 GLU n 
1 189 GLU n 
# 
_entity_src_gen.entity_id                          1 
_entity_src_gen.pdbx_src_id                        1 
_entity_src_gen.pdbx_alt_source_flag               sample 
_entity_src_gen.pdbx_seq_type                      ? 
_entity_src_gen.pdbx_beg_seq_num                   ? 
_entity_src_gen.pdbx_end_seq_num                   ? 
_entity_src_gen.gene_src_common_name               
;baker's yeast
;
_entity_src_gen.gene_src_genus                     Saccharomyces 
_entity_src_gen.pdbx_gene_src_gene                 'GCD6 OR TIF225 OR YDR211W OR YD8142.12 OR YD8142B.03' 
_entity_src_gen.gene_src_species                   ? 
_entity_src_gen.gene_src_strain                    ? 
_entity_src_gen.gene_src_tissue                    ? 
_entity_src_gen.gene_src_tissue_fraction           ? 
_entity_src_gen.gene_src_details                   ? 
_entity_src_gen.pdbx_gene_src_fragment             ? 
_entity_src_gen.pdbx_gene_src_scientific_name      'Saccharomyces cerevisiae' 
_entity_src_gen.pdbx_gene_src_ncbi_taxonomy_id     4932 
_entity_src_gen.pdbx_gene_src_variant              ? 
_entity_src_gen.pdbx_gene_src_cell_line            ? 
_entity_src_gen.pdbx_gene_src_atcc                 ? 
_entity_src_gen.pdbx_gene_src_organ                ? 
_entity_src_gen.pdbx_gene_src_organelle            ? 
_entity_src_gen.pdbx_gene_src_cell                 ? 
_entity_src_gen.pdbx_gene_src_cellular_location    ? 
_entity_src_gen.host_org_common_name               ? 
_entity_src_gen.pdbx_host_org_scientific_name      'Escherichia coli' 
_entity_src_gen.pdbx_host_org_ncbi_taxonomy_id     562 
_entity_src_gen.host_org_genus                     Escherichia 
_entity_src_gen.pdbx_host_org_gene                 ? 
_entity_src_gen.pdbx_host_org_organ                ? 
_entity_src_gen.host_org_species                   ? 
_entity_src_gen.pdbx_host_org_tissue               ? 
_entity_src_gen.pdbx_host_org_tissue_fraction      ? 
_entity_src_gen.pdbx_host_org_strain               'BL21(DE3)Rosetta' 
_entity_src_gen.pdbx_host_org_variant              ? 
_entity_src_gen.pdbx_host_org_cell_line            ? 
_entity_src_gen.pdbx_host_org_atcc                 ? 
_entity_src_gen.pdbx_host_org_culture_collection   ? 
_entity_src_gen.pdbx_host_org_cell                 ? 
_entity_src_gen.pdbx_host_org_organelle            ? 
_entity_src_gen.pdbx_host_org_cellular_location    ? 
_entity_src_gen.pdbx_host_org_vector_type          Plasmid 
_entity_src_gen.pdbx_host_org_vector               pET24d 
_entity_src_gen.host_org_details                   ? 
_entity_src_gen.expression_system_id               ? 
_entity_src_gen.plasmid_name                       pETeIF2Be-CTD 
_entity_src_gen.plasmid_details                    ? 
_entity_src_gen.pdbx_description                   ? 
# 
loop_
_chem_comp.id 
_chem_comp.type 
_chem_comp.mon_nstd_flag 
_chem_comp.name 
_chem_comp.pdbx_synonyms 
_chem_comp.formula 
_chem_comp.formula_weight 
ALA 'L-peptide linking' y ALANINE          ? 'C3 H7 N O2'     89.093  
ARG 'L-peptide linking' y ARGININE         ? 'C6 H15 N4 O2 1' 175.209 
ASN 'L-peptide linking' y ASPARAGINE       ? 'C4 H8 N2 O3'    132.118 
ASP 'L-peptide linking' y 'ASPARTIC ACID'  ? 'C4 H7 N O4'     133.103 
GLN 'L-peptide linking' y GLUTAMINE        ? 'C5 H10 N2 O3'   146.144 
GLU 'L-peptide linking' y 'GLUTAMIC ACID'  ? 'C5 H9 N O4'     147.129 
GLY 'peptide linking'   y GLYCINE          ? 'C2 H5 N O2'     75.067  
HIS 'L-peptide linking' y HISTIDINE        ? 'C6 H10 N3 O2 1' 156.162 
HOH non-polymer         . WATER            ? 'H2 O'           18.015  
ILE 'L-peptide linking' y ISOLEUCINE       ? 'C6 H13 N O2'    131.173 
LEU 'L-peptide linking' y LEUCINE          ? 'C6 H13 N O2'    131.173 
LYS 'L-peptide linking' y LYSINE           ? 'C6 H15 N2 O2 1' 147.195 
MET 'L-peptide linking' y METHIONINE       ? 'C5 H11 N O2 S'  149.211 
MSE 'L-peptide linking' n SELENOMETHIONINE ? 'C5 H11 N O2 Se' 196.106 
PHE 'L-peptide linking' y PHENYLALANINE    ? 'C9 H11 N O2'    165.189 
PRO 'L-peptide linking' y PROLINE          ? 'C5 H9 N O2'     115.130 
SER 'L-peptide linking' y SERINE           ? 'C3 H7 N O3'     105.093 
THR 'L-peptide linking' y THREONINE        ? 'C4 H9 N O3'     119.119 
TRP 'L-peptide linking' y TRYPTOPHAN       ? 'C11 H12 N2 O2'  204.225 
TYR 'L-peptide linking' y TYROSINE         ? 'C9 H11 N O3'    181.189 
VAL 'L-peptide linking' y VALINE           ? 'C5 H11 N O2'    117.146 
# 
loop_
_pdbx_poly_seq_scheme.asym_id 
_pdbx_poly_seq_scheme.entity_id 
_pdbx_poly_seq_scheme.seq_id 
_pdbx_poly_seq_scheme.mon_id 
_pdbx_poly_seq_scheme.ndb_seq_num 
_pdbx_poly_seq_scheme.pdb_seq_num 
_pdbx_poly_seq_scheme.auth_seq_num 
_pdbx_poly_seq_scheme.pdb_mon_id 
_pdbx_poly_seq_scheme.auth_mon_id 
_pdbx_poly_seq_scheme.pdb_strand_id 
_pdbx_poly_seq_scheme.pdb_ins_code 
_pdbx_poly_seq_scheme.hetero 
A 1 1   MET 1   524 ?   ?   ?   A . n 
A 1 2   SER 2   525 ?   ?   ?   A . n 
A 1 3   VAL 3   526 ?   ?   ?   A . n 
A 1 4   ASN 4   527 ?   ?   ?   A . n 
A 1 5   SER 5   528 ?   ?   ?   A . n 
A 1 6   ILE 6   529 ?   ?   ?   A . n 
A 1 7   TYR 7   530 ?   ?   ?   A . n 
A 1 8   THR 8   531 ?   ?   ?   A . n 
A 1 9   ASP 9   532 ?   ?   ?   A . n 
A 1 10  ARG 10  533 ?   ?   ?   A . n 
A 1 11  GLU 11  534 ?   ?   ?   A . n 
A 1 12  GLU 12  535 ?   ?   ?   A . n 
A 1 13  ILE 13  536 ?   ?   ?   A . n 
A 1 14  ASP 14  537 ?   ?   ?   A . n 
A 1 15  SER 15  538 ?   ?   ?   A . n 
A 1 16  GLU 16  539 ?   ?   ?   A . n 
A 1 17  PHE 17  540 ?   ?   ?   A . n 
A 1 18  GLU 18  541 ?   ?   ?   A . n 
A 1 19  ASP 19  542 ?   ?   ?   A . n 
A 1 20  GLU 20  543 ?   ?   ?   A . n 
A 1 21  ASP 21  544 544 ASP ASP A . n 
A 1 22  PHE 22  545 545 PHE PHE A . n 
A 1 23  GLU 23  546 546 GLU GLU A . n 
A 1 24  LYS 24  547 547 LYS LYS A . n 
A 1 25  GLU 25  548 548 GLU GLU A . n 
A 1 26  GLY 26  549 549 GLY GLY A . n 
A 1 27  ILE 27  550 550 ILE ILE A . n 
A 1 28  ALA 28  551 551 ALA ALA A . n 
A 1 29  THR 29  552 552 THR THR A . n 
A 1 30  VAL 30  553 553 VAL VAL A . n 
A 1 31  GLU 31  554 554 GLU GLU A . n 
A 1 32  ARG 32  555 555 ARG ARG A . n 
A 1 33  ALA 33  556 556 ALA ALA A . n 
A 1 34  MSE 34  557 557 MSE MSE A . n 
A 1 35  GLU 35  558 558 GLU GLU A . n 
A 1 36  ASN 36  559 559 ASN ASN A . n 
A 1 37  ASN 37  560 560 ASN ASN A . n 
A 1 38  HIS 38  561 561 HIS HIS A . n 
A 1 39  ASP 39  562 562 ASP ASP A . n 
A 1 40  LEU 40  563 563 LEU LEU A . n 
A 1 41  ASP 41  564 564 ASP ASP A . n 
A 1 42  THR 42  565 565 THR THR A . n 
A 1 43  ALA 43  566 566 ALA ALA A . n 
A 1 44  LEU 44  567 567 LEU LEU A . n 
A 1 45  LEU 45  568 568 LEU LEU A . n 
A 1 46  GLU 46  569 569 GLU GLU A . n 
A 1 47  LEU 47  570 570 LEU LEU A . n 
A 1 48  ASN 48  571 571 ASN ASN A . n 
A 1 49  THR 49  572 572 THR THR A . n 
A 1 50  LEU 50  573 573 LEU LEU A . n 
A 1 51  ARG 51  574 574 ARG ARG A . n 
A 1 52  MSE 52  575 575 MSE MSE A . n 
A 1 53  SER 53  576 576 SER SER A . n 
A 1 54  MSE 54  577 577 MSE MSE A . n 
A 1 55  ASN 55  578 578 ASN ASN A . n 
A 1 56  VAL 56  579 579 VAL VAL A . n 
A 1 57  THR 57  580 580 THR THR A . n 
A 1 58  TYR 58  581 581 TYR TYR A . n 
A 1 59  HIS 59  582 582 HIS HIS A . n 
A 1 60  GLU 60  583 583 GLU GLU A . n 
A 1 61  VAL 61  584 584 VAL VAL A . n 
A 1 62  ARG 62  585 585 ARG ARG A . n 
A 1 63  ILE 63  586 586 ILE ILE A . n 
A 1 64  ALA 64  587 587 ALA ALA A . n 
A 1 65  THR 65  588 588 THR THR A . n 
A 1 66  ILE 66  589 589 ILE ILE A . n 
A 1 67  THR 67  590 590 THR THR A . n 
A 1 68  ALA 68  591 591 ALA ALA A . n 
A 1 69  LEU 69  592 592 LEU LEU A . n 
A 1 70  LEU 70  593 593 LEU LEU A . n 
A 1 71  ARG 71  594 594 ARG ARG A . n 
A 1 72  ARG 72  595 595 ARG ARG A . n 
A 1 73  VAL 73  596 596 VAL VAL A . n 
A 1 74  TYR 74  597 597 TYR TYR A . n 
A 1 75  HIS 75  598 598 HIS HIS A . n 
A 1 76  PHE 76  599 599 PHE PHE A . n 
A 1 77  ILE 77  600 600 ILE ILE A . n 
A 1 78  ALA 78  601 601 ALA ALA A . n 
A 1 79  THR 79  602 602 THR THR A . n 
A 1 80  GLN 80  603 603 GLN GLN A . n 
A 1 81  THR 81  604 604 THR THR A . n 
A 1 82  LEU 82  605 605 LEU LEU A . n 
A 1 83  GLY 83  606 606 GLY GLY A . n 
A 1 84  PRO 84  607 607 PRO PRO A . n 
A 1 85  LYS 85  608 608 LYS LYS A . n 
A 1 86  ASP 86  609 609 ASP ASP A . n 
A 1 87  ALA 87  610 610 ALA ALA A . n 
A 1 88  VAL 88  611 611 VAL VAL A . n 
A 1 89  VAL 89  612 612 VAL VAL A . n 
A 1 90  LYS 90  613 613 LYS LYS A . n 
A 1 91  VAL 91  614 614 VAL VAL A . n 
A 1 92  PHE 92  615 615 PHE PHE A . n 
A 1 93  ASN 93  616 616 ASN ASN A . n 
A 1 94  GLN 94  617 617 GLN GLN A . n 
A 1 95  TRP 95  618 618 TRP TRP A . n 
A 1 96  GLY 96  619 619 GLY GLY A . n 
A 1 97  LEU 97  620 620 LEU LEU A . n 
A 1 98  LEU 98  621 621 LEU LEU A . n 
A 1 99  PHE 99  622 622 PHE PHE A . n 
A 1 100 LYS 100 623 623 LYS LYS A . n 
A 1 101 ARG 101 624 624 ARG ARG A . n 
A 1 102 GLN 102 625 625 GLN GLN A . n 
A 1 103 ALA 103 626 626 ALA ALA A . n 
A 1 104 PHE 104 627 627 PHE PHE A . n 
A 1 105 ASP 105 628 628 ASP ASP A . n 
A 1 106 GLU 106 629 629 GLU GLU A . n 
A 1 107 GLU 107 630 630 GLU GLU A . n 
A 1 108 GLU 108 631 631 GLU GLU A . n 
A 1 109 TYR 109 632 632 TYR TYR A . n 
A 1 110 ILE 110 633 633 ILE ILE A . n 
A 1 111 ASP 111 634 634 ASP ASP A . n 
A 1 112 LEU 112 635 635 LEU LEU A . n 
A 1 113 MSE 113 636 636 MSE MSE A . n 
A 1 114 ASN 114 637 637 ASN ASN A . n 
A 1 115 ILE 115 638 638 ILE ILE A . n 
A 1 116 ILE 116 639 639 ILE ILE A . n 
A 1 117 MSE 117 640 640 MSE MSE A . n 
A 1 118 GLU 118 641 641 GLU GLU A . n 
A 1 119 LYS 119 642 642 LYS LYS A . n 
A 1 120 ILE 120 643 643 ILE ILE A . n 
A 1 121 VAL 121 644 644 VAL VAL A . n 
A 1 122 GLU 122 645 645 GLU GLU A . n 
A 1 123 GLN 123 646 646 GLN GLN A . n 
A 1 124 SER 124 647 647 SER SER A . n 
A 1 125 PHE 125 648 648 PHE PHE A . n 
A 1 126 ASP 126 649 649 ASP ASP A . n 
A 1 127 LYS 127 650 650 LYS LYS A . n 
A 1 128 PRO 128 651 651 PRO PRO A . n 
A 1 129 ASP 129 652 652 ASP ASP A . n 
A 1 130 LEU 130 653 653 LEU LEU A . n 
A 1 131 ILE 131 654 654 ILE ILE A . n 
A 1 132 LEU 132 655 655 LEU LEU A . n 
A 1 133 PHE 133 656 656 PHE PHE A . n 
A 1 134 SER 134 657 657 SER SER A . n 
A 1 135 ALA 135 658 658 ALA ALA A . n 
A 1 136 LEU 136 659 659 LEU LEU A . n 
A 1 137 VAL 137 660 660 VAL VAL A . n 
A 1 138 SER 138 661 661 SER SER A . n 
A 1 139 LEU 139 662 662 LEU LEU A . n 
A 1 140 TYR 140 663 663 TYR TYR A . n 
A 1 141 ASP 141 664 664 ASP ASP A . n 
A 1 142 ASN 142 665 665 ASN ASN A . n 
A 1 143 ASP 143 666 666 ASP ASP A . n 
A 1 144 ILE 144 667 667 ILE ILE A . n 
A 1 145 ILE 145 668 668 ILE ILE A . n 
A 1 146 GLU 146 669 669 GLU GLU A . n 
A 1 147 GLU 147 670 670 GLU GLU A . n 
A 1 148 ASP 148 671 671 ASP ASP A . n 
A 1 149 VAL 149 672 672 VAL VAL A . n 
A 1 150 ILE 150 673 673 ILE ILE A . n 
A 1 151 TYR 151 674 674 TYR TYR A . n 
A 1 152 LYS 152 675 675 LYS LYS A . n 
A 1 153 TRP 153 676 676 TRP TRP A . n 
A 1 154 TRP 154 677 677 TRP TRP A . n 
A 1 155 ASP 155 678 678 ASP ASP A . n 
A 1 156 ASN 156 679 679 ASN ASN A . n 
A 1 157 VAL 157 680 680 VAL VAL A . n 
A 1 158 SER 158 681 681 SER SER A . n 
A 1 159 THR 159 682 682 THR THR A . n 
A 1 160 ASP 160 683 683 ASP ASP A . n 
A 1 161 PRO 161 684 684 PRO PRO A . n 
A 1 162 ARG 162 685 685 ARG ARG A . n 
A 1 163 TYR 163 686 686 TYR TYR A . n 
A 1 164 ASP 164 687 687 ASP ASP A . n 
A 1 165 GLU 165 688 688 GLU GLU A . n 
A 1 166 VAL 166 689 689 VAL VAL A . n 
A 1 167 LYS 167 690 690 LYS LYS A . n 
A 1 168 LYS 168 691 691 LYS LYS A . n 
A 1 169 LEU 169 692 692 LEU LEU A . n 
A 1 170 THR 170 693 693 THR THR A . n 
A 1 171 VAL 171 694 694 VAL VAL A . n 
A 1 172 LYS 172 695 695 LYS LYS A . n 
A 1 173 TRP 173 696 696 TRP TRP A . n 
A 1 174 VAL 174 697 697 VAL VAL A . n 
A 1 175 GLU 175 698 698 GLU GLU A . n 
A 1 176 TRP 176 699 699 TRP TRP A . n 
A 1 177 LEU 177 700 700 LEU LEU A . n 
A 1 178 GLN 178 701 701 GLN GLN A . n 
A 1 179 ASN 179 702 702 ASN ASN A . n 
A 1 180 ALA 180 703 703 ALA ALA A . n 
A 1 181 ASP 181 704 704 ASP ASP A . n 
A 1 182 GLU 182 705 ?   ?   ?   A . n 
A 1 183 GLU 183 706 ?   ?   ?   A . n 
A 1 184 SER 184 707 ?   ?   ?   A . n 
A 1 185 SER 185 708 ?   ?   ?   A . n 
A 1 186 SER 186 709 ?   ?   ?   A . n 
A 1 187 GLU 187 710 ?   ?   ?   A . n 
A 1 188 GLU 188 711 ?   ?   ?   A . n 
A 1 189 GLU 189 712 ?   ?   ?   A . n 
# 
loop_
_pdbx_nonpoly_scheme.asym_id 
_pdbx_nonpoly_scheme.entity_id 
_pdbx_nonpoly_scheme.mon_id 
_pdbx_nonpoly_scheme.ndb_seq_num 
_pdbx_nonpoly_scheme.pdb_seq_num 
_pdbx_nonpoly_scheme.auth_seq_num 
_pdbx_nonpoly_scheme.pdb_mon_id 
_pdbx_nonpoly_scheme.auth_mon_id 
_pdbx_nonpoly_scheme.pdb_strand_id 
_pdbx_nonpoly_scheme.pdb_ins_code 
B 2 HOH 1  1   1   HOH HOH A . 
B 2 HOH 2  2   2   HOH HOH A . 
B 2 HOH 3  3   3   HOH HOH A . 
B 2 HOH 4  4   4   HOH HOH A . 
B 2 HOH 5  5   5   HOH HOH A . 
B 2 HOH 6  6   6   HOH HOH A . 
B 2 HOH 7  7   7   HOH HOH A . 
B 2 HOH 8  8   8   HOH HOH A . 
B 2 HOH 9  9   9   HOH HOH A . 
B 2 HOH 10 10  10  HOH HOH A . 
B 2 HOH 11 11  11  HOH HOH A . 
B 2 HOH 12 12  12  HOH HOH A . 
B 2 HOH 13 13  13  HOH HOH A . 
B 2 HOH 14 14  14  HOH HOH A . 
B 2 HOH 15 15  15  HOH HOH A . 
B 2 HOH 16 16  16  HOH HOH A . 
B 2 HOH 17 17  17  HOH HOH A . 
B 2 HOH 18 18  18  HOH HOH A . 
B 2 HOH 19 19  19  HOH HOH A . 
B 2 HOH 20 20  20  HOH HOH A . 
B 2 HOH 21 21  21  HOH HOH A . 
B 2 HOH 22 22  22  HOH HOH A . 
B 2 HOH 23 23  23  HOH HOH A . 
B 2 HOH 24 24  24  HOH HOH A . 
B 2 HOH 25 25  25  HOH HOH A . 
B 2 HOH 26 26  26  HOH HOH A . 
B 2 HOH 27 27  27  HOH HOH A . 
B 2 HOH 28 28  28  HOH HOH A . 
B 2 HOH 29 29  29  HOH HOH A . 
B 2 HOH 30 30  30  HOH HOH A . 
B 2 HOH 31 31  31  HOH HOH A . 
B 2 HOH 32 32  32  HOH HOH A . 
B 2 HOH 33 34  34  HOH HOH A . 
B 2 HOH 34 35  35  HOH HOH A . 
B 2 HOH 35 36  36  HOH HOH A . 
B 2 HOH 36 37  37  HOH HOH A . 
B 2 HOH 37 38  38  HOH HOH A . 
B 2 HOH 38 39  39  HOH HOH A . 
B 2 HOH 39 40  40  HOH HOH A . 
B 2 HOH 40 41  41  HOH HOH A . 
B 2 HOH 41 43  43  HOH HOH A . 
B 2 HOH 42 44  44  HOH HOH A . 
B 2 HOH 43 45  45  HOH HOH A . 
B 2 HOH 44 47  47  HOH HOH A . 
B 2 HOH 45 48  48  HOH HOH A . 
B 2 HOH 46 49  49  HOH HOH A . 
B 2 HOH 47 51  51  HOH HOH A . 
B 2 HOH 48 52  52  HOH HOH A . 
B 2 HOH 49 53  53  HOH HOH A . 
B 2 HOH 50 54  54  HOH HOH A . 
B 2 HOH 51 55  55  HOH HOH A . 
B 2 HOH 52 56  56  HOH HOH A . 
B 2 HOH 53 57  57  HOH HOH A . 
B 2 HOH 54 59  59  HOH HOH A . 
B 2 HOH 55 60  60  HOH HOH A . 
B 2 HOH 56 62  62  HOH HOH A . 
B 2 HOH 57 63  63  HOH HOH A . 
B 2 HOH 58 64  64  HOH HOH A . 
B 2 HOH 59 65  65  HOH HOH A . 
B 2 HOH 60 66  66  HOH HOH A . 
B 2 HOH 61 67  67  HOH HOH A . 
B 2 HOH 62 69  69  HOH HOH A . 
B 2 HOH 63 70  70  HOH HOH A . 
B 2 HOH 64 71  71  HOH HOH A . 
B 2 HOH 65 72  72  HOH HOH A . 
B 2 HOH 66 73  73  HOH HOH A . 
B 2 HOH 67 74  74  HOH HOH A . 
B 2 HOH 68 75  75  HOH HOH A . 
B 2 HOH 69 76  76  HOH HOH A . 
B 2 HOH 70 77  77  HOH HOH A . 
B 2 HOH 71 79  79  HOH HOH A . 
B 2 HOH 72 81  81  HOH HOH A . 
B 2 HOH 73 82  82  HOH HOH A . 
B 2 HOH 74 83  83  HOH HOH A . 
B 2 HOH 75 84  84  HOH HOH A . 
B 2 HOH 76 86  86  HOH HOH A . 
B 2 HOH 77 87  87  HOH HOH A . 
B 2 HOH 78 89  89  HOH HOH A . 
B 2 HOH 79 90  90  HOH HOH A . 
B 2 HOH 80 91  91  HOH HOH A . 
B 2 HOH 81 93  93  HOH HOH A . 
B 2 HOH 82 94  94  HOH HOH A . 
B 2 HOH 83 95  95  HOH HOH A . 
B 2 HOH 84 96  96  HOH HOH A . 
B 2 HOH 85 98  98  HOH HOH A . 
B 2 HOH 86 99  99  HOH HOH A . 
B 2 HOH 87 102 102 HOH HOH A . 
B 2 HOH 88 103 103 HOH HOH A . 
B 2 HOH 89 104 104 HOH HOH A . 
B 2 HOH 90 107 107 HOH HOH A . 
# 
loop_
_software.name 
_software.classification 
_software.version 
_software.citation_id 
_software.pdbx_ordinal 
MOSFLM 'data reduction' .         ? 1 
SCALA  'data scaling'   .         ? 2 
CNS    refinement       .         ? 3 
CCP4   'data scaling'   '(SCALA)' ? 4 
CNS    phasing          .         ? 5 
# 
_cell.entry_id           1PAQ 
_cell.length_a           106.340 
_cell.length_b           106.340 
_cell.length_c           91.710 
_cell.angle_alpha        90.00 
_cell.angle_beta         90.00 
_cell.angle_gamma        90.00 
_cell.Z_PDB              16 
_cell.pdbx_unique_axis   ? 
# 
_symmetry.entry_id                         1PAQ 
_symmetry.space_group_name_H-M             'I 4 2 2' 
_symmetry.pdbx_full_space_group_name_H-M   ? 
_symmetry.cell_setting                     ? 
_symmetry.Int_Tables_number                97 
_symmetry.space_group_name_Hall            ? 
# 
_exptl.entry_id          1PAQ 
_exptl.method            'X-RAY DIFFRACTION' 
_exptl.crystals_number   1 
# 
_exptl_crystal.id                    1 
_exptl_crystal.density_meas          ? 
_exptl_crystal.density_Matthews      2.87 
_exptl_crystal.density_percent_sol   57.16 
_exptl_crystal.description           ? 
_exptl_crystal.F_000                 ? 
_exptl_crystal.preparation           ? 
# 
_exptl_crystal_grow.crystal_id      1 
_exptl_crystal_grow.method          'VAPOR DIFFUSION, SITTING DROP' 
_exptl_crystal_grow.temp            277 
_exptl_crystal_grow.temp_details    ? 
_exptl_crystal_grow.pH              5.75 
_exptl_crystal_grow.pdbx_details    
'PEG 2000MME, ammonium acetate, Tris-HCl, pH 5.75, VAPOR DIFFUSION, SITTING DROP, temperature 277K' 
_exptl_crystal_grow.pdbx_pH_range   . 
# 
_diffrn.id                     1 
_diffrn.ambient_temp           100 
_diffrn.ambient_temp_details   ? 
_diffrn.crystal_id             1 
# 
_diffrn_detector.diffrn_id              1 
_diffrn_detector.detector               CCD 
_diffrn_detector.type                   MARRESEARCH 
_diffrn_detector.pdbx_collection_date   2003-02-10 
_diffrn_detector.details                ? 
# 
_diffrn_radiation.diffrn_id                        1 
_diffrn_radiation.wavelength_id                    1 
_diffrn_radiation.pdbx_monochromatic_or_laue_m_l   M 
_diffrn_radiation.monochromator                    'Double crystal focussing' 
_diffrn_radiation.pdbx_diffrn_protocol             MAD 
_diffrn_radiation.pdbx_scattering_type             x-ray 
# 
loop_
_diffrn_radiation_wavelength.id 
_diffrn_radiation_wavelength.wavelength 
_diffrn_radiation_wavelength.wt 
1 0.9821 1.0 
2 0.9824 1.0 
3 0.9121 1.0 
# 
_diffrn_source.diffrn_id                   1 
_diffrn_source.source                      SYNCHROTRON 
_diffrn_source.type                        'EMBL/DESY, HAMBURG BEAMLINE BW7A' 
_diffrn_source.pdbx_synchrotron_site       'EMBL/DESY, HAMBURG' 
_diffrn_source.pdbx_synchrotron_beamline   BW7A 
_diffrn_source.pdbx_wavelength             ? 
_diffrn_source.pdbx_wavelength_list        '0.9821, 0.9824, 0.9121' 
# 
_reflns.entry_id                     1PAQ 
_reflns.observed_criterion_sigma_F   0 
_reflns.observed_criterion_sigma_I   0 
_reflns.d_resolution_high            2.30 
_reflns.d_resolution_low             20.00 
_reflns.number_all                   22335 
_reflns.number_obs                   22162 
_reflns.percent_possible_obs         99.2 
_reflns.pdbx_Rmerge_I_obs            ? 
_reflns.pdbx_Rsym_value              ? 
_reflns.pdbx_netI_over_sigmaI        ? 
_reflns.B_iso_Wilson_estimate        ? 
_reflns.pdbx_redundancy              ? 
_reflns.R_free_details               ? 
_reflns.limit_h_max                  ? 
_reflns.limit_h_min                  ? 
_reflns.limit_k_max                  ? 
_reflns.limit_k_min                  ? 
_reflns.limit_l_max                  ? 
_reflns.limit_l_min                  ? 
_reflns.observed_criterion_F_max     ? 
_reflns.observed_criterion_F_min     ? 
_reflns.pdbx_chi_squared             ? 
_reflns.pdbx_scaling_rejects         ? 
_reflns.pdbx_diffrn_id               1 
_reflns.pdbx_ordinal                 1 
# 
_reflns_shell.d_res_high             2.30 
_reflns_shell.d_res_low              2.42 
_reflns_shell.percent_possible_all   99.2 
_reflns_shell.Rmerge_I_obs           ? 
_reflns_shell.pdbx_Rsym_value        ? 
_reflns_shell.meanI_over_sigI_obs    ? 
_reflns_shell.pdbx_redundancy        ? 
_reflns_shell.percent_possible_obs   ? 
_reflns_shell.number_unique_all      ? 
_reflns_shell.number_measured_all    ? 
_reflns_shell.number_measured_obs    ? 
_reflns_shell.number_unique_obs      ? 
_reflns_shell.pdbx_chi_squared       ? 
_reflns_shell.pdbx_diffrn_id         ? 
_reflns_shell.pdbx_ordinal           1 
# 
_refine.entry_id                                 1PAQ 
_refine.ls_d_res_high                            2.30 
_refine.ls_d_res_low                             20.00 
_refine.pdbx_ls_sigma_F                          0 
_refine.pdbx_ls_sigma_I                          ? 
_refine.ls_number_reflns_all                     22162 
_refine.ls_number_reflns_obs                     22162 
_refine.ls_number_reflns_R_free                  2111 
_refine.ls_percent_reflns_obs                    ? 
_refine.ls_R_factor_all                          0.2439 
_refine.ls_R_factor_obs                          0.2439 
_refine.ls_R_factor_R_work                       0.2426 
_refine.ls_R_factor_R_free                       0.2723 
_refine.ls_redundancy_reflns_obs                 ? 
_refine.pdbx_data_cutoff_high_absF               ? 
_refine.pdbx_data_cutoff_low_absF                ? 
_refine.ls_number_parameters                     ? 
_refine.ls_number_restraints                     ? 
_refine.ls_percent_reflns_R_free                 ? 
_refine.ls_R_factor_R_free_error                 ? 
_refine.ls_R_factor_R_free_error_details         ? 
_refine.pdbx_method_to_determine_struct          MAD 
_refine.pdbx_starting_model                      ? 
_refine.pdbx_ls_cross_valid_method               THROUGHOUT 
_refine.pdbx_R_Free_selection_details            RANDOM 
_refine.pdbx_stereochem_target_val_spec_case     ? 
_refine.pdbx_stereochemistry_target_values       'Engh & Huber' 
_refine.solvent_model_details                    ? 
_refine.solvent_model_param_bsol                 28.0924 
_refine.solvent_model_param_ksol                 0.327009 
_refine.occupancy_max                            ? 
_refine.occupancy_min                            ? 
_refine.pdbx_isotropic_thermal_model             ? 
_refine.B_iso_mean                               ? 
_refine.aniso_B[1][1]                            7.448 
_refine.aniso_B[1][2]                            0.000 
_refine.aniso_B[1][3]                            0.000 
_refine.aniso_B[2][2]                            7.448 
_refine.aniso_B[2][3]                            0.000 
_refine.aniso_B[3][3]                            -14.895 
_refine.details                                  ? 
_refine.B_iso_min                                ? 
_refine.B_iso_max                                ? 
_refine.correlation_coeff_Fo_to_Fc               ? 
_refine.correlation_coeff_Fo_to_Fc_free          ? 
_refine.pdbx_solvent_vdw_probe_radii             ? 
_refine.pdbx_solvent_ion_probe_radii             ? 
_refine.pdbx_solvent_shrinkage_radii             ? 
_refine.overall_SU_R_Cruickshank_DPI             ? 
_refine.overall_SU_R_free                        ? 
_refine.overall_SU_B                             ? 
_refine.overall_SU_ML                            ? 
_refine.pdbx_overall_ESU_R                       ? 
_refine.pdbx_overall_ESU_R_Free                  ? 
_refine.pdbx_data_cutoff_high_rms_absF           ? 
_refine.ls_wR_factor_R_free                      ? 
_refine.ls_wR_factor_R_work                      ? 
_refine.overall_FOM_free_R_set                   ? 
_refine.overall_FOM_work_R_set                   ? 
_refine.pdbx_refine_id                           'X-RAY DIFFRACTION' 
_refine.pdbx_diffrn_id                           1 
_refine.pdbx_TLS_residual_ADP_flag               ? 
_refine.pdbx_overall_phase_error                 ? 
_refine.pdbx_overall_SU_R_free_Cruickshank_DPI   ? 
_refine.pdbx_overall_SU_R_Blow_DPI               ? 
_refine.pdbx_overall_SU_R_free_Blow_DPI          ? 
# 
_refine_hist.pdbx_refine_id                   'X-RAY DIFFRACTION' 
_refine_hist.cycle_id                         LAST 
_refine_hist.pdbx_number_atoms_protein        1341 
_refine_hist.pdbx_number_atoms_nucleic_acid   0 
_refine_hist.pdbx_number_atoms_ligand         0 
_refine_hist.number_atoms_solvent             90 
_refine_hist.number_atoms_total               1431 
_refine_hist.d_res_high                       2.30 
_refine_hist.d_res_low                        20.00 
# 
loop_
_refine_ls_restr.type 
_refine_ls_restr.dev_ideal 
_refine_ls_restr.dev_ideal_target 
_refine_ls_restr.weight 
_refine_ls_restr.number 
_refine_ls_restr.pdbx_refine_id 
_refine_ls_restr.pdbx_restraint_function 
c_bond_d     0.008266 ?    ? ? 'X-RAY DIFFRACTION' ? 
c_angle_deg  1.32498  ?    ? ? 'X-RAY DIFFRACTION' ? 
c_mcbond_it  1.028    1.50 ? ? 'X-RAY DIFFRACTION' ? 
c_mcangle_it 1.719    2.00 ? ? 'X-RAY DIFFRACTION' ? 
c_scbond_it  1.442    2.00 ? ? 'X-RAY DIFFRACTION' ? 
c_scangle_it 2.310    2.50 ? ? 'X-RAY DIFFRACTION' ? 
# 
_struct.entry_id                  1PAQ 
_struct.title                     'CRYSTAL STRUCTURE OF THE CATALYTIC FRAGMENT OF EUKARYOTIC INITIATION FACTOR 2B EPSILON' 
_struct.pdbx_model_details        ? 
_struct.pdbx_CASP_flag            ? 
_struct.pdbx_model_type_details   ? 
# 
_struct_keywords.entry_id        1PAQ 
_struct_keywords.pdbx_keywords   TRANSLATION 
_struct_keywords.text            'heat repeat, aa motif, TRANSLATION' 
# 
loop_
_struct_asym.id 
_struct_asym.pdbx_blank_PDB_chainid_flag 
_struct_asym.pdbx_modified 
_struct_asym.entity_id 
_struct_asym.details 
A N N 1 ? 
B N N 2 ? 
# 
_struct_ref.id                         1 
_struct_ref.db_name                    UNP 
_struct_ref.db_code                    EI2BE_YEAST 
_struct_ref.pdbx_db_accession          P32501 
_struct_ref.entity_id                  1 
_struct_ref.pdbx_seq_one_letter_code   
;MSVNSIYTDREEIDSEFEDEDFEKEGIATVERAMENNHDLDTALLELNTLRMSMNVTYHEVRIATITALLRRVYHFIATQ
TLGPKDAVVKVFNQWGLLFKRQAFDEEEYIDLMNIIMEKIVEQSFDKPDLILFSALVSLYDNDIIEEDVIYKWWDNVSTD
PRYDEVKKLTVKWVEWLQNADEESSSEEE
;
_struct_ref.pdbx_align_begin           524 
_struct_ref.pdbx_db_isoform            ? 
# 
_struct_ref_seq.align_id                      1 
_struct_ref_seq.ref_id                        1 
_struct_ref_seq.pdbx_PDB_id_code              1PAQ 
_struct_ref_seq.pdbx_strand_id                A 
_struct_ref_seq.seq_align_beg                 1 
_struct_ref_seq.pdbx_seq_align_beg_ins_code   ? 
_struct_ref_seq.seq_align_end                 189 
_struct_ref_seq.pdbx_seq_align_end_ins_code   ? 
_struct_ref_seq.pdbx_db_accession             P32501 
_struct_ref_seq.db_align_beg                  524 
_struct_ref_seq.pdbx_db_align_beg_ins_code    ? 
_struct_ref_seq.db_align_end                  712 
_struct_ref_seq.pdbx_db_align_end_ins_code    ? 
_struct_ref_seq.pdbx_auth_seq_align_beg       524 
_struct_ref_seq.pdbx_auth_seq_align_end       712 
# 
loop_
_struct_ref_seq_dif.align_id 
_struct_ref_seq_dif.pdbx_pdb_id_code 
_struct_ref_seq_dif.mon_id 
_struct_ref_seq_dif.pdbx_pdb_strand_id 
_struct_ref_seq_dif.seq_num 
_struct_ref_seq_dif.pdbx_pdb_ins_code 
_struct_ref_seq_dif.pdbx_seq_db_name 
_struct_ref_seq_dif.pdbx_seq_db_accession_code 
_struct_ref_seq_dif.db_mon_id 
_struct_ref_seq_dif.pdbx_seq_db_seq_num 
_struct_ref_seq_dif.details 
_struct_ref_seq_dif.pdbx_auth_seq_num 
_struct_ref_seq_dif.pdbx_ordinal 
1 1PAQ MSE A 34  ? UNP P32501 MET 557 'modified residue' 557 1 
1 1PAQ MSE A 52  ? UNP P32501 MET 575 'modified residue' 575 2 
1 1PAQ MSE A 54  ? UNP P32501 MET 577 'modified residue' 577 3 
1 1PAQ MSE A 113 ? UNP P32501 MET 636 'modified residue' 636 4 
1 1PAQ MSE A 117 ? UNP P32501 MET 640 'modified residue' 640 5 
# 
_pdbx_struct_assembly.id                   1 
_pdbx_struct_assembly.details              author_defined_assembly 
_pdbx_struct_assembly.method_details       ? 
_pdbx_struct_assembly.oligomeric_details   monomeric 
_pdbx_struct_assembly.oligomeric_count     1 
# 
_pdbx_struct_assembly_gen.assembly_id       1 
_pdbx_struct_assembly_gen.oper_expression   1 
_pdbx_struct_assembly_gen.asym_id_list      A,B 
# 
_pdbx_struct_oper_list.id                   1 
_pdbx_struct_oper_list.type                 'identity operation' 
_pdbx_struct_oper_list.name                 1_555 
_pdbx_struct_oper_list.symmetry_operation   x,y,z 
_pdbx_struct_oper_list.matrix[1][1]         1.0000000000 
_pdbx_struct_oper_list.matrix[1][2]         0.0000000000 
_pdbx_struct_oper_list.matrix[1][3]         0.0000000000 
_pdbx_struct_oper_list.vector[1]            0.0000000000 
_pdbx_struct_oper_list.matrix[2][1]         0.0000000000 
_pdbx_struct_oper_list.matrix[2][2]         1.0000000000 
_pdbx_struct_oper_list.matrix[2][3]         0.0000000000 
_pdbx_struct_oper_list.vector[2]            0.0000000000 
_pdbx_struct_oper_list.matrix[3][1]         0.0000000000 
_pdbx_struct_oper_list.matrix[3][2]         0.0000000000 
_pdbx_struct_oper_list.matrix[3][3]         1.0000000000 
_pdbx_struct_oper_list.vector[3]            0.0000000000 
# 
_struct_biol.id                    1 
_struct_biol.details               'the monomer is the biological unit' 
_struct_biol.pdbx_parent_biol_id   ? 
# 
loop_
_struct_conf.conf_type_id 
_struct_conf.id 
_struct_conf.pdbx_PDB_helix_id 
_struct_conf.beg_label_comp_id 
_struct_conf.beg_label_asym_id 
_struct_conf.beg_label_seq_id 
_struct_conf.pdbx_beg_PDB_ins_code 
_struct_conf.end_label_comp_id 
_struct_conf.end_label_asym_id 
_struct_conf.end_label_seq_id 
_struct_conf.pdbx_end_PDB_ins_code 
_struct_conf.beg_auth_comp_id 
_struct_conf.beg_auth_asym_id 
_struct_conf.beg_auth_seq_id 
_struct_conf.end_auth_comp_id 
_struct_conf.end_auth_asym_id 
_struct_conf.end_auth_seq_id 
_struct_conf.pdbx_PDB_helix_class 
_struct_conf.details 
_struct_conf.pdbx_PDB_helix_length 
HELX_P HELX_P1  1  ASP A 21  ? ASN A 36  ? ASP A 544 ASN A 559 1 ? 16 
HELX_P HELX_P2  2  ASP A 39  ? MSE A 54  ? ASP A 562 MSE A 577 1 ? 16 
HELX_P HELX_P3  3  THR A 57  ? THR A 79  ? THR A 580 THR A 602 1 ? 23 
HELX_P HELX_P4  4  GLY A 83  ? GLY A 96  ? GLY A 606 GLY A 619 1 ? 14 
HELX_P HELX_P5  5  LEU A 97  ? GLN A 102 ? LEU A 620 GLN A 625 5 ? 6  
HELX_P HELX_P6  6  ASP A 105 ? SER A 124 ? ASP A 628 SER A 647 1 ? 20 
HELX_P HELX_P7  7  LYS A 127 ? ASN A 142 ? LYS A 650 ASN A 665 1 ? 16 
HELX_P HELX_P8  8  GLU A 146 ? ASN A 156 ? GLU A 669 ASN A 679 1 ? 11 
HELX_P HELX_P9  9  ASP A 160 ? ARG A 162 ? ASP A 683 ARG A 685 5 ? 3  
HELX_P HELX_P10 10 TYR A 163 ? ALA A 180 ? TYR A 686 ALA A 703 1 ? 18 
# 
_struct_conf_type.id          HELX_P 
_struct_conf_type.criteria    ? 
_struct_conf_type.reference   ? 
# 
loop_
_struct_conn.id 
_struct_conn.conn_type_id 
_struct_conn.pdbx_leaving_atom_flag 
_struct_conn.pdbx_PDB_id 
_struct_conn.ptnr1_label_asym_id 
_struct_conn.ptnr1_label_comp_id 
_struct_conn.ptnr1_label_seq_id 
_struct_conn.ptnr1_label_atom_id 
_struct_conn.pdbx_ptnr1_label_alt_id 
_struct_conn.pdbx_ptnr1_PDB_ins_code 
_struct_conn.pdbx_ptnr1_standard_comp_id 
_struct_conn.ptnr1_symmetry 
_struct_conn.ptnr2_label_asym_id 
_struct_conn.ptnr2_label_comp_id 
_struct_conn.ptnr2_label_seq_id 
_struct_conn.ptnr2_label_atom_id 
_struct_conn.pdbx_ptnr2_label_alt_id 
_struct_conn.pdbx_ptnr2_PDB_ins_code 
_struct_conn.ptnr1_auth_asym_id 
_struct_conn.ptnr1_auth_comp_id 
_struct_conn.ptnr1_auth_seq_id 
_struct_conn.ptnr2_auth_asym_id 
_struct_conn.ptnr2_auth_comp_id 
_struct_conn.ptnr2_auth_seq_id 
_struct_conn.ptnr2_symmetry 
_struct_conn.pdbx_ptnr3_label_atom_id 
_struct_conn.pdbx_ptnr3_label_seq_id 
_struct_conn.pdbx_ptnr3_label_comp_id 
_struct_conn.pdbx_ptnr3_label_asym_id 
_struct_conn.pdbx_ptnr3_label_alt_id 
_struct_conn.pdbx_ptnr3_PDB_ins_code 
_struct_conn.details 
_struct_conn.pdbx_dist_value 
_struct_conn.pdbx_value_order 
_struct_conn.pdbx_role 
covale1  covale both ? A ALA 33  C ? ? ? 1_555 A MSE 34  N ? ? A ALA 556 A MSE 557 1_555 ? ? ? ? ? ? ? 1.335 ? ? 
covale2  covale both ? A MSE 34  C ? ? ? 1_555 A GLU 35  N ? ? A MSE 557 A GLU 558 1_555 ? ? ? ? ? ? ? 1.320 ? ? 
covale3  covale both ? A ARG 51  C ? ? ? 1_555 A MSE 52  N ? ? A ARG 574 A MSE 575 1_555 ? ? ? ? ? ? ? 1.326 ? ? 
covale4  covale both ? A MSE 52  C ? ? ? 1_555 A SER 53  N ? ? A MSE 575 A SER 576 1_555 ? ? ? ? ? ? ? 1.324 ? ? 
covale5  covale both ? A SER 53  C ? ? ? 1_555 A MSE 54  N ? ? A SER 576 A MSE 577 1_555 ? ? ? ? ? ? ? 1.328 ? ? 
covale6  covale both ? A MSE 54  C ? ? ? 1_555 A ASN 55  N ? ? A MSE 577 A ASN 578 1_555 ? ? ? ? ? ? ? 1.326 ? ? 
covale7  covale both ? A LEU 112 C ? ? ? 1_555 A MSE 113 N ? ? A LEU 635 A MSE 636 1_555 ? ? ? ? ? ? ? 1.330 ? ? 
covale8  covale both ? A MSE 113 C ? ? ? 1_555 A ASN 114 N ? ? A MSE 636 A ASN 637 1_555 ? ? ? ? ? ? ? 1.332 ? ? 
covale9  covale both ? A ILE 116 C ? ? ? 1_555 A MSE 117 N ? ? A ILE 639 A MSE 640 1_555 ? ? ? ? ? ? ? 1.327 ? ? 
covale10 covale both ? A MSE 117 C ? ? ? 1_555 A GLU 118 N ? ? A MSE 640 A GLU 641 1_555 ? ? ? ? ? ? ? 1.328 ? ? 
# 
_struct_conn_type.id          covale 
_struct_conn_type.criteria    ? 
_struct_conn_type.reference   ? 
# 
loop_
_pdbx_modification_feature.ordinal 
_pdbx_modification_feature.label_comp_id 
_pdbx_modification_feature.label_asym_id 
_pdbx_modification_feature.label_seq_id 
_pdbx_modification_feature.label_alt_id 
_pdbx_modification_feature.modified_residue_label_comp_id 
_pdbx_modification_feature.modified_residue_label_asym_id 
_pdbx_modification_feature.modified_residue_label_seq_id 
_pdbx_modification_feature.modified_residue_label_alt_id 
_pdbx_modification_feature.auth_comp_id 
_pdbx_modification_feature.auth_asym_id 
_pdbx_modification_feature.auth_seq_id 
_pdbx_modification_feature.PDB_ins_code 
_pdbx_modification_feature.symmetry 
_pdbx_modification_feature.modified_residue_auth_comp_id 
_pdbx_modification_feature.modified_residue_auth_asym_id 
_pdbx_modification_feature.modified_residue_auth_seq_id 
_pdbx_modification_feature.modified_residue_PDB_ins_code 
_pdbx_modification_feature.modified_residue_symmetry 
_pdbx_modification_feature.comp_id_linking_atom 
_pdbx_modification_feature.modified_residue_id_linking_atom 
_pdbx_modification_feature.modified_residue_id 
_pdbx_modification_feature.ref_pcm_id 
_pdbx_modification_feature.ref_comp_id 
_pdbx_modification_feature.type 
_pdbx_modification_feature.category 
1 MSE A 34  ? . . . . MSE A 557 ? 1_555 . . . . . . . MET 1 MSE Selenomethionine 'Named protein modification' 
2 MSE A 52  ? . . . . MSE A 575 ? 1_555 . . . . . . . MET 1 MSE Selenomethionine 'Named protein modification' 
3 MSE A 54  ? . . . . MSE A 577 ? 1_555 . . . . . . . MET 1 MSE Selenomethionine 'Named protein modification' 
4 MSE A 113 ? . . . . MSE A 636 ? 1_555 . . . . . . . MET 1 MSE Selenomethionine 'Named protein modification' 
5 MSE A 117 ? . . . . MSE A 640 ? 1_555 . . . . . . . MET 1 MSE Selenomethionine 'Named protein modification' 
# 
_pdbx_entry_details.entry_id                   1PAQ 
_pdbx_entry_details.compound_details           ? 
_pdbx_entry_details.source_details             ? 
_pdbx_entry_details.nonpolymer_details         ? 
_pdbx_entry_details.sequence_details           ? 
_pdbx_entry_details.has_ligand_of_interest     ? 
_pdbx_entry_details.has_protein_modification   Y 
# 
_pdbx_validate_rmsd_angle.id                         1 
_pdbx_validate_rmsd_angle.PDB_model_num              1 
_pdbx_validate_rmsd_angle.auth_atom_id_1             N 
_pdbx_validate_rmsd_angle.auth_asym_id_1             A 
_pdbx_validate_rmsd_angle.auth_comp_id_1             ASP 
_pdbx_validate_rmsd_angle.auth_seq_id_1              562 
_pdbx_validate_rmsd_angle.PDB_ins_code_1             ? 
_pdbx_validate_rmsd_angle.label_alt_id_1             ? 
_pdbx_validate_rmsd_angle.auth_atom_id_2             CA 
_pdbx_validate_rmsd_angle.auth_asym_id_2             A 
_pdbx_validate_rmsd_angle.auth_comp_id_2             ASP 
_pdbx_validate_rmsd_angle.auth_seq_id_2              562 
_pdbx_validate_rmsd_angle.PDB_ins_code_2             ? 
_pdbx_validate_rmsd_angle.label_alt_id_2             ? 
_pdbx_validate_rmsd_angle.auth_atom_id_3             C 
_pdbx_validate_rmsd_angle.auth_asym_id_3             A 
_pdbx_validate_rmsd_angle.auth_comp_id_3             ASP 
_pdbx_validate_rmsd_angle.auth_seq_id_3              562 
_pdbx_validate_rmsd_angle.PDB_ins_code_3             ? 
_pdbx_validate_rmsd_angle.label_alt_id_3             ? 
_pdbx_validate_rmsd_angle.angle_value                93.35 
_pdbx_validate_rmsd_angle.angle_target_value         111.00 
_pdbx_validate_rmsd_angle.angle_deviation            -17.65 
_pdbx_validate_rmsd_angle.angle_standard_deviation   2.70 
_pdbx_validate_rmsd_angle.linker_flag                N 
# 
loop_
_pdbx_validate_torsion.id 
_pdbx_validate_torsion.PDB_model_num 
_pdbx_validate_torsion.auth_comp_id 
_pdbx_validate_torsion.auth_asym_id 
_pdbx_validate_torsion.auth_seq_id 
_pdbx_validate_torsion.PDB_ins_code 
_pdbx_validate_torsion.label_alt_id 
_pdbx_validate_torsion.phi 
_pdbx_validate_torsion.psi 
1 1 GLU A 546 ? ? -52.69 -78.13 
2 1 ASN A 559 ? ? -89.79 43.22  
3 1 ASN A 560 ? ? 17.38  71.50  
4 1 PRO A 607 ? ? -47.00 -70.80 
# 
loop_
_pdbx_struct_mod_residue.id 
_pdbx_struct_mod_residue.label_asym_id 
_pdbx_struct_mod_residue.label_comp_id 
_pdbx_struct_mod_residue.label_seq_id 
_pdbx_struct_mod_residue.auth_asym_id 
_pdbx_struct_mod_residue.auth_comp_id 
_pdbx_struct_mod_residue.auth_seq_id 
_pdbx_struct_mod_residue.PDB_ins_code 
_pdbx_struct_mod_residue.parent_comp_id 
_pdbx_struct_mod_residue.details 
1 A MSE 34  A MSE 557 ? MET SELENOMETHIONINE 
2 A MSE 52  A MSE 575 ? MET SELENOMETHIONINE 
3 A MSE 54  A MSE 577 ? MET SELENOMETHIONINE 
4 A MSE 113 A MSE 636 ? MET SELENOMETHIONINE 
5 A MSE 117 A MSE 640 ? MET SELENOMETHIONINE 
# 
loop_
_pdbx_unobs_or_zero_occ_residues.id 
_pdbx_unobs_or_zero_occ_residues.PDB_model_num 
_pdbx_unobs_or_zero_occ_residues.polymer_flag 
_pdbx_unobs_or_zero_occ_residues.occupancy_flag 
_pdbx_unobs_or_zero_occ_residues.auth_asym_id 
_pdbx_unobs_or_zero_occ_residues.auth_comp_id 
_pdbx_unobs_or_zero_occ_residues.auth_seq_id 
_pdbx_unobs_or_zero_occ_residues.PDB_ins_code 
_pdbx_unobs_or_zero_occ_residues.label_asym_id 
_pdbx_unobs_or_zero_occ_residues.label_comp_id 
_pdbx_unobs_or_zero_occ_residues.label_seq_id 
1  1 Y 1 A MET 524 ? A MET 1   
2  1 Y 1 A SER 525 ? A SER 2   
3  1 Y 1 A VAL 526 ? A VAL 3   
4  1 Y 1 A ASN 527 ? A ASN 4   
5  1 Y 1 A SER 528 ? A SER 5   
6  1 Y 1 A ILE 529 ? A ILE 6   
7  1 Y 1 A TYR 530 ? A TYR 7   
8  1 Y 1 A THR 531 ? A THR 8   
9  1 Y 1 A ASP 532 ? A ASP 9   
10 1 Y 1 A ARG 533 ? A ARG 10  
11 1 Y 1 A GLU 534 ? A GLU 11  
12 1 Y 1 A GLU 535 ? A GLU 12  
13 1 Y 1 A ILE 536 ? A ILE 13  
14 1 Y 1 A ASP 537 ? A ASP 14  
15 1 Y 1 A SER 538 ? A SER 15  
16 1 Y 1 A GLU 539 ? A GLU 16  
17 1 Y 1 A PHE 540 ? A PHE 17  
18 1 Y 1 A GLU 541 ? A GLU 18  
19 1 Y 1 A ASP 542 ? A ASP 19  
20 1 Y 1 A GLU 543 ? A GLU 20  
21 1 Y 1 A GLU 705 ? A GLU 182 
22 1 Y 1 A GLU 706 ? A GLU 183 
23 1 Y 1 A SER 707 ? A SER 184 
24 1 Y 1 A SER 708 ? A SER 185 
25 1 Y 1 A SER 709 ? A SER 186 
26 1 Y 1 A GLU 710 ? A GLU 187 
27 1 Y 1 A GLU 711 ? A GLU 188 
28 1 Y 1 A GLU 712 ? A GLU 189 
# 
loop_
_chem_comp_atom.comp_id 
_chem_comp_atom.atom_id 
_chem_comp_atom.type_symbol 
_chem_comp_atom.pdbx_aromatic_flag 
_chem_comp_atom.pdbx_stereo_config 
_chem_comp_atom.pdbx_ordinal 
ALA N    N  N N 1   
ALA CA   C  N S 2   
ALA C    C  N N 3   
ALA O    O  N N 4   
ALA CB   C  N N 5   
ALA OXT  O  N N 6   
ALA H    H  N N 7   
ALA H2   H  N N 8   
ALA HA   H  N N 9   
ALA HB1  H  N N 10  
ALA HB2  H  N N 11  
ALA HB3  H  N N 12  
ALA HXT  H  N N 13  
ARG N    N  N N 14  
ARG CA   C  N S 15  
ARG C    C  N N 16  
ARG O    O  N N 17  
ARG CB   C  N N 18  
ARG CG   C  N N 19  
ARG CD   C  N N 20  
ARG NE   N  N N 21  
ARG CZ   C  N N 22  
ARG NH1  N  N N 23  
ARG NH2  N  N N 24  
ARG OXT  O  N N 25  
ARG H    H  N N 26  
ARG H2   H  N N 27  
ARG HA   H  N N 28  
ARG HB2  H  N N 29  
ARG HB3  H  N N 30  
ARG HG2  H  N N 31  
ARG HG3  H  N N 32  
ARG HD2  H  N N 33  
ARG HD3  H  N N 34  
ARG HE   H  N N 35  
ARG HH11 H  N N 36  
ARG HH12 H  N N 37  
ARG HH21 H  N N 38  
ARG HH22 H  N N 39  
ARG HXT  H  N N 40  
ASN N    N  N N 41  
ASN CA   C  N S 42  
ASN C    C  N N 43  
ASN O    O  N N 44  
ASN CB   C  N N 45  
ASN CG   C  N N 46  
ASN OD1  O  N N 47  
ASN ND2  N  N N 48  
ASN OXT  O  N N 49  
ASN H    H  N N 50  
ASN H2   H  N N 51  
ASN HA   H  N N 52  
ASN HB2  H  N N 53  
ASN HB3  H  N N 54  
ASN HD21 H  N N 55  
ASN HD22 H  N N 56  
ASN HXT  H  N N 57  
ASP N    N  N N 58  
ASP CA   C  N S 59  
ASP C    C  N N 60  
ASP O    O  N N 61  
ASP CB   C  N N 62  
ASP CG   C  N N 63  
ASP OD1  O  N N 64  
ASP OD2  O  N N 65  
ASP OXT  O  N N 66  
ASP H    H  N N 67  
ASP H2   H  N N 68  
ASP HA   H  N N 69  
ASP HB2  H  N N 70  
ASP HB3  H  N N 71  
ASP HD2  H  N N 72  
ASP HXT  H  N N 73  
GLN N    N  N N 74  
GLN CA   C  N S 75  
GLN C    C  N N 76  
GLN O    O  N N 77  
GLN CB   C  N N 78  
GLN CG   C  N N 79  
GLN CD   C  N N 80  
GLN OE1  O  N N 81  
GLN NE2  N  N N 82  
GLN OXT  O  N N 83  
GLN H    H  N N 84  
GLN H2   H  N N 85  
GLN HA   H  N N 86  
GLN HB2  H  N N 87  
GLN HB3  H  N N 88  
GLN HG2  H  N N 89  
GLN HG3  H  N N 90  
GLN HE21 H  N N 91  
GLN HE22 H  N N 92  
GLN HXT  H  N N 93  
GLU N    N  N N 94  
GLU CA   C  N S 95  
GLU C    C  N N 96  
GLU O    O  N N 97  
GLU CB   C  N N 98  
GLU CG   C  N N 99  
GLU CD   C  N N 100 
GLU OE1  O  N N 101 
GLU OE2  O  N N 102 
GLU OXT  O  N N 103 
GLU H    H  N N 104 
GLU H2   H  N N 105 
GLU HA   H  N N 106 
GLU HB2  H  N N 107 
GLU HB3  H  N N 108 
GLU HG2  H  N N 109 
GLU HG3  H  N N 110 
GLU HE2  H  N N 111 
GLU HXT  H  N N 112 
GLY N    N  N N 113 
GLY CA   C  N N 114 
GLY C    C  N N 115 
GLY O    O  N N 116 
GLY OXT  O  N N 117 
GLY H    H  N N 118 
GLY H2   H  N N 119 
GLY HA2  H  N N 120 
GLY HA3  H  N N 121 
GLY HXT  H  N N 122 
HIS N    N  N N 123 
HIS CA   C  N S 124 
HIS C    C  N N 125 
HIS O    O  N N 126 
HIS CB   C  N N 127 
HIS CG   C  Y N 128 
HIS ND1  N  Y N 129 
HIS CD2  C  Y N 130 
HIS CE1  C  Y N 131 
HIS NE2  N  Y N 132 
HIS OXT  O  N N 133 
HIS H    H  N N 134 
HIS H2   H  N N 135 
HIS HA   H  N N 136 
HIS HB2  H  N N 137 
HIS HB3  H  N N 138 
HIS HD1  H  N N 139 
HIS HD2  H  N N 140 
HIS HE1  H  N N 141 
HIS HE2  H  N N 142 
HIS HXT  H  N N 143 
HOH O    O  N N 144 
HOH H1   H  N N 145 
HOH H2   H  N N 146 
ILE N    N  N N 147 
ILE CA   C  N S 148 
ILE C    C  N N 149 
ILE O    O  N N 150 
ILE CB   C  N S 151 
ILE CG1  C  N N 152 
ILE CG2  C  N N 153 
ILE CD1  C  N N 154 
ILE OXT  O  N N 155 
ILE H    H  N N 156 
ILE H2   H  N N 157 
ILE HA   H  N N 158 
ILE HB   H  N N 159 
ILE HG12 H  N N 160 
ILE HG13 H  N N 161 
ILE HG21 H  N N 162 
ILE HG22 H  N N 163 
ILE HG23 H  N N 164 
ILE HD11 H  N N 165 
ILE HD12 H  N N 166 
ILE HD13 H  N N 167 
ILE HXT  H  N N 168 
LEU N    N  N N 169 
LEU CA   C  N S 170 
LEU C    C  N N 171 
LEU O    O  N N 172 
LEU CB   C  N N 173 
LEU CG   C  N N 174 
LEU CD1  C  N N 175 
LEU CD2  C  N N 176 
LEU OXT  O  N N 177 
LEU H    H  N N 178 
LEU H2   H  N N 179 
LEU HA   H  N N 180 
LEU HB2  H  N N 181 
LEU HB3  H  N N 182 
LEU HG   H  N N 183 
LEU HD11 H  N N 184 
LEU HD12 H  N N 185 
LEU HD13 H  N N 186 
LEU HD21 H  N N 187 
LEU HD22 H  N N 188 
LEU HD23 H  N N 189 
LEU HXT  H  N N 190 
LYS N    N  N N 191 
LYS CA   C  N S 192 
LYS C    C  N N 193 
LYS O    O  N N 194 
LYS CB   C  N N 195 
LYS CG   C  N N 196 
LYS CD   C  N N 197 
LYS CE   C  N N 198 
LYS NZ   N  N N 199 
LYS OXT  O  N N 200 
LYS H    H  N N 201 
LYS H2   H  N N 202 
LYS HA   H  N N 203 
LYS HB2  H  N N 204 
LYS HB3  H  N N 205 
LYS HG2  H  N N 206 
LYS HG3  H  N N 207 
LYS HD2  H  N N 208 
LYS HD3  H  N N 209 
LYS HE2  H  N N 210 
LYS HE3  H  N N 211 
LYS HZ1  H  N N 212 
LYS HZ2  H  N N 213 
LYS HZ3  H  N N 214 
LYS HXT  H  N N 215 
MET N    N  N N 216 
MET CA   C  N S 217 
MET C    C  N N 218 
MET O    O  N N 219 
MET CB   C  N N 220 
MET CG   C  N N 221 
MET SD   S  N N 222 
MET CE   C  N N 223 
MET OXT  O  N N 224 
MET H    H  N N 225 
MET H2   H  N N 226 
MET HA   H  N N 227 
MET HB2  H  N N 228 
MET HB3  H  N N 229 
MET HG2  H  N N 230 
MET HG3  H  N N 231 
MET HE1  H  N N 232 
MET HE2  H  N N 233 
MET HE3  H  N N 234 
MET HXT  H  N N 235 
MSE N    N  N N 236 
MSE CA   C  N S 237 
MSE C    C  N N 238 
MSE O    O  N N 239 
MSE OXT  O  N N 240 
MSE CB   C  N N 241 
MSE CG   C  N N 242 
MSE SE   SE N N 243 
MSE CE   C  N N 244 
MSE H    H  N N 245 
MSE H2   H  N N 246 
MSE HA   H  N N 247 
MSE HXT  H  N N 248 
MSE HB2  H  N N 249 
MSE HB3  H  N N 250 
MSE HG2  H  N N 251 
MSE HG3  H  N N 252 
MSE HE1  H  N N 253 
MSE HE2  H  N N 254 
MSE HE3  H  N N 255 
PHE N    N  N N 256 
PHE CA   C  N S 257 
PHE C    C  N N 258 
PHE O    O  N N 259 
PHE CB   C  N N 260 
PHE CG   C  Y N 261 
PHE CD1  C  Y N 262 
PHE CD2  C  Y N 263 
PHE CE1  C  Y N 264 
PHE CE2  C  Y N 265 
PHE CZ   C  Y N 266 
PHE OXT  O  N N 267 
PHE H    H  N N 268 
PHE H2   H  N N 269 
PHE HA   H  N N 270 
PHE HB2  H  N N 271 
PHE HB3  H  N N 272 
PHE HD1  H  N N 273 
PHE HD2  H  N N 274 
PHE HE1  H  N N 275 
PHE HE2  H  N N 276 
PHE HZ   H  N N 277 
PHE HXT  H  N N 278 
PRO N    N  N N 279 
PRO CA   C  N S 280 
PRO C    C  N N 281 
PRO O    O  N N 282 
PRO CB   C  N N 283 
PRO CG   C  N N 284 
PRO CD   C  N N 285 
PRO OXT  O  N N 286 
PRO H    H  N N 287 
PRO HA   H  N N 288 
PRO HB2  H  N N 289 
PRO HB3  H  N N 290 
PRO HG2  H  N N 291 
PRO HG3  H  N N 292 
PRO HD2  H  N N 293 
PRO HD3  H  N N 294 
PRO HXT  H  N N 295 
SER N    N  N N 296 
SER CA   C  N S 297 
SER C    C  N N 298 
SER O    O  N N 299 
SER CB   C  N N 300 
SER OG   O  N N 301 
SER OXT  O  N N 302 
SER H    H  N N 303 
SER H2   H  N N 304 
SER HA   H  N N 305 
SER HB2  H  N N 306 
SER HB3  H  N N 307 
SER HG   H  N N 308 
SER HXT  H  N N 309 
THR N    N  N N 310 
THR CA   C  N S 311 
THR C    C  N N 312 
THR O    O  N N 313 
THR CB   C  N R 314 
THR OG1  O  N N 315 
THR CG2  C  N N 316 
THR OXT  O  N N 317 
THR H    H  N N 318 
THR H2   H  N N 319 
THR HA   H  N N 320 
THR HB   H  N N 321 
THR HG1  H  N N 322 
THR HG21 H  N N 323 
THR HG22 H  N N 324 
THR HG23 H  N N 325 
THR HXT  H  N N 326 
TRP N    N  N N 327 
TRP CA   C  N S 328 
TRP C    C  N N 329 
TRP O    O  N N 330 
TRP CB   C  N N 331 
TRP CG   C  Y N 332 
TRP CD1  C  Y N 333 
TRP CD2  C  Y N 334 
TRP NE1  N  Y N 335 
TRP CE2  C  Y N 336 
TRP CE3  C  Y N 337 
TRP CZ2  C  Y N 338 
TRP CZ3  C  Y N 339 
TRP CH2  C  Y N 340 
TRP OXT  O  N N 341 
TRP H    H  N N 342 
TRP H2   H  N N 343 
TRP HA   H  N N 344 
TRP HB2  H  N N 345 
TRP HB3  H  N N 346 
TRP HD1  H  N N 347 
TRP HE1  H  N N 348 
TRP HE3  H  N N 349 
TRP HZ2  H  N N 350 
TRP HZ3  H  N N 351 
TRP HH2  H  N N 352 
TRP HXT  H  N N 353 
TYR N    N  N N 354 
TYR CA   C  N S 355 
TYR C    C  N N 356 
TYR O    O  N N 357 
TYR CB   C  N N 358 
TYR CG   C  Y N 359 
TYR CD1  C  Y N 360 
TYR CD2  C  Y N 361 
TYR CE1  C  Y N 362 
TYR CE2  C  Y N 363 
TYR CZ   C  Y N 364 
TYR OH   O  N N 365 
TYR OXT  O  N N 366 
TYR H    H  N N 367 
TYR H2   H  N N 368 
TYR HA   H  N N 369 
TYR HB2  H  N N 370 
TYR HB3  H  N N 371 
TYR HD1  H  N N 372 
TYR HD2  H  N N 373 
TYR HE1  H  N N 374 
TYR HE2  H  N N 375 
TYR HH   H  N N 376 
TYR HXT  H  N N 377 
VAL N    N  N N 378 
VAL CA   C  N S 379 
VAL C    C  N N 380 
VAL O    O  N N 381 
VAL CB   C  N N 382 
VAL CG1  C  N N 383 
VAL CG2  C  N N 384 
VAL OXT  O  N N 385 
VAL H    H  N N 386 
VAL H2   H  N N 387 
VAL HA   H  N N 388 
VAL HB   H  N N 389 
VAL HG11 H  N N 390 
VAL HG12 H  N N 391 
VAL HG13 H  N N 392 
VAL HG21 H  N N 393 
VAL HG22 H  N N 394 
VAL HG23 H  N N 395 
VAL HXT  H  N N 396 
# 
loop_
_chem_comp_bond.comp_id 
_chem_comp_bond.atom_id_1 
_chem_comp_bond.atom_id_2 
_chem_comp_bond.value_order 
_chem_comp_bond.pdbx_aromatic_flag 
_chem_comp_bond.pdbx_stereo_config 
_chem_comp_bond.pdbx_ordinal 
ALA N   CA   sing N N 1   
ALA N   H    sing N N 2   
ALA N   H2   sing N N 3   
ALA CA  C    sing N N 4   
ALA CA  CB   sing N N 5   
ALA CA  HA   sing N N 6   
ALA C   O    doub N N 7   
ALA C   OXT  sing N N 8   
ALA CB  HB1  sing N N 9   
ALA CB  HB2  sing N N 10  
ALA CB  HB3  sing N N 11  
ALA OXT HXT  sing N N 12  
ARG N   CA   sing N N 13  
ARG N   H    sing N N 14  
ARG N   H2   sing N N 15  
ARG CA  C    sing N N 16  
ARG CA  CB   sing N N 17  
ARG CA  HA   sing N N 18  
ARG C   O    doub N N 19  
ARG C   OXT  sing N N 20  
ARG CB  CG   sing N N 21  
ARG CB  HB2  sing N N 22  
ARG CB  HB3  sing N N 23  
ARG CG  CD   sing N N 24  
ARG CG  HG2  sing N N 25  
ARG CG  HG3  sing N N 26  
ARG CD  NE   sing N N 27  
ARG CD  HD2  sing N N 28  
ARG CD  HD3  sing N N 29  
ARG NE  CZ   sing N N 30  
ARG NE  HE   sing N N 31  
ARG CZ  NH1  sing N N 32  
ARG CZ  NH2  doub N N 33  
ARG NH1 HH11 sing N N 34  
ARG NH1 HH12 sing N N 35  
ARG NH2 HH21 sing N N 36  
ARG NH2 HH22 sing N N 37  
ARG OXT HXT  sing N N 38  
ASN N   CA   sing N N 39  
ASN N   H    sing N N 40  
ASN N   H2   sing N N 41  
ASN CA  C    sing N N 42  
ASN CA  CB   sing N N 43  
ASN CA  HA   sing N N 44  
ASN C   O    doub N N 45  
ASN C   OXT  sing N N 46  
ASN CB  CG   sing N N 47  
ASN CB  HB2  sing N N 48  
ASN CB  HB3  sing N N 49  
ASN CG  OD1  doub N N 50  
ASN CG  ND2  sing N N 51  
ASN ND2 HD21 sing N N 52  
ASN ND2 HD22 sing N N 53  
ASN OXT HXT  sing N N 54  
ASP N   CA   sing N N 55  
ASP N   H    sing N N 56  
ASP N   H2   sing N N 57  
ASP CA  C    sing N N 58  
ASP CA  CB   sing N N 59  
ASP CA  HA   sing N N 60  
ASP C   O    doub N N 61  
ASP C   OXT  sing N N 62  
ASP CB  CG   sing N N 63  
ASP CB  HB2  sing N N 64  
ASP CB  HB3  sing N N 65  
ASP CG  OD1  doub N N 66  
ASP CG  OD2  sing N N 67  
ASP OD2 HD2  sing N N 68  
ASP OXT HXT  sing N N 69  
GLN N   CA   sing N N 70  
GLN N   H    sing N N 71  
GLN N   H2   sing N N 72  
GLN CA  C    sing N N 73  
GLN CA  CB   sing N N 74  
GLN CA  HA   sing N N 75  
GLN C   O    doub N N 76  
GLN C   OXT  sing N N 77  
GLN CB  CG   sing N N 78  
GLN CB  HB2  sing N N 79  
GLN CB  HB3  sing N N 80  
GLN CG  CD   sing N N 81  
GLN CG  HG2  sing N N 82  
GLN CG  HG3  sing N N 83  
GLN CD  OE1  doub N N 84  
GLN CD  NE2  sing N N 85  
GLN NE2 HE21 sing N N 86  
GLN NE2 HE22 sing N N 87  
GLN OXT HXT  sing N N 88  
GLU N   CA   sing N N 89  
GLU N   H    sing N N 90  
GLU N   H2   sing N N 91  
GLU CA  C    sing N N 92  
GLU CA  CB   sing N N 93  
GLU CA  HA   sing N N 94  
GLU C   O    doub N N 95  
GLU C   OXT  sing N N 96  
GLU CB  CG   sing N N 97  
GLU CB  HB2  sing N N 98  
GLU CB  HB3  sing N N 99  
GLU CG  CD   sing N N 100 
GLU CG  HG2  sing N N 101 
GLU CG  HG3  sing N N 102 
GLU CD  OE1  doub N N 103 
GLU CD  OE2  sing N N 104 
GLU OE2 HE2  sing N N 105 
GLU OXT HXT  sing N N 106 
GLY N   CA   sing N N 107 
GLY N   H    sing N N 108 
GLY N   H2   sing N N 109 
GLY CA  C    sing N N 110 
GLY CA  HA2  sing N N 111 
GLY CA  HA3  sing N N 112 
GLY C   O    doub N N 113 
GLY C   OXT  sing N N 114 
GLY OXT HXT  sing N N 115 
HIS N   CA   sing N N 116 
HIS N   H    sing N N 117 
HIS N   H2   sing N N 118 
HIS CA  C    sing N N 119 
HIS CA  CB   sing N N 120 
HIS CA  HA   sing N N 121 
HIS C   O    doub N N 122 
HIS C   OXT  sing N N 123 
HIS CB  CG   sing N N 124 
HIS CB  HB2  sing N N 125 
HIS CB  HB3  sing N N 126 
HIS CG  ND1  sing Y N 127 
HIS CG  CD2  doub Y N 128 
HIS ND1 CE1  doub Y N 129 
HIS ND1 HD1  sing N N 130 
HIS CD2 NE2  sing Y N 131 
HIS CD2 HD2  sing N N 132 
HIS CE1 NE2  sing Y N 133 
HIS CE1 HE1  sing N N 134 
HIS NE2 HE2  sing N N 135 
HIS OXT HXT  sing N N 136 
HOH O   H1   sing N N 137 
HOH O   H2   sing N N 138 
ILE N   CA   sing N N 139 
ILE N   H    sing N N 140 
ILE N   H2   sing N N 141 
ILE CA  C    sing N N 142 
ILE CA  CB   sing N N 143 
ILE CA  HA   sing N N 144 
ILE C   O    doub N N 145 
ILE C   OXT  sing N N 146 
ILE CB  CG1  sing N N 147 
ILE CB  CG2  sing N N 148 
ILE CB  HB   sing N N 149 
ILE CG1 CD1  sing N N 150 
ILE CG1 HG12 sing N N 151 
ILE CG1 HG13 sing N N 152 
ILE CG2 HG21 sing N N 153 
ILE CG2 HG22 sing N N 154 
ILE CG2 HG23 sing N N 155 
ILE CD1 HD11 sing N N 156 
ILE CD1 HD12 sing N N 157 
ILE CD1 HD13 sing N N 158 
ILE OXT HXT  sing N N 159 
LEU N   CA   sing N N 160 
LEU N   H    sing N N 161 
LEU N   H2   sing N N 162 
LEU CA  C    sing N N 163 
LEU CA  CB   sing N N 164 
LEU CA  HA   sing N N 165 
LEU C   O    doub N N 166 
LEU C   OXT  sing N N 167 
LEU CB  CG   sing N N 168 
LEU CB  HB2  sing N N 169 
LEU CB  HB3  sing N N 170 
LEU CG  CD1  sing N N 171 
LEU CG  CD2  sing N N 172 
LEU CG  HG   sing N N 173 
LEU CD1 HD11 sing N N 174 
LEU CD1 HD12 sing N N 175 
LEU CD1 HD13 sing N N 176 
LEU CD2 HD21 sing N N 177 
LEU CD2 HD22 sing N N 178 
LEU CD2 HD23 sing N N 179 
LEU OXT HXT  sing N N 180 
LYS N   CA   sing N N 181 
LYS N   H    sing N N 182 
LYS N   H2   sing N N 183 
LYS CA  C    sing N N 184 
LYS CA  CB   sing N N 185 
LYS CA  HA   sing N N 186 
LYS C   O    doub N N 187 
LYS C   OXT  sing N N 188 
LYS CB  CG   sing N N 189 
LYS CB  HB2  sing N N 190 
LYS CB  HB3  sing N N 191 
LYS CG  CD   sing N N 192 
LYS CG  HG2  sing N N 193 
LYS CG  HG3  sing N N 194 
LYS CD  CE   sing N N 195 
LYS CD  HD2  sing N N 196 
LYS CD  HD3  sing N N 197 
LYS CE  NZ   sing N N 198 
LYS CE  HE2  sing N N 199 
LYS CE  HE3  sing N N 200 
LYS NZ  HZ1  sing N N 201 
LYS NZ  HZ2  sing N N 202 
LYS NZ  HZ3  sing N N 203 
LYS OXT HXT  sing N N 204 
MET N   CA   sing N N 205 
MET N   H    sing N N 206 
MET N   H2   sing N N 207 
MET CA  C    sing N N 208 
MET CA  CB   sing N N 209 
MET CA  HA   sing N N 210 
MET C   O    doub N N 211 
MET C   OXT  sing N N 212 
MET CB  CG   sing N N 213 
MET CB  HB2  sing N N 214 
MET CB  HB3  sing N N 215 
MET CG  SD   sing N N 216 
MET CG  HG2  sing N N 217 
MET CG  HG3  sing N N 218 
MET SD  CE   sing N N 219 
MET CE  HE1  sing N N 220 
MET CE  HE2  sing N N 221 
MET CE  HE3  sing N N 222 
MET OXT HXT  sing N N 223 
MSE N   CA   sing N N 224 
MSE N   H    sing N N 225 
MSE N   H2   sing N N 226 
MSE CA  C    sing N N 227 
MSE CA  CB   sing N N 228 
MSE CA  HA   sing N N 229 
MSE C   O    doub N N 230 
MSE C   OXT  sing N N 231 
MSE OXT HXT  sing N N 232 
MSE CB  CG   sing N N 233 
MSE CB  HB2  sing N N 234 
MSE CB  HB3  sing N N 235 
MSE CG  SE   sing N N 236 
MSE CG  HG2  sing N N 237 
MSE CG  HG3  sing N N 238 
MSE SE  CE   sing N N 239 
MSE CE  HE1  sing N N 240 
MSE CE  HE2  sing N N 241 
MSE CE  HE3  sing N N 242 
PHE N   CA   sing N N 243 
PHE N   H    sing N N 244 
PHE N   H2   sing N N 245 
PHE CA  C    sing N N 246 
PHE CA  CB   sing N N 247 
PHE CA  HA   sing N N 248 
PHE C   O    doub N N 249 
PHE C   OXT  sing N N 250 
PHE CB  CG   sing N N 251 
PHE CB  HB2  sing N N 252 
PHE CB  HB3  sing N N 253 
PHE CG  CD1  doub Y N 254 
PHE CG  CD2  sing Y N 255 
PHE CD1 CE1  sing Y N 256 
PHE CD1 HD1  sing N N 257 
PHE CD2 CE2  doub Y N 258 
PHE CD2 HD2  sing N N 259 
PHE CE1 CZ   doub Y N 260 
PHE CE1 HE1  sing N N 261 
PHE CE2 CZ   sing Y N 262 
PHE CE2 HE2  sing N N 263 
PHE CZ  HZ   sing N N 264 
PHE OXT HXT  sing N N 265 
PRO N   CA   sing N N 266 
PRO N   CD   sing N N 267 
PRO N   H    sing N N 268 
PRO CA  C    sing N N 269 
PRO CA  CB   sing N N 270 
PRO CA  HA   sing N N 271 
PRO C   O    doub N N 272 
PRO C   OXT  sing N N 273 
PRO CB  CG   sing N N 274 
PRO CB  HB2  sing N N 275 
PRO CB  HB3  sing N N 276 
PRO CG  CD   sing N N 277 
PRO CG  HG2  sing N N 278 
PRO CG  HG3  sing N N 279 
PRO CD  HD2  sing N N 280 
PRO CD  HD3  sing N N 281 
PRO OXT HXT  sing N N 282 
SER N   CA   sing N N 283 
SER N   H    sing N N 284 
SER N   H2   sing N N 285 
SER CA  C    sing N N 286 
SER CA  CB   sing N N 287 
SER CA  HA   sing N N 288 
SER C   O    doub N N 289 
SER C   OXT  sing N N 290 
SER CB  OG   sing N N 291 
SER CB  HB2  sing N N 292 
SER CB  HB3  sing N N 293 
SER OG  HG   sing N N 294 
SER OXT HXT  sing N N 295 
THR N   CA   sing N N 296 
THR N   H    sing N N 297 
THR N   H2   sing N N 298 
THR CA  C    sing N N 299 
THR CA  CB   sing N N 300 
THR CA  HA   sing N N 301 
THR C   O    doub N N 302 
THR C   OXT  sing N N 303 
THR CB  OG1  sing N N 304 
THR CB  CG2  sing N N 305 
THR CB  HB   sing N N 306 
THR OG1 HG1  sing N N 307 
THR CG2 HG21 sing N N 308 
THR CG2 HG22 sing N N 309 
THR CG2 HG23 sing N N 310 
THR OXT HXT  sing N N 311 
TRP N   CA   sing N N 312 
TRP N   H    sing N N 313 
TRP N   H2   sing N N 314 
TRP CA  C    sing N N 315 
TRP CA  CB   sing N N 316 
TRP CA  HA   sing N N 317 
TRP C   O    doub N N 318 
TRP C   OXT  sing N N 319 
TRP CB  CG   sing N N 320 
TRP CB  HB2  sing N N 321 
TRP CB  HB3  sing N N 322 
TRP CG  CD1  doub Y N 323 
TRP CG  CD2  sing Y N 324 
TRP CD1 NE1  sing Y N 325 
TRP CD1 HD1  sing N N 326 
TRP CD2 CE2  doub Y N 327 
TRP CD2 CE3  sing Y N 328 
TRP NE1 CE2  sing Y N 329 
TRP NE1 HE1  sing N N 330 
TRP CE2 CZ2  sing Y N 331 
TRP CE3 CZ3  doub Y N 332 
TRP CE3 HE3  sing N N 333 
TRP CZ2 CH2  doub Y N 334 
TRP CZ2 HZ2  sing N N 335 
TRP CZ3 CH2  sing Y N 336 
TRP CZ3 HZ3  sing N N 337 
TRP CH2 HH2  sing N N 338 
TRP OXT HXT  sing N N 339 
TYR N   CA   sing N N 340 
TYR N   H    sing N N 341 
TYR N   H2   sing N N 342 
TYR CA  C    sing N N 343 
TYR CA  CB   sing N N 344 
TYR CA  HA   sing N N 345 
TYR C   O    doub N N 346 
TYR C   OXT  sing N N 347 
TYR CB  CG   sing N N 348 
TYR CB  HB2  sing N N 349 
TYR CB  HB3  sing N N 350 
TYR CG  CD1  doub Y N 351 
TYR CG  CD2  sing Y N 352 
TYR CD1 CE1  sing Y N 353 
TYR CD1 HD1  sing N N 354 
TYR CD2 CE2  doub Y N 355 
TYR CD2 HD2  sing N N 356 
TYR CE1 CZ   doub Y N 357 
TYR CE1 HE1  sing N N 358 
TYR CE2 CZ   sing Y N 359 
TYR CE2 HE2  sing N N 360 
TYR CZ  OH   sing N N 361 
TYR OH  HH   sing N N 362 
TYR OXT HXT  sing N N 363 
VAL N   CA   sing N N 364 
VAL N   H    sing N N 365 
VAL N   H2   sing N N 366 
VAL CA  C    sing N N 367 
VAL CA  CB   sing N N 368 
VAL CA  HA   sing N N 369 
VAL C   O    doub N N 370 
VAL C   OXT  sing N N 371 
VAL CB  CG1  sing N N 372 
VAL CB  CG2  sing N N 373 
VAL CB  HB   sing N N 374 
VAL CG1 HG11 sing N N 375 
VAL CG1 HG12 sing N N 376 
VAL CG1 HG13 sing N N 377 
VAL CG2 HG21 sing N N 378 
VAL CG2 HG22 sing N N 379 
VAL CG2 HG23 sing N N 380 
VAL OXT HXT  sing N N 381 
# 
_atom_sites.entry_id                    1PAQ 
_atom_sites.fract_transf_matrix[1][1]   0.00236947 
_atom_sites.fract_transf_matrix[1][2]   0.00835358 
_atom_sites.fract_transf_matrix[1][3]   -0.00361089 
_atom_sites.fract_transf_matrix[2][1]   0.00638049 
_atom_sites.fract_transf_matrix[2][2]   0.00113572 
_atom_sites.fract_transf_matrix[2][3]   0.00681431 
_atom_sites.fract_transf_matrix[3][1]   0.00752431 
_atom_sites.fract_transf_matrix[3][2]   -0.00483155 
_atom_sites.fract_transf_matrix[3][3]   -0.00624003 
_atom_sites.fract_transf_vector[1]      0.054006 
_atom_sites.fract_transf_vector[2]      0.247458 
_atom_sites.fract_transf_vector[3]      0.295432 
# 
loop_
_atom_type.symbol 
C  
N  
O  
SE 
# 
loop_
_atom_site.group_PDB 
_atom_site.id 
_atom_site.type_symbol 
_atom_site.label_atom_id 
_atom_site.label_alt_id 
_atom_site.label_comp_id 
_atom_site.label_asym_id 
_atom_site.label_entity_id 
_atom_site.label_seq_id 
_atom_site.pdbx_PDB_ins_code 
_atom_site.Cartn_x 
_atom_site.Cartn_y 
_atom_site.Cartn_z 
_atom_site.occupancy 
_atom_site.B_iso_or_equiv 
_atom_site.pdbx_formal_charge 
_atom_site.auth_seq_id 
_atom_site.auth_comp_id 
_atom_site.auth_asym_id 
_atom_site.auth_atom_id 
_atom_site.pdbx_PDB_model_num 
ATOM   1    N  N   . ASP A 1 21  ? -12.553 14.276  7.670   1.00 53.05 ? 544 ASP A N   1 
ATOM   2    C  CA  . ASP A 1 21  ? -13.837 13.888  7.014   1.00 52.82 ? 544 ASP A CA  1 
ATOM   3    C  C   . ASP A 1 21  ? -13.541 13.206  5.689   1.00 51.67 ? 544 ASP A C   1 
ATOM   4    O  O   . ASP A 1 21  ? -14.144 12.189  5.348   1.00 50.87 ? 544 ASP A O   1 
ATOM   5    C  CB  . ASP A 1 21  ? -14.697 15.125  6.754   1.00 54.27 ? 544 ASP A CB  1 
ATOM   6    C  CG  . ASP A 1 21  ? -15.027 15.875  8.021   1.00 56.44 ? 544 ASP A CG  1 
ATOM   7    O  OD1 . ASP A 1 21  ? -15.682 15.271  8.898   1.00 57.29 ? 544 ASP A OD1 1 
ATOM   8    O  OD2 . ASP A 1 21  ? -14.635 17.057  8.147   1.00 57.27 ? 544 ASP A OD2 1 
ATOM   9    N  N   . PHE A 1 22  ? -12.623 13.794  4.930   1.00 50.58 ? 545 PHE A N   1 
ATOM   10   C  CA  . PHE A 1 22  ? -12.247 13.222  3.656   1.00 49.31 ? 545 PHE A CA  1 
ATOM   11   C  C   . PHE A 1 22  ? -11.771 11.797  3.851   1.00 50.06 ? 545 PHE A C   1 
ATOM   12   O  O   . PHE A 1 22  ? -12.028 10.946  2.997   1.00 50.01 ? 545 PHE A O   1 
ATOM   13   C  CB  . PHE A 1 22  ? -11.108 13.997  2.991   1.00 48.14 ? 545 PHE A CB  1 
ATOM   14   C  CG  . PHE A 1 22  ? -10.418 13.214  1.896   1.00 46.83 ? 545 PHE A CG  1 
ATOM   15   C  CD1 . PHE A 1 22  ? -10.963 13.150  0.614   1.00 46.33 ? 545 PHE A CD1 1 
ATOM   16   C  CD2 . PHE A 1 22  ? -9.252  12.495  2.164   1.00 45.27 ? 545 PHE A CD2 1 
ATOM   17   C  CE1 . PHE A 1 22  ? -10.368 12.364  -0.382  1.00 45.67 ? 545 PHE A CE1 1 
ATOM   18   C  CE2 . PHE A 1 22  ? -8.654  11.709  1.179   1.00 45.17 ? 545 PHE A CE2 1 
ATOM   19   C  CZ  . PHE A 1 22  ? -9.208  11.648  -0.099  1.00 44.90 ? 545 PHE A CZ  1 
ATOM   20   N  N   . GLU A 1 23  ? -11.068 11.519  4.951   1.00 50.43 ? 546 GLU A N   1 
ATOM   21   C  CA  . GLU A 1 23  ? -10.580 10.162  5.107   1.00 51.34 ? 546 GLU A CA  1 
ATOM   22   C  C   . GLU A 1 23  ? -11.728 9.188   4.947   1.00 51.15 ? 546 GLU A C   1 
ATOM   23   O  O   . GLU A 1 23  ? -11.888 8.597   3.881   1.00 52.44 ? 546 GLU A O   1 
ATOM   24   C  CB  . GLU A 1 23  ? -9.876  9.896   6.444   1.00 52.36 ? 546 GLU A CB  1 
ATOM   25   C  CG  . GLU A 1 23  ? -9.395  8.436   6.432   1.00 54.01 ? 546 GLU A CG  1 
ATOM   26   C  CD  . GLU A 1 23  ? -8.201  8.134   7.305   1.00 54.45 ? 546 GLU A CD  1 
ATOM   27   O  OE1 . GLU A 1 23  ? -7.381  9.044   7.556   1.00 55.71 ? 546 GLU A OE1 1 
ATOM   28   O  OE2 . GLU A 1 23  ? -8.073  6.961   7.721   1.00 54.06 ? 546 GLU A OE2 1 
ATOM   29   N  N   . LYS A 1 24  ? -12.548 9.038   5.979   1.00 50.43 ? 547 LYS A N   1 
ATOM   30   C  CA  . LYS A 1 24  ? -13.662 8.106   5.900   1.00 50.08 ? 547 LYS A CA  1 
ATOM   31   C  C   . LYS A 1 24  ? -14.320 8.020   4.523   1.00 48.40 ? 547 LYS A C   1 
ATOM   32   O  O   . LYS A 1 24  ? -14.508 6.925   4.000   1.00 48.43 ? 547 LYS A O   1 
ATOM   33   C  CB  . LYS A 1 24  ? -14.709 8.442   6.957   1.00 51.35 ? 547 LYS A CB  1 
ATOM   34   C  CG  . LYS A 1 24  ? -14.174 8.344   8.375   1.00 53.41 ? 547 LYS A CG  1 
ATOM   35   C  CD  . LYS A 1 24  ? -15.296 8.375   9.400   1.00 54.79 ? 547 LYS A CD  1 
ATOM   36   C  CE  . LYS A 1 24  ? -14.773 8.008   10.781  1.00 56.04 ? 547 LYS A CE  1 
ATOM   37   N  NZ  . LYS A 1 24  ? -15.894 7.800   11.745  1.00 56.20 ? 547 LYS A NZ  1 
ATOM   38   N  N   . GLU A 1 25  ? -14.663 9.157   3.930   1.00 46.98 ? 548 GLU A N   1 
ATOM   39   C  CA  . GLU A 1 25  ? -15.302 9.143   2.619   1.00 46.03 ? 548 GLU A CA  1 
ATOM   40   C  C   . GLU A 1 25  ? -14.384 8.569   1.536   1.00 44.22 ? 548 GLU A C   1 
ATOM   41   O  O   . GLU A 1 25  ? -14.848 7.894   0.619   1.00 43.86 ? 548 GLU A O   1 
ATOM   42   C  CB  . GLU A 1 25  ? -15.763 10.554  2.236   1.00 47.48 ? 548 GLU A CB  1 
ATOM   43   C  CG  . GLU A 1 25  ? -16.431 10.648  0.866   1.00 51.39 ? 548 GLU A CG  1 
ATOM   44   C  CD  . GLU A 1 25  ? -17.488 9.577   0.638   1.00 52.70 ? 548 GLU A CD  1 
ATOM   45   O  OE1 . GLU A 1 25  ? -18.354 9.389   1.522   1.00 53.09 ? 548 GLU A OE1 1 
ATOM   46   O  OE2 . GLU A 1 25  ? -17.452 8.929   -0.432  1.00 52.82 ? 548 GLU A OE2 1 
ATOM   47   N  N   . GLY A 1 26  ? -13.086 8.841   1.641   1.00 41.94 ? 549 GLY A N   1 
ATOM   48   C  CA  . GLY A 1 26  ? -12.146 8.320   0.665   1.00 39.38 ? 549 GLY A CA  1 
ATOM   49   C  C   . GLY A 1 26  ? -12.043 6.812   0.781   1.00 37.72 ? 549 GLY A C   1 
ATOM   50   O  O   . GLY A 1 26  ? -12.007 6.095   -0.221  1.00 35.84 ? 549 GLY A O   1 
ATOM   51   N  N   . ILE A 1 27  ? -11.994 6.328   2.017   1.00 37.82 ? 550 ILE A N   1 
ATOM   52   C  CA  . ILE A 1 27  ? -11.912 4.894   2.264   1.00 37.98 ? 550 ILE A CA  1 
ATOM   53   C  C   . ILE A 1 27  ? -13.141 4.224   1.659   1.00 38.28 ? 550 ILE A C   1 
ATOM   54   O  O   . ILE A 1 27  ? -13.042 3.195   0.988   1.00 37.82 ? 550 ILE A O   1 
ATOM   55   C  CB  . ILE A 1 27  ? -11.868 4.590   3.773   1.00 38.06 ? 550 ILE A CB  1 
ATOM   56   C  CG1 . ILE A 1 27  ? -10.581 5.153   4.385   1.00 38.15 ? 550 ILE A CG1 1 
ATOM   57   C  CG2 . ILE A 1 27  ? -11.951 3.088   3.993   1.00 37.48 ? 550 ILE A CG2 1 
ATOM   58   C  CD1 . ILE A 1 27  ? -10.486 5.005   5.898   1.00 38.07 ? 550 ILE A CD1 1 
ATOM   59   N  N   . ALA A 1 28  ? -14.299 4.829   1.891   1.00 38.07 ? 551 ALA A N   1 
ATOM   60   C  CA  . ALA A 1 28  ? -15.551 4.302   1.377   1.00 38.74 ? 551 ALA A CA  1 
ATOM   61   C  C   . ALA A 1 28  ? -15.561 4.252   -0.152  1.00 39.04 ? 551 ALA A C   1 
ATOM   62   O  O   . ALA A 1 28  ? -16.000 3.266   -0.748  1.00 38.95 ? 551 ALA A O   1 
ATOM   63   C  CB  . ALA A 1 28  ? -16.700 5.148   1.875   1.00 37.81 ? 551 ALA A CB  1 
ATOM   64   N  N   . THR A 1 29  ? -15.074 5.313   -0.781  1.00 39.05 ? 552 THR A N   1 
ATOM   65   C  CA  . THR A 1 29  ? -15.039 5.379   -2.234  1.00 38.90 ? 552 THR A CA  1 
ATOM   66   C  C   . THR A 1 29  ? -14.218 4.238   -2.820  1.00 39.55 ? 552 THR A C   1 
ATOM   67   O  O   . THR A 1 29  ? -14.666 3.551   -3.743  1.00 39.47 ? 552 THR A O   1 
ATOM   68   C  CB  . THR A 1 29  ? -14.446 6.712   -2.717  1.00 38.55 ? 552 THR A CB  1 
ATOM   69   O  OG1 . THR A 1 29  ? -15.170 7.801   -2.129  1.00 38.51 ? 552 THR A OG1 1 
ATOM   70   C  CG2 . THR A 1 29  ? -14.533 6.812   -4.229  1.00 37.42 ? 552 THR A CG2 1 
ATOM   71   N  N   . VAL A 1 30  ? -13.018 4.037   -2.281  1.00 39.54 ? 553 VAL A N   1 
ATOM   72   C  CA  . VAL A 1 30  ? -12.145 2.979   -2.764  1.00 39.76 ? 553 VAL A CA  1 
ATOM   73   C  C   . VAL A 1 30  ? -12.750 1.614   -2.459  1.00 40.60 ? 553 VAL A C   1 
ATOM   74   O  O   . VAL A 1 30  ? -12.726 0.715   -3.300  1.00 39.48 ? 553 VAL A O   1 
ATOM   75   C  CB  . VAL A 1 30  ? -10.743 3.079   -2.119  1.00 39.72 ? 553 VAL A CB  1 
ATOM   76   C  CG1 . VAL A 1 30  ? -9.876  1.899   -2.543  1.00 38.65 ? 553 VAL A CG1 1 
ATOM   77   C  CG2 . VAL A 1 30  ? -10.089 4.391   -2.528  1.00 39.39 ? 553 VAL A CG2 1 
ATOM   78   N  N   . GLU A 1 31  ? -13.318 1.455   -1.269  1.00 42.02 ? 554 GLU A N   1 
ATOM   79   C  CA  . GLU A 1 31  ? -13.892 0.163   -0.915  1.00 43.73 ? 554 GLU A CA  1 
ATOM   80   C  C   . GLU A 1 31  ? -15.010 -0.226  -1.869  1.00 45.23 ? 554 GLU A C   1 
ATOM   81   O  O   . GLU A 1 31  ? -15.205 -1.408  -2.182  1.00 46.35 ? 554 GLU A O   1 
ATOM   82   C  CB  . GLU A 1 31  ? -14.415 0.175   0.521   1.00 42.62 ? 554 GLU A CB  1 
ATOM   83   C  CG  . GLU A 1 31  ? -13.320 0.327   1.586   1.00 42.00 ? 554 GLU A CG  1 
ATOM   84   C  CD  . GLU A 1 31  ? -13.774 -0.058  2.999   1.00 41.45 ? 554 GLU A CD  1 
ATOM   85   O  OE1 . GLU A 1 31  ? -14.847 0.407   3.429   1.00 40.90 ? 554 GLU A OE1 1 
ATOM   86   O  OE2 . GLU A 1 31  ? -13.048 -0.816  3.686   1.00 42.01 ? 554 GLU A OE2 1 
ATOM   87   N  N   . ARG A 1 32  ? -15.757 0.774   -2.316  1.00 46.39 ? 555 ARG A N   1 
ATOM   88   C  CA  . ARG A 1 32  ? -16.840 0.541   -3.254  1.00 47.72 ? 555 ARG A CA  1 
ATOM   89   C  C   . ARG A 1 32  ? -16.349 0.047   -4.609  1.00 48.11 ? 555 ARG A C   1 
ATOM   90   O  O   . ARG A 1 32  ? -16.885 -0.919  -5.140  1.00 49.54 ? 555 ARG A O   1 
ATOM   91   C  CB  . ARG A 1 32  ? -17.632 1.821   -3.476  1.00 47.72 ? 555 ARG A CB  1 
ATOM   92   C  CG  . ARG A 1 32  ? -18.787 2.044   -2.533  1.00 48.48 ? 555 ARG A CG  1 
ATOM   93   C  CD  . ARG A 1 32  ? -19.470 3.367   -2.872  1.00 48.67 ? 555 ARG A CD  1 
ATOM   94   N  NE  . ARG A 1 32  ? -18.927 4.480   -2.095  1.00 50.14 ? 555 ARG A NE  1 
ATOM   95   C  CZ  . ARG A 1 32  ? -18.866 5.735   -2.525  1.00 49.70 ? 555 ARG A CZ  1 
ATOM   96   N  NH1 . ARG A 1 32  ? -19.309 6.045   -3.736  1.00 50.71 ? 555 ARG A NH1 1 
ATOM   97   N  NH2 . ARG A 1 32  ? -18.363 6.678   -1.743  1.00 50.46 ? 555 ARG A NH2 1 
ATOM   98   N  N   . ALA A 1 33  ? -15.378 0.747   -5.189  1.00 48.46 ? 556 ALA A N   1 
ATOM   99   C  CA  . ALA A 1 33  ? -14.809 0.379   -6.492  1.00 49.10 ? 556 ALA A CA  1 
ATOM   100  C  C   . ALA A 1 33  ? -14.112 -0.992  -6.554  1.00 49.83 ? 556 ALA A C   1 
ATOM   101  O  O   . ALA A 1 33  ? -13.965 -1.548  -7.634  1.00 50.35 ? 556 ALA A O   1 
ATOM   102  C  CB  . ALA A 1 33  ? -13.826 1.453   -6.958  1.00 47.80 ? 556 ALA A CB  1 
HETATM 103  N  N   . MSE A 1 34  ? -13.668 -1.530  -5.417  1.00 50.07 ? 557 MSE A N   1 
HETATM 104  C  CA  . MSE A 1 34  ? -12.974 -2.834  -5.399  1.00 50.68 ? 557 MSE A CA  1 
HETATM 105  C  C   . MSE A 1 34  ? -13.946 -3.996  -5.232  1.00 52.22 ? 557 MSE A C   1 
HETATM 106  O  O   . MSE A 1 34  ? -13.730 -5.111  -5.707  1.00 51.16 ? 557 MSE A O   1 
HETATM 107  C  CB  . MSE A 1 34  ? -11.988 -2.913  -4.242  1.00 47.80 ? 557 MSE A CB  1 
HETATM 108  C  CG  . MSE A 1 34  ? -11.008 -1.795  -4.098  1.00 45.41 ? 557 MSE A CG  1 
HETATM 109  SE SE  . MSE A 1 34  ? -9.528  -2.278  -2.884  1.00 44.16 ? 557 MSE A SE  1 
HETATM 110  C  CE  . MSE A 1 34  ? -10.234 -3.500  -1.816  1.00 43.81 ? 557 MSE A CE  1 
ATOM   111  N  N   . GLU A 1 35  ? -14.992 -3.686  -4.489  1.00 54.18 ? 558 GLU A N   1 
ATOM   112  C  CA  . GLU A 1 35  ? -16.117 -4.542  -4.141  1.00 56.19 ? 558 GLU A CA  1 
ATOM   113  C  C   . GLU A 1 35  ? -17.032 -4.873  -5.313  1.00 57.04 ? 558 GLU A C   1 
ATOM   114  O  O   . GLU A 1 35  ? -17.154 -6.024  -5.741  1.00 58.13 ? 558 GLU A O   1 
ATOM   115  C  CB  . GLU A 1 35  ? -16.913 -3.771  -3.136  1.00 56.86 ? 558 GLU A CB  1 
ATOM   116  C  CG  . GLU A 1 35  ? -17.608 -4.526  -2.130  1.00 58.24 ? 558 GLU A CG  1 
ATOM   117  C  CD  . GLU A 1 35  ? -17.839 -3.593  -1.006  1.00 59.51 ? 558 GLU A CD  1 
ATOM   118  O  OE1 . GLU A 1 35  ? -18.859 -2.873  -1.036  1.00 59.90 ? 558 GLU A OE1 1 
ATOM   119  O  OE2 . GLU A 1 35  ? -16.958 -3.541  -0.117  1.00 60.22 ? 558 GLU A OE2 1 
ATOM   120  N  N   . ASN A 1 36  ? -17.684 -3.828  -5.796  1.00 57.32 ? 559 ASN A N   1 
ATOM   121  C  CA  . ASN A 1 36  ? -18.601 -3.906  -6.907  1.00 58.54 ? 559 ASN A CA  1 
ATOM   122  C  C   . ASN A 1 36  ? -17.733 -3.670  -8.133  1.00 58.61 ? 559 ASN A C   1 
ATOM   123  O  O   . ASN A 1 36  ? -18.059 -2.926  -9.074  1.00 58.07 ? 559 ASN A O   1 
ATOM   124  C  CB  . ASN A 1 36  ? -19.659 -2.833  -6.779  1.00 60.02 ? 559 ASN A CB  1 
ATOM   125  C  CG  . ASN A 1 36  ? -20.988 -3.341  -7.176  1.00 61.78 ? 559 ASN A CG  1 
ATOM   126  O  OD1 . ASN A 1 36  ? -21.082 -4.428  -7.751  1.00 61.87 ? 559 ASN A OD1 1 
ATOM   127  N  ND2 . ASN A 1 36  ? -22.032 -2.589  -6.882  1.00 62.76 ? 559 ASN A ND2 1 
ATOM   128  N  N   . ASN A 1 37  ? -16.595 -4.343  -8.046  1.00 58.87 ? 560 ASN A N   1 
ATOM   129  C  CA  . ASN A 1 37  ? -15.498 -4.365  -9.004  1.00 58.67 ? 560 ASN A CA  1 
ATOM   130  C  C   . ASN A 1 37  ? -15.336 -3.332  -10.066 1.00 58.79 ? 560 ASN A C   1 
ATOM   131  O  O   . ASN A 1 37  ? -15.450 -3.615  -11.263 1.00 58.71 ? 560 ASN A O   1 
ATOM   132  C  CB  . ASN A 1 37  ? -15.402 -5.705  -9.697  1.00 58.31 ? 560 ASN A CB  1 
ATOM   133  C  CG  . ASN A 1 37  ? -14.061 -6.373  -9.472  1.00 57.64 ? 560 ASN A CG  1 
ATOM   134  O  OD1 . ASN A 1 37  ? -13.583 -7.102  -10.330 1.00 57.07 ? 560 ASN A OD1 1 
ATOM   135  N  ND2 . ASN A 1 37  ? -13.450 -6.130  -8.309  1.00 59.22 ? 560 ASN A ND2 1 
ATOM   136  N  N   . HIS A 1 38  ? -14.962 -2.148  -9.636  1.00 59.26 ? 561 HIS A N   1 
ATOM   137  C  CA  . HIS A 1 38  ? -14.763 -1.102  -10.589 1.00 58.17 ? 561 HIS A CA  1 
ATOM   138  C  C   . HIS A 1 38  ? -13.402 -1.247  -11.187 1.00 56.97 ? 561 HIS A C   1 
ATOM   139  O  O   . HIS A 1 38  ? -12.486 -1.748  -10.565 1.00 56.32 ? 561 HIS A O   1 
ATOM   140  C  CB  . HIS A 1 38  ? -14.908 0.261   -9.915  1.00 60.22 ? 561 HIS A CB  1 
ATOM   141  C  CG  . HIS A 1 38  ? -16.337 0.626   -9.668  1.00 62.15 ? 561 HIS A CG  1 
ATOM   142  N  ND1 . HIS A 1 38  ? -16.722 1.466   -8.645  1.00 62.90 ? 561 HIS A ND1 1 
ATOM   143  C  CD2 . HIS A 1 38  ? -17.474 0.130   -10.200 1.00 63.14 ? 561 HIS A CD2 1 
ATOM   144  C  CE1 . HIS A 1 38  ? -18.041 1.452   -8.542  1.00 62.76 ? 561 HIS A CE1 1 
ATOM   145  N  NE2 . HIS A 1 38  ? -18.520 0.644   -9.477  1.00 63.67 ? 561 HIS A NE2 1 
ATOM   146  N  N   . ASP A 1 39  ? -13.315 -0.788  -12.414 1.00 55.10 ? 562 ASP A N   1 
ATOM   147  C  CA  . ASP A 1 39  ? -12.110 -0.739  -13.180 1.00 53.72 ? 562 ASP A CA  1 
ATOM   148  C  C   . ASP A 1 39  ? -11.586 0.482   -12.444 1.00 52.81 ? 562 ASP A C   1 
ATOM   149  O  O   . ASP A 1 39  ? -12.339 1.193   -11.760 1.00 52.72 ? 562 ASP A O   1 
ATOM   150  C  CB  . ASP A 1 39  ? -12.506 -0.411  -14.601 1.00 52.75 ? 562 ASP A CB  1 
ATOM   151  C  CG  . ASP A 1 39  ? -13.375 0.812   -14.654 1.00 52.16 ? 562 ASP A CG  1 
ATOM   152  O  OD1 . ASP A 1 39  ? -14.342 0.913   -13.851 1.00 53.42 ? 562 ASP A OD1 1 
ATOM   153  O  OD2 . ASP A 1 39  ? -13.059 1.683   -15.484 1.00 51.12 ? 562 ASP A OD2 1 
ATOM   154  N  N   . LEU A 1 40  ? -10.287 0.668   -12.541 1.00 50.91 ? 563 LEU A N   1 
ATOM   155  C  CA  . LEU A 1 40  ? -9.611  1.751   -11.891 1.00 49.68 ? 563 LEU A CA  1 
ATOM   156  C  C   . LEU A 1 40  ? -9.962  3.118   -12.419 1.00 49.21 ? 563 LEU A C   1 
ATOM   157  O  O   . LEU A 1 40  ? -10.484 3.935   -11.663 1.00 50.10 ? 563 LEU A O   1 
ATOM   158  C  CB  . LEU A 1 40  ? -8.123  1.554   -12.024 1.00 49.78 ? 563 LEU A CB  1 
ATOM   159  C  CG  . LEU A 1 40  ? -7.454  0.683   -10.980 1.00 50.38 ? 563 LEU A CG  1 
ATOM   160  C  CD1 . LEU A 1 40  ? -7.980  -0.742  -11.032 1.00 51.15 ? 563 LEU A CD1 1 
ATOM   161  C  CD2 . LEU A 1 40  ? -5.971  0.722   -11.256 1.00 49.91 ? 563 LEU A CD2 1 
ATOM   162  N  N   . ASP A 1 41  ? -9.663  3.369   -13.698 1.00 47.86 ? 564 ASP A N   1 
ATOM   163  C  CA  . ASP A 1 41  ? -9.934  4.670   -14.309 1.00 46.52 ? 564 ASP A CA  1 
ATOM   164  C  C   . ASP A 1 41  ? -11.145 5.283   -13.662 1.00 46.25 ? 564 ASP A C   1 
ATOM   165  O  O   . ASP A 1 41  ? -11.095 6.431   -13.212 1.00 47.03 ? 564 ASP A O   1 
ATOM   166  C  CB  . ASP A 1 41  ? -10.158 4.562   -15.821 1.00 45.75 ? 564 ASP A CB  1 
ATOM   167  C  CG  . ASP A 1 41  ? -8.880  4.698   -16.600 1.00 46.17 ? 564 ASP A CG  1 
ATOM   168  O  OD1 . ASP A 1 41  ? -7.841  4.983   -15.964 1.00 46.27 ? 564 ASP A OD1 1 
ATOM   169  O  OD2 . ASP A 1 41  ? -8.922  4.524   -17.838 1.00 46.75 ? 564 ASP A OD2 1 
ATOM   170  N  N   . THR A 1 42  ? -12.222 4.513   -13.576 1.00 45.14 ? 565 THR A N   1 
ATOM   171  C  CA  . THR A 1 42  ? -13.427 5.037   -12.959 1.00 45.19 ? 565 THR A CA  1 
ATOM   172  C  C   . THR A 1 42  ? -13.333 5.229   -11.437 1.00 44.30 ? 565 THR A C   1 
ATOM   173  O  O   . THR A 1 42  ? -13.932 6.164   -10.896 1.00 45.15 ? 565 THR A O   1 
ATOM   174  C  CB  . THR A 1 42  ? -14.671 4.190   -13.318 1.00 45.63 ? 565 THR A CB  1 
ATOM   175  O  OG1 . THR A 1 42  ? -14.983 4.368   -14.707 1.00 47.55 ? 565 THR A OG1 1 
ATOM   176  C  CG2 . THR A 1 42  ? -15.862 4.653   -12.507 1.00 46.03 ? 565 THR A CG2 1 
ATOM   177  N  N   . ALA A 1 43  ? -12.594 4.367   -10.746 1.00 42.87 ? 566 ALA A N   1 
ATOM   178  C  CA  . ALA A 1 43  ? -12.419 4.522   -9.307  1.00 41.12 ? 566 ALA A CA  1 
ATOM   179  C  C   . ALA A 1 43  ? -11.634 5.815   -9.043  1.00 40.71 ? 566 ALA A C   1 
ATOM   180  O  O   . ALA A 1 43  ? -12.016 6.619   -8.193  1.00 40.55 ? 566 ALA A O   1 
ATOM   181  C  CB  . ALA A 1 43  ? -11.662 3.338   -8.741  1.00 40.65 ? 566 ALA A CB  1 
ATOM   182  N  N   . LEU A 1 44  ? -10.539 6.012   -9.772  1.00 39.49 ? 567 LEU A N   1 
ATOM   183  C  CA  . LEU A 1 44  ? -9.714  7.203   -9.595  1.00 39.57 ? 567 LEU A CA  1 
ATOM   184  C  C   . LEU A 1 44  ? -10.440 8.493   -9.959  1.00 39.75 ? 567 LEU A C   1 
ATOM   185  O  O   . LEU A 1 44  ? -10.144 9.562   -9.420  1.00 38.65 ? 567 LEU A O   1 
ATOM   186  C  CB  . LEU A 1 44  ? -8.450  7.089   -10.439 1.00 40.23 ? 567 LEU A CB  1 
ATOM   187  C  CG  . LEU A 1 44  ? -7.186  6.640   -9.715  1.00 42.21 ? 567 LEU A CG  1 
ATOM   188  C  CD1 . LEU A 1 44  ? -6.052  6.465   -10.722 1.00 42.75 ? 567 LEU A CD1 1 
ATOM   189  C  CD2 . LEU A 1 44  ? -6.820  7.679   -8.653  1.00 42.03 ? 567 LEU A CD2 1 
ATOM   190  N  N   . LEU A 1 45  ? -11.379 8.393   -10.893 1.00 39.82 ? 568 LEU A N   1 
ATOM   191  C  CA  . LEU A 1 45  ? -12.133 9.562   -11.315 1.00 39.13 ? 568 LEU A CA  1 
ATOM   192  C  C   . LEU A 1 45  ? -12.963 10.058  -10.144 1.00 37.93 ? 568 LEU A C   1 
ATOM   193  O  O   . LEU A 1 45  ? -12.959 11.245  -9.826  1.00 36.91 ? 568 LEU A O   1 
ATOM   194  C  CB  . LEU A 1 45  ? -13.050 9.216   -12.488 1.00 39.94 ? 568 LEU A CB  1 
ATOM   195  C  CG  . LEU A 1 45  ? -13.739 10.427  -13.126 1.00 41.05 ? 568 LEU A CG  1 
ATOM   196  C  CD1 . LEU A 1 45  ? -12.699 11.296  -13.808 1.00 41.63 ? 568 LEU A CD1 1 
ATOM   197  C  CD2 . LEU A 1 45  ? -14.770 9.974   -14.138 1.00 42.22 ? 568 LEU A CD2 1 
ATOM   198  N  N   . GLU A 1 46  ? -13.670 9.140   -9.496  1.00 37.79 ? 569 GLU A N   1 
ATOM   199  C  CA  . GLU A 1 46  ? -14.499 9.515   -8.360  1.00 38.54 ? 569 GLU A CA  1 
ATOM   200  C  C   . GLU A 1 46  ? -13.611 9.993   -7.218  1.00 38.56 ? 569 GLU A C   1 
ATOM   201  O  O   . GLU A 1 46  ? -13.832 11.066  -6.656  1.00 38.30 ? 569 GLU A O   1 
ATOM   202  C  CB  . GLU A 1 46  ? -15.350 8.336   -7.879  1.00 38.44 ? 569 GLU A CB  1 
ATOM   203  C  CG  . GLU A 1 46  ? -16.508 8.777   -6.989  1.00 41.23 ? 569 GLU A CG  1 
ATOM   204  C  CD  . GLU A 1 46  ? -17.194 7.630   -6.274  1.00 41.97 ? 569 GLU A CD  1 
ATOM   205  O  OE1 . GLU A 1 46  ? -17.405 6.574   -6.906  1.00 43.30 ? 569 GLU A OE1 1 
ATOM   206  O  OE2 . GLU A 1 46  ? -17.532 7.788   -5.080  1.00 42.73 ? 569 GLU A OE2 1 
ATOM   207  N  N   . LEU A 1 47  ? -12.599 9.194   -6.885  1.00 38.23 ? 570 LEU A N   1 
ATOM   208  C  CA  . LEU A 1 47  ? -11.681 9.537   -5.806  1.00 36.77 ? 570 LEU A CA  1 
ATOM   209  C  C   . LEU A 1 47  ? -11.053 10.909  -6.013  1.00 36.42 ? 570 LEU A C   1 
ATOM   210  O  O   . LEU A 1 47  ? -11.020 11.715  -5.089  1.00 37.21 ? 570 LEU A O   1 
ATOM   211  C  CB  . LEU A 1 47  ? -10.581 8.480   -5.683  1.00 36.67 ? 570 LEU A CB  1 
ATOM   212  C  CG  . LEU A 1 47  ? -9.703  8.601   -4.432  1.00 36.01 ? 570 LEU A CG  1 
ATOM   213  C  CD1 . LEU A 1 47  ? -10.560 8.415   -3.183  1.00 35.87 ? 570 LEU A CD1 1 
ATOM   214  C  CD2 . LEU A 1 47  ? -8.602  7.560   -4.471  1.00 34.85 ? 570 LEU A CD2 1 
ATOM   215  N  N   . ASN A 1 48  ? -10.550 11.179  -7.216  1.00 36.37 ? 571 ASN A N   1 
ATOM   216  C  CA  . ASN A 1 48  ? -9.933  12.477  -7.484  1.00 37.37 ? 571 ASN A CA  1 
ATOM   217  C  C   . ASN A 1 48  ? -10.951 13.610  -7.399  1.00 37.94 ? 571 ASN A C   1 
ATOM   218  O  O   . ASN A 1 48  ? -10.616 14.726  -6.995  1.00 39.25 ? 571 ASN A O   1 
ATOM   219  C  CB  . ASN A 1 48  ? -9.243  12.500  -8.854  1.00 36.60 ? 571 ASN A CB  1 
ATOM   220  C  CG  . ASN A 1 48  ? -7.791  12.047  -8.787  1.00 36.66 ? 571 ASN A CG  1 
ATOM   221  O  OD1 . ASN A 1 48  ? -7.109  12.263  -7.786  1.00 35.32 ? 571 ASN A OD1 1 
ATOM   222  N  ND2 . ASN A 1 48  ? -7.309  11.437  -9.863  1.00 35.82 ? 571 ASN A ND2 1 
ATOM   223  N  N   . THR A 1 49  ? -12.191 13.321  -7.774  1.00 38.42 ? 572 THR A N   1 
ATOM   224  C  CA  . THR A 1 49  ? -13.248 14.328  -7.713  1.00 39.27 ? 572 THR A CA  1 
ATOM   225  C  C   . THR A 1 49  ? -13.459 14.687  -6.253  1.00 39.41 ? 572 THR A C   1 
ATOM   226  O  O   . THR A 1 49  ? -13.646 15.850  -5.906  1.00 39.17 ? 572 THR A O   1 
ATOM   227  C  CB  . THR A 1 49  ? -14.583 13.804  -8.283  1.00 38.91 ? 572 THR A CB  1 
ATOM   228  O  OG1 . THR A 1 49  ? -14.444 13.556  -9.688  1.00 37.92 ? 572 THR A OG1 1 
ATOM   229  C  CG2 . THR A 1 49  ? -15.677 14.829  -8.071  1.00 38.62 ? 572 THR A CG2 1 
ATOM   230  N  N   . LEU A 1 50  ? -13.432 13.664  -5.409  1.00 39.66 ? 573 LEU A N   1 
ATOM   231  C  CA  . LEU A 1 50  ? -13.604 13.837  -3.979  1.00 39.36 ? 573 LEU A CA  1 
ATOM   232  C  C   . LEU A 1 50  ? -12.422 14.640  -3.452  1.00 39.85 ? 573 LEU A C   1 
ATOM   233  O  O   . LEU A 1 50  ? -12.579 15.532  -2.617  1.00 40.36 ? 573 LEU A O   1 
ATOM   234  C  CB  . LEU A 1 50  ? -13.640 12.473  -3.292  1.00 38.72 ? 573 LEU A CB  1 
ATOM   235  C  CG  . LEU A 1 50  ? -14.819 12.135  -2.380  1.00 38.91 ? 573 LEU A CG  1 
ATOM   236  C  CD1 . LEU A 1 50  ? -14.404 10.952  -1.526  1.00 38.79 ? 573 LEU A CD1 1 
ATOM   237  C  CD2 . LEU A 1 50  ? -15.198 13.316  -1.489  1.00 38.71 ? 573 LEU A CD2 1 
ATOM   238  N  N   . ARG A 1 51  ? -11.234 14.321  -3.957  1.00 39.53 ? 574 ARG A N   1 
ATOM   239  C  CA  . ARG A 1 51  ? -10.014 14.997  -3.534  1.00 39.89 ? 574 ARG A CA  1 
ATOM   240  C  C   . ARG A 1 51  ? -10.114 16.511  -3.681  1.00 40.39 ? 574 ARG A C   1 
ATOM   241  O  O   . ARG A 1 51  ? -9.835  17.253  -2.742  1.00 40.78 ? 574 ARG A O   1 
ATOM   242  C  CB  . ARG A 1 51  ? -8.812  14.477  -4.330  1.00 38.62 ? 574 ARG A CB  1 
ATOM   243  C  CG  . ARG A 1 51  ? -7.535  15.270  -4.097  1.00 38.49 ? 574 ARG A CG  1 
ATOM   244  C  CD  . ARG A 1 51  ? -6.361  14.678  -4.846  1.00 38.03 ? 574 ARG A CD  1 
ATOM   245  N  NE  . ARG A 1 51  ? -6.553  14.681  -6.292  1.00 39.88 ? 574 ARG A NE  1 
ATOM   246  C  CZ  . ARG A 1 51  ? -6.524  15.770  -7.055  1.00 39.56 ? 574 ARG A CZ  1 
ATOM   247  N  NH1 . ARG A 1 51  ? -6.309  16.959  -6.513  1.00 38.85 ? 574 ARG A NH1 1 
ATOM   248  N  NH2 . ARG A 1 51  ? -6.702  15.667  -8.368  1.00 39.90 ? 574 ARG A NH2 1 
HETATM 249  N  N   . MSE A 1 52  ? -10.503 16.966  -4.865  1.00 40.86 ? 575 MSE A N   1 
HETATM 250  C  CA  . MSE A 1 52  ? -10.640 18.393  -5.116  1.00 41.55 ? 575 MSE A CA  1 
HETATM 251  C  C   . MSE A 1 52  ? -11.860 18.925  -4.380  1.00 40.99 ? 575 MSE A C   1 
HETATM 252  O  O   . MSE A 1 52  ? -11.843 20.028  -3.828  1.00 40.31 ? 575 MSE A O   1 
HETATM 253  C  CB  . MSE A 1 52  ? -10.812 18.639  -6.607  1.00 42.29 ? 575 MSE A CB  1 
HETATM 254  C  CG  . MSE A 1 52  ? -9.664  18.137  -7.451  1.00 43.96 ? 575 MSE A CG  1 
HETATM 255  SE SE  . MSE A 1 52  ? -10.065 18.290  -9.332  1.00 46.89 ? 575 MSE A SE  1 
HETATM 256  C  CE  . MSE A 1 52  ? -9.192  19.949  -9.723  1.00 47.06 ? 575 MSE A CE  1 
ATOM   257  N  N   . SER A 1 53  ? -12.920 18.132  -4.398  1.00 40.76 ? 576 SER A N   1 
ATOM   258  C  CA  . SER A 1 53  ? -14.162 18.490  -3.739  1.00 41.68 ? 576 SER A CA  1 
ATOM   259  C  C   . SER A 1 53  ? -13.921 18.916  -2.296  1.00 41.94 ? 576 SER A C   1 
ATOM   260  O  O   . SER A 1 53  ? -14.302 20.010  -1.887  1.00 41.80 ? 576 SER A O   1 
ATOM   261  C  CB  . SER A 1 53  ? -15.123 17.300  -3.763  1.00 42.27 ? 576 SER A CB  1 
ATOM   262  O  OG  . SER A 1 53  ? -16.229 17.528  -2.907  1.00 44.26 ? 576 SER A OG  1 
HETATM 263  N  N   . MSE A 1 54  ? -13.273 18.047  -1.530  1.00 42.45 ? 577 MSE A N   1 
HETATM 264  C  CA  . MSE A 1 54  ? -13.015 18.319  -0.126  1.00 41.79 ? 577 MSE A CA  1 
HETATM 265  C  C   . MSE A 1 54  ? -11.679 19.002  0.133   1.00 40.88 ? 577 MSE A C   1 
HETATM 266  O  O   . MSE A 1 54  ? -11.242 19.130  1.274   1.00 40.21 ? 577 MSE A O   1 
HETATM 267  C  CB  . MSE A 1 54  ? -13.125 17.015  0.656   1.00 43.29 ? 577 MSE A CB  1 
HETATM 268  C  CG  . MSE A 1 54  ? -14.502 16.386  0.533   1.00 44.41 ? 577 MSE A CG  1 
HETATM 269  SE SE  . MSE A 1 54  ? -14.702 14.753  1.532   1.00 49.01 ? 577 MSE A SE  1 
HETATM 270  C  CE  . MSE A 1 54  ? -15.049 15.475  3.284   1.00 47.52 ? 577 MSE A CE  1 
ATOM   271  N  N   . ASN A 1 55  ? -11.039 19.436  -0.945  1.00 40.73 ? 578 ASN A N   1 
ATOM   272  C  CA  . ASN A 1 55  ? -9.767  20.145  -0.868  1.00 41.20 ? 578 ASN A CA  1 
ATOM   273  C  C   . ASN A 1 55  ? -8.760  19.510  0.091   1.00 40.24 ? 578 ASN A C   1 
ATOM   274  O  O   . ASN A 1 55  ? -8.390  20.100  1.105   1.00 40.59 ? 578 ASN A O   1 
ATOM   275  C  CB  . ASN A 1 55  ? -10.032 21.600  -0.471  1.00 43.62 ? 578 ASN A CB  1 
ATOM   276  C  CG  . ASN A 1 55  ? -8.781  22.458  -0.517  1.00 47.14 ? 578 ASN A CG  1 
ATOM   277  O  OD1 . ASN A 1 55  ? -8.013  22.409  -1.482  1.00 48.17 ? 578 ASN A OD1 1 
ATOM   278  N  ND2 . ASN A 1 55  ? -8.576  23.262  0.523   1.00 47.94 ? 578 ASN A ND2 1 
ATOM   279  N  N   . VAL A 1 56  ? -8.311  18.309  -0.254  1.00 38.87 ? 579 VAL A N   1 
ATOM   280  C  CA  . VAL A 1 56  ? -7.362  17.544  0.542   1.00 36.10 ? 579 VAL A CA  1 
ATOM   281  C  C   . VAL A 1 56  ? -6.233  17.236  -0.441  1.00 34.30 ? 579 VAL A C   1 
ATOM   282  O  O   . VAL A 1 56  ? -6.429  17.401  -1.649  1.00 34.03 ? 579 VAL A O   1 
ATOM   283  C  CB  . VAL A 1 56  ? -8.066  16.251  1.053   1.00 36.69 ? 579 VAL A CB  1 
ATOM   284  C  CG1 . VAL A 1 56  ? -7.746  15.060  0.153   1.00 37.02 ? 579 VAL A CG1 1 
ATOM   285  C  CG2 . VAL A 1 56  ? -7.711  15.996  2.499   1.00 38.00 ? 579 VAL A CG2 1 
ATOM   286  N  N   . THR A 1 57  ? -5.062  16.816  0.026   1.00 32.26 ? 580 THR A N   1 
ATOM   287  C  CA  . THR A 1 57  ? -3.996  16.533  -0.941  1.00 31.59 ? 580 THR A CA  1 
ATOM   288  C  C   . THR A 1 57  ? -3.808  15.049  -1.216  1.00 29.26 ? 580 THR A C   1 
ATOM   289  O  O   . THR A 1 57  ? -4.457  14.196  -0.614  1.00 28.32 ? 580 THR A O   1 
ATOM   290  C  CB  . THR A 1 57  ? -2.613  17.109  -0.524  1.00 32.98 ? 580 THR A CB  1 
ATOM   291  O  OG1 . THR A 1 57  ? -1.803  16.063  0.030   1.00 34.36 ? 580 THR A OG1 1 
ATOM   292  C  CG2 . THR A 1 57  ? -2.772  18.231  0.495   1.00 34.08 ? 580 THR A CG2 1 
ATOM   293  N  N   . TYR A 1 58  ? -2.907  14.759  -2.146  1.00 27.86 ? 581 TYR A N   1 
ATOM   294  C  CA  . TYR A 1 58  ? -2.612  13.392  -2.536  1.00 28.99 ? 581 TYR A CA  1 
ATOM   295  C  C   . TYR A 1 58  ? -2.058  12.536  -1.406  1.00 28.45 ? 581 TYR A C   1 
ATOM   296  O  O   . TYR A 1 58  ? -2.155  11.310  -1.448  1.00 28.10 ? 581 TYR A O   1 
ATOM   297  C  CB  . TYR A 1 58  ? -1.652  13.381  -3.726  1.00 28.96 ? 581 TYR A CB  1 
ATOM   298  C  CG  . TYR A 1 58  ? -2.364  13.478  -5.059  1.00 30.82 ? 581 TYR A CG  1 
ATOM   299  C  CD1 . TYR A 1 58  ? -2.474  14.691  -5.742  1.00 29.90 ? 581 TYR A CD1 1 
ATOM   300  C  CD2 . TYR A 1 58  ? -2.938  12.346  -5.635  1.00 30.87 ? 581 TYR A CD2 1 
ATOM   301  C  CE1 . TYR A 1 58  ? -3.138  14.764  -6.969  1.00 29.88 ? 581 TYR A CE1 1 
ATOM   302  C  CE2 . TYR A 1 58  ? -3.601  12.408  -6.847  1.00 30.04 ? 581 TYR A CE2 1 
ATOM   303  C  CZ  . TYR A 1 58  ? -3.698  13.615  -7.513  1.00 30.08 ? 581 TYR A CZ  1 
ATOM   304  O  OH  . TYR A 1 58  ? -4.351  13.653  -8.721  1.00 29.35 ? 581 TYR A OH  1 
ATOM   305  N  N   . HIS A 1 59  ? -1.468  13.173  -0.399  1.00 27.98 ? 582 HIS A N   1 
ATOM   306  C  CA  . HIS A 1 59  ? -0.947  12.435  0.740   1.00 27.36 ? 582 HIS A CA  1 
ATOM   307  C  C   . HIS A 1 59  ? -2.153  11.801  1.411   1.00 27.97 ? 582 HIS A C   1 
ATOM   308  O  O   . HIS A 1 59  ? -2.148  10.613  1.733   1.00 28.93 ? 582 HIS A O   1 
ATOM   309  C  CB  . HIS A 1 59  ? -0.245  13.365  1.731   1.00 25.43 ? 582 HIS A CB  1 
ATOM   310  C  CG  . HIS A 1 59  ? 0.071   12.718  3.043   1.00 25.31 ? 582 HIS A CG  1 
ATOM   311  N  ND1 . HIS A 1 59  ? 1.164   11.900  3.228   1.00 27.30 ? 582 HIS A ND1 1 
ATOM   312  C  CD2 . HIS A 1 59  ? -0.595  12.726  4.224   1.00 23.92 ? 582 HIS A CD2 1 
ATOM   313  C  CE1 . HIS A 1 59  ? 1.158   11.431  4.463   1.00 26.17 ? 582 HIS A CE1 1 
ATOM   314  N  NE2 . HIS A 1 59  ? 0.100   11.916  5.088   1.00 23.90 ? 582 HIS A NE2 1 
ATOM   315  N  N   . GLU A 1 60  ? -3.185  12.613  1.614   1.00 28.46 ? 583 GLU A N   1 
ATOM   316  C  CA  . GLU A 1 60  ? -4.420  12.158  2.241   1.00 30.61 ? 583 GLU A CA  1 
ATOM   317  C  C   . GLU A 1 60  ? -5.035  11.039  1.403   1.00 29.75 ? 583 GLU A C   1 
ATOM   318  O  O   . GLU A 1 60  ? -5.544  10.056  1.939   1.00 30.32 ? 583 GLU A O   1 
ATOM   319  C  CB  . GLU A 1 60  ? -5.396  13.336  2.384   1.00 33.95 ? 583 GLU A CB  1 
ATOM   320  C  CG  . GLU A 1 60  ? -4.950  14.383  3.404   1.00 38.70 ? 583 GLU A CG  1 
ATOM   321  C  CD  . GLU A 1 60  ? -3.665  15.097  3.004   1.00 43.99 ? 583 GLU A CD  1 
ATOM   322  O  OE1 . GLU A 1 60  ? -2.837  15.377  3.903   1.00 46.29 ? 583 GLU A OE1 1 
ATOM   323  O  OE2 . GLU A 1 60  ? -3.484  15.395  1.796   1.00 44.43 ? 583 GLU A OE2 1 
ATOM   324  N  N   . VAL A 1 61  ? -4.963  11.189  0.084   1.00 27.51 ? 584 VAL A N   1 
ATOM   325  C  CA  . VAL A 1 61  ? -5.494  10.193  -0.829  1.00 27.19 ? 584 VAL A CA  1 
ATOM   326  C  C   . VAL A 1 61  ? -4.745  8.875   -0.659  1.00 26.30 ? 584 VAL A C   1 
ATOM   327  O  O   . VAL A 1 61  ? -5.363  7.812   -0.570  1.00 26.02 ? 584 VAL A O   1 
ATOM   328  C  CB  . VAL A 1 61  ? -5.387  10.661  -2.296  1.00 26.51 ? 584 VAL A CB  1 
ATOM   329  C  CG1 . VAL A 1 61  ? -5.680  9.501   -3.248  1.00 26.38 ? 584 VAL A CG1 1 
ATOM   330  C  CG2 . VAL A 1 61  ? -6.364  11.801  -2.538  1.00 26.85 ? 584 VAL A CG2 1 
ATOM   331  N  N   . ARG A 1 62  ? -3.419  8.942   -0.614  1.00 23.96 ? 585 ARG A N   1 
ATOM   332  C  CA  . ARG A 1 62  ? -2.629  7.736   -0.429  1.00 22.14 ? 585 ARG A CA  1 
ATOM   333  C  C   . ARG A 1 62  ? -3.035  7.041   0.869   1.00 22.84 ? 585 ARG A C   1 
ATOM   334  O  O   . ARG A 1 62  ? -3.227  5.827   0.896   1.00 23.67 ? 585 ARG A O   1 
ATOM   335  C  CB  . ARG A 1 62  ? -1.137  8.069   -0.407  1.00 19.03 ? 585 ARG A CB  1 
ATOM   336  C  CG  . ARG A 1 62  ? -0.591  8.486   -1.761  1.00 18.63 ? 585 ARG A CG  1 
ATOM   337  C  CD  . ARG A 1 62  ? 0.923   8.637   -1.746  1.00 18.36 ? 585 ARG A CD  1 
ATOM   338  N  NE  . ARG A 1 62  ? 1.362   9.812   -1.002  1.00 19.10 ? 585 ARG A NE  1 
ATOM   339  C  CZ  . ARG A 1 62  ? 1.475   11.031  -1.518  1.00 19.07 ? 585 ARG A CZ  1 
ATOM   340  N  NH1 . ARG A 1 62  ? 1.184   11.246  -2.793  1.00 17.93 ? 585 ARG A NH1 1 
ATOM   341  N  NH2 . ARG A 1 62  ? 1.881   12.036  -0.757  1.00 19.78 ? 585 ARG A NH2 1 
ATOM   342  N  N   . ILE A 1 63  ? -3.176  7.812   1.945   1.00 22.28 ? 586 ILE A N   1 
ATOM   343  C  CA  . ILE A 1 63  ? -3.572  7.238   3.222   1.00 22.62 ? 586 ILE A CA  1 
ATOM   344  C  C   . ILE A 1 63  ? -4.909  6.525   3.102   1.00 22.55 ? 586 ILE A C   1 
ATOM   345  O  O   . ILE A 1 63  ? -5.052  5.388   3.532   1.00 22.17 ? 586 ILE A O   1 
ATOM   346  C  CB  . ILE A 1 63  ? -3.687  8.318   4.334   1.00 23.87 ? 586 ILE A CB  1 
ATOM   347  C  CG1 . ILE A 1 63  ? -2.292  8.710   4.822   1.00 23.29 ? 586 ILE A CG1 1 
ATOM   348  C  CG2 . ILE A 1 63  ? -4.529  7.794   5.506   1.00 21.20 ? 586 ILE A CG2 1 
ATOM   349  C  CD1 . ILE A 1 63  ? -2.299  9.696   5.968   1.00 24.61 ? 586 ILE A CD1 1 
ATOM   350  N  N   . ALA A 1 64  ? -5.888  7.197   2.514   1.00 23.29 ? 587 ALA A N   1 
ATOM   351  C  CA  . ALA A 1 64  ? -7.215  6.615   2.361   1.00 25.53 ? 587 ALA A CA  1 
ATOM   352  C  C   . ALA A 1 64  ? -7.181  5.332   1.532   1.00 26.48 ? 587 ALA A C   1 
ATOM   353  O  O   . ALA A 1 64  ? -7.759  4.314   1.916   1.00 26.44 ? 587 ALA A O   1 
ATOM   354  C  CB  . ALA A 1 64  ? -8.157  7.630   1.722   1.00 25.80 ? 587 ALA A CB  1 
ATOM   355  N  N   . THR A 1 65  ? -6.490  5.386   0.402   1.00 26.64 ? 588 THR A N   1 
ATOM   356  C  CA  . THR A 1 65  ? -6.389  4.240   -0.482  1.00 26.95 ? 588 THR A CA  1 
ATOM   357  C  C   . THR A 1 65  ? -5.663  3.072   0.175   1.00 27.28 ? 588 THR A C   1 
ATOM   358  O  O   . THR A 1 65  ? -6.121  1.934   0.103   1.00 29.13 ? 588 THR A O   1 
ATOM   359  C  CB  . THR A 1 65  ? -5.668  4.620   -1.782  1.00 26.66 ? 588 THR A CB  1 
ATOM   360  O  OG1 . THR A 1 65  ? -6.317  5.758   -2.363  1.00 27.26 ? 588 THR A OG1 1 
ATOM   361  C  CG2 . THR A 1 65  ? -5.710  3.468   -2.774  1.00 26.21 ? 588 THR A CG2 1 
ATOM   362  N  N   . ILE A 1 66  ? -4.540  3.350   0.823   1.00 26.64 ? 589 ILE A N   1 
ATOM   363  C  CA  . ILE A 1 66  ? -3.779  2.299   1.473   1.00 27.60 ? 589 ILE A CA  1 
ATOM   364  C  C   . ILE A 1 66  ? -4.536  1.626   2.613   1.00 29.68 ? 589 ILE A C   1 
ATOM   365  O  O   . ILE A 1 66  ? -4.558  0.396   2.689   1.00 29.51 ? 589 ILE A O   1 
ATOM   366  C  CB  . ILE A 1 66  ? -2.416  2.828   1.987   1.00 28.53 ? 589 ILE A CB  1 
ATOM   367  C  CG1 . ILE A 1 66  ? -1.480  3.074   0.798   1.00 27.61 ? 589 ILE A CG1 1 
ATOM   368  C  CG2 . ILE A 1 66  ? -1.792  1.834   2.966   1.00 27.84 ? 589 ILE A CG2 1 
ATOM   369  C  CD1 . ILE A 1 66  ? -0.241  3.873   1.137   1.00 26.61 ? 589 ILE A CD1 1 
ATOM   370  N  N   . THR A 1 67  ? -5.165  2.398   3.497   1.00 29.75 ? 590 THR A N   1 
ATOM   371  C  CA  . THR A 1 67  ? -5.882  1.756   4.594   1.00 31.40 ? 590 THR A CA  1 
ATOM   372  C  C   . THR A 1 67  ? -7.069  0.961   4.049   1.00 31.08 ? 590 THR A C   1 
ATOM   373  O  O   . THR A 1 67  ? -7.452  -0.056  4.620   1.00 29.95 ? 590 THR A O   1 
ATOM   374  C  CB  . THR A 1 67  ? -6.390  2.769   5.679   1.00 32.53 ? 590 THR A CB  1 
ATOM   375  O  OG1 . THR A 1 67  ? -7.707  3.229   5.347   1.00 33.77 ? 590 THR A OG1 1 
ATOM   376  C  CG2 . THR A 1 67  ? -5.442  3.955   5.802   1.00 31.38 ? 590 THR A CG2 1 
ATOM   377  N  N   . ALA A 1 68  ? -7.640  1.419   2.939   1.00 30.34 ? 591 ALA A N   1 
ATOM   378  C  CA  . ALA A 1 68  ? -8.775  0.726   2.343   1.00 30.14 ? 591 ALA A CA  1 
ATOM   379  C  C   . ALA A 1 68  ? -8.327  -0.641  1.855   1.00 30.79 ? 591 ALA A C   1 
ATOM   380  O  O   . ALA A 1 68  ? -8.938  -1.657  2.180   1.00 31.92 ? 591 ALA A O   1 
ATOM   381  C  CB  . ALA A 1 68  ? -9.345  1.534   1.187   1.00 29.33 ? 591 ALA A CB  1 
ATOM   382  N  N   . LEU A 1 69  ? -7.256  -0.668  1.071   1.00 30.67 ? 592 LEU A N   1 
ATOM   383  C  CA  . LEU A 1 69  ? -6.741  -1.935  0.572   1.00 30.17 ? 592 LEU A CA  1 
ATOM   384  C  C   . LEU A 1 69  ? -6.345  -2.870  1.715   1.00 30.75 ? 592 LEU A C   1 
ATOM   385  O  O   . LEU A 1 69  ? -6.761  -4.027  1.745   1.00 30.70 ? 592 LEU A O   1 
ATOM   386  C  CB  . LEU A 1 69  ? -5.540  -1.707  -0.347  1.00 27.59 ? 592 LEU A CB  1 
ATOM   387  C  CG  . LEU A 1 69  ? -5.871  -1.536  -1.831  1.00 26.67 ? 592 LEU A CG  1 
ATOM   388  C  CD1 . LEU A 1 69  ? -6.660  -0.250  -2.040  1.00 24.06 ? 592 LEU A CD1 1 
ATOM   389  C  CD2 . LEU A 1 69  ? -4.581  -1.530  -2.644  1.00 25.69 ? 592 LEU A CD2 1 
ATOM   390  N  N   . LEU A 1 70  ? -5.547  -2.364  2.654   1.00 30.71 ? 593 LEU A N   1 
ATOM   391  C  CA  . LEU A 1 70  ? -5.100  -3.165  3.788   1.00 31.13 ? 593 LEU A CA  1 
ATOM   392  C  C   . LEU A 1 70  ? -6.240  -3.718  4.645   1.00 31.88 ? 593 LEU A C   1 
ATOM   393  O  O   . LEU A 1 70  ? -6.097  -4.775  5.266   1.00 32.04 ? 593 LEU A O   1 
ATOM   394  C  CB  . LEU A 1 70  ? -4.133  -2.358  4.660   1.00 30.57 ? 593 LEU A CB  1 
ATOM   395  C  CG  . LEU A 1 70  ? -2.721  -2.193  4.087   1.00 29.77 ? 593 LEU A CG  1 
ATOM   396  C  CD1 . LEU A 1 70  ? -1.898  -1.322  5.021   1.00 29.04 ? 593 LEU A CD1 1 
ATOM   397  C  CD2 . LEU A 1 70  ? -2.058  -3.559  3.909   1.00 29.44 ? 593 LEU A CD2 1 
ATOM   398  N  N   . ARG A 1 71  ? -7.369  -3.019  4.694   1.00 31.96 ? 594 ARG A N   1 
ATOM   399  C  CA  . ARG A 1 71  ? -8.485  -3.518  5.481   1.00 32.72 ? 594 ARG A CA  1 
ATOM   400  C  C   . ARG A 1 71  ? -9.050  -4.732  4.776   1.00 34.51 ? 594 ARG A C   1 
ATOM   401  O  O   . ARG A 1 71  ? -9.326  -5.755  5.406   1.00 34.74 ? 594 ARG A O   1 
ATOM   402  C  CB  . ARG A 1 71  ? -9.574  -2.459  5.648   1.00 32.18 ? 594 ARG A CB  1 
ATOM   403  C  CG  . ARG A 1 71  ? -9.293  -1.486  6.774   1.00 33.78 ? 594 ARG A CG  1 
ATOM   404  C  CD  . ARG A 1 71  ? -10.450 -0.531  6.975   1.00 33.29 ? 594 ARG A CD  1 
ATOM   405  N  NE  . ARG A 1 71  ? -10.153 0.468   7.996   1.00 34.93 ? 594 ARG A NE  1 
ATOM   406  C  CZ  . ARG A 1 71  ? -10.875 1.568   8.190   1.00 36.04 ? 594 ARG A CZ  1 
ATOM   407  N  NH1 . ARG A 1 71  ? -11.936 1.810   7.433   1.00 35.65 ? 594 ARG A NH1 1 
ATOM   408  N  NH2 . ARG A 1 71  ? -10.530 2.433   9.134   1.00 35.40 ? 594 ARG A NH2 1 
ATOM   409  N  N   . ARG A 1 72  ? -9.204  -4.624  3.460   1.00 34.10 ? 595 ARG A N   1 
ATOM   410  C  CA  . ARG A 1 72  ? -9.727  -5.732  2.687   1.00 34.80 ? 595 ARG A CA  1 
ATOM   411  C  C   . ARG A 1 72  ? -8.800  -6.939  2.786   1.00 34.88 ? 595 ARG A C   1 
ATOM   412  O  O   . ARG A 1 72  ? -9.267  -8.072  2.832   1.00 34.64 ? 595 ARG A O   1 
ATOM   413  C  CB  . ARG A 1 72  ? -9.916  -5.325  1.229   1.00 36.13 ? 595 ARG A CB  1 
ATOM   414  C  CG  . ARG A 1 72  ? -10.234 -6.491  0.311   1.00 38.57 ? 595 ARG A CG  1 
ATOM   415  C  CD  . ARG A 1 72  ? -10.891 -6.004  -0.959  1.00 39.15 ? 595 ARG A CD  1 
ATOM   416  N  NE  . ARG A 1 72  ? -12.323 -6.244  -0.973  1.00 44.06 ? 595 ARG A NE  1 
ATOM   417  C  CZ  . ARG A 1 72  ? -12.898 -7.164  -1.737  1.00 46.72 ? 595 ARG A CZ  1 
ATOM   418  N  NH1 . ARG A 1 72  ? -12.149 -7.907  -2.544  1.00 48.29 ? 595 ARG A NH1 1 
ATOM   419  N  NH2 . ARG A 1 72  ? -14.208 -7.367  -1.675  1.00 47.15 ? 595 ARG A NH2 1 
ATOM   420  N  N   . VAL A 1 73  ? -7.491  -6.697  2.821   1.00 34.11 ? 596 VAL A N   1 
ATOM   421  C  CA  . VAL A 1 73  ? -6.537  -7.793  2.944   1.00 34.00 ? 596 VAL A CA  1 
ATOM   422  C  C   . VAL A 1 73  ? -6.746  -8.438  4.307   1.00 34.59 ? 596 VAL A C   1 
ATOM   423  O  O   . VAL A 1 73  ? -6.817  -9.662  4.423   1.00 34.95 ? 596 VAL A O   1 
ATOM   424  C  CB  . VAL A 1 73  ? -5.068  -7.303  2.853   1.00 33.37 ? 596 VAL A CB  1 
ATOM   425  C  CG1 . VAL A 1 73  ? -4.115  -8.443  3.200   1.00 32.13 ? 596 VAL A CG1 1 
ATOM   426  C  CG2 . VAL A 1 73  ? -4.770  -6.793  1.451   1.00 32.95 ? 596 VAL A CG2 1 
ATOM   427  N  N   . TYR A 1 74  ? -6.851  -7.601  5.332   1.00 34.68 ? 597 TYR A N   1 
ATOM   428  C  CA  . TYR A 1 74  ? -7.052  -8.074  6.697   1.00 35.11 ? 597 TYR A CA  1 
ATOM   429  C  C   . TYR A 1 74  ? -8.308  -8.938  6.771   1.00 35.81 ? 597 TYR A C   1 
ATOM   430  O  O   . TYR A 1 74  ? -8.277  -10.063 7.272   1.00 34.66 ? 597 TYR A O   1 
ATOM   431  C  CB  . TYR A 1 74  ? -7.195  -6.882  7.651   1.00 34.58 ? 597 TYR A CB  1 
ATOM   432  C  CG  . TYR A 1 74  ? -7.288  -7.278  9.109   1.00 34.28 ? 597 TYR A CG  1 
ATOM   433  C  CD1 . TYR A 1 74  ? -6.145  -7.629  9.832   1.00 34.52 ? 597 TYR A CD1 1 
ATOM   434  C  CD2 . TYR A 1 74  ? -8.523  -7.343  9.755   1.00 33.71 ? 597 TYR A CD2 1 
ATOM   435  C  CE1 . TYR A 1 74  ? -6.234  -8.038  11.160  1.00 34.68 ? 597 TYR A CE1 1 
ATOM   436  C  CE2 . TYR A 1 74  ? -8.621  -7.751  11.081  1.00 33.44 ? 597 TYR A CE2 1 
ATOM   437  C  CZ  . TYR A 1 74  ? -7.471  -8.096  11.777  1.00 34.36 ? 597 TYR A CZ  1 
ATOM   438  O  OH  . TYR A 1 74  ? -7.550  -8.489  13.091  1.00 35.87 ? 597 TYR A OH  1 
ATOM   439  N  N   . HIS A 1 75  ? -9.410  -8.405  6.256   1.00 36.70 ? 598 HIS A N   1 
ATOM   440  C  CA  . HIS A 1 75  ? -10.677 -9.119  6.277   1.00 38.06 ? 598 HIS A CA  1 
ATOM   441  C  C   . HIS A 1 75  ? -10.516 -10.505 5.649   1.00 38.55 ? 598 HIS A C   1 
ATOM   442  O  O   . HIS A 1 75  ? -10.955 -11.506 6.224   1.00 39.66 ? 598 HIS A O   1 
ATOM   443  C  CB  . HIS A 1 75  ? -11.749 -8.325  5.528   1.00 38.61 ? 598 HIS A CB  1 
ATOM   444  C  CG  . HIS A 1 75  ? -13.150 -8.741  5.852   1.00 41.23 ? 598 HIS A CG  1 
ATOM   445  N  ND1 . HIS A 1 75  ? -14.224 -8.420  5.049   1.00 43.30 ? 598 HIS A ND1 1 
ATOM   446  C  CD2 . HIS A 1 75  ? -13.660 -9.435  6.898   1.00 42.30 ? 598 HIS A CD2 1 
ATOM   447  C  CE1 . HIS A 1 75  ? -15.334 -8.901  5.583   1.00 43.69 ? 598 HIS A CE1 1 
ATOM   448  N  NE2 . HIS A 1 75  ? -15.019 -9.521  6.707   1.00 42.74 ? 598 HIS A NE2 1 
ATOM   449  N  N   . PHE A 1 76  ? -9.880  -10.557 4.481   1.00 37.30 ? 599 PHE A N   1 
ATOM   450  C  CA  . PHE A 1 76  ? -9.662  -11.818 3.785   1.00 36.78 ? 599 PHE A CA  1 
ATOM   451  C  C   . PHE A 1 76  ? -8.937  -12.826 4.668   1.00 37.37 ? 599 PHE A C   1 
ATOM   452  O  O   . PHE A 1 76  ? -9.291  -14.000 4.688   1.00 38.56 ? 599 PHE A O   1 
ATOM   453  C  CB  . PHE A 1 76  ? -8.855  -11.601 2.499   1.00 36.09 ? 599 PHE A CB  1 
ATOM   454  C  CG  . PHE A 1 76  ? -9.699  -11.387 1.271   1.00 35.62 ? 599 PHE A CG  1 
ATOM   455  C  CD1 . PHE A 1 76  ? -10.500 -12.411 0.769   1.00 35.52 ? 599 PHE A CD1 1 
ATOM   456  C  CD2 . PHE A 1 76  ? -9.699  -10.159 0.613   1.00 34.92 ? 599 PHE A CD2 1 
ATOM   457  C  CE1 . PHE A 1 76  ? -11.286 -12.215 -0.370  1.00 34.30 ? 599 PHE A CE1 1 
ATOM   458  C  CE2 . PHE A 1 76  ? -10.480 -9.953  -0.522  1.00 34.26 ? 599 PHE A CE2 1 
ATOM   459  C  CZ  . PHE A 1 76  ? -11.275 -10.984 -1.016  1.00 33.95 ? 599 PHE A CZ  1 
ATOM   460  N  N   . ILE A 1 77  ? -7.927  -12.367 5.399   1.00 37.37 ? 600 ILE A N   1 
ATOM   461  C  CA  . ILE A 1 77  ? -7.163  -13.256 6.266   1.00 36.25 ? 600 ILE A CA  1 
ATOM   462  C  C   . ILE A 1 77  ? -7.913  -13.662 7.542   1.00 36.74 ? 600 ILE A C   1 
ATOM   463  O  O   . ILE A 1 77  ? -7.977  -14.841 7.877   1.00 36.18 ? 600 ILE A O   1 
ATOM   464  C  CB  . ILE A 1 77  ? -5.810  -12.617 6.668   1.00 35.12 ? 600 ILE A CB  1 
ATOM   465  C  CG1 . ILE A 1 77  ? -5.041  -12.196 5.411   1.00 33.53 ? 600 ILE A CG1 1 
ATOM   466  C  CG2 . ILE A 1 77  ? -4.988  -13.614 7.480   1.00 33.12 ? 600 ILE A CG2 1 
ATOM   467  C  CD1 . ILE A 1 77  ? -3.720  -11.518 5.684   1.00 31.60 ? 600 ILE A CD1 1 
ATOM   468  N  N   . ALA A 1 78  ? -8.485  -12.688 8.242   1.00 36.78 ? 601 ALA A N   1 
ATOM   469  C  CA  . ALA A 1 78  ? -9.201  -12.962 9.488   1.00 36.98 ? 601 ALA A CA  1 
ATOM   470  C  C   . ALA A 1 78  ? -10.357 -13.946 9.332   1.00 36.94 ? 601 ALA A C   1 
ATOM   471  O  O   . ALA A 1 78  ? -10.677 -14.687 10.262  1.00 35.67 ? 601 ALA A O   1 
ATOM   472  C  CB  . ALA A 1 78  ? -9.712  -11.658 10.095  1.00 36.87 ? 601 ALA A CB  1 
ATOM   473  N  N   . THR A 1 79  ? -10.982 -13.947 8.158   1.00 37.21 ? 602 THR A N   1 
ATOM   474  C  CA  . THR A 1 79  ? -12.110 -14.837 7.901   1.00 36.35 ? 602 THR A CA  1 
ATOM   475  C  C   . THR A 1 79  ? -11.672 -16.130 7.234   1.00 37.50 ? 602 THR A C   1 
ATOM   476  O  O   . THR A 1 79  ? -12.502 -16.935 6.818   1.00 38.26 ? 602 THR A O   1 
ATOM   477  C  CB  . THR A 1 79  ? -13.159 -14.159 7.001   1.00 35.78 ? 602 THR A CB  1 
ATOM   478  O  OG1 . THR A 1 79  ? -12.591 -13.883 5.711   1.00 35.44 ? 602 THR A OG1 1 
ATOM   479  C  CG2 . THR A 1 79  ? -13.611 -12.863 7.617   1.00 34.19 ? 602 THR A CG2 1 
ATOM   480  N  N   . GLN A 1 80  ? -10.362 -16.324 7.134   1.00 38.35 ? 603 GLN A N   1 
ATOM   481  C  CA  . GLN A 1 80  ? -9.798  -17.520 6.517   1.00 39.03 ? 603 GLN A CA  1 
ATOM   482  C  C   . GLN A 1 80  ? -10.302 -17.758 5.095   1.00 37.57 ? 603 GLN A C   1 
ATOM   483  O  O   . GLN A 1 80  ? -10.445 -18.901 4.663   1.00 38.20 ? 603 GLN A O   1 
ATOM   484  C  CB  . GLN A 1 80  ? -10.089 -18.750 7.385   1.00 40.10 ? 603 GLN A CB  1 
ATOM   485  C  CG  . GLN A 1 80  ? -9.313  -18.762 8.684   1.00 43.76 ? 603 GLN A CG  1 
ATOM   486  C  CD  . GLN A 1 80  ? -9.675  -19.930 9.577   1.00 46.04 ? 603 GLN A CD  1 
ATOM   487  O  OE1 . GLN A 1 80  ? -10.828 -20.072 9.992   1.00 47.00 ? 603 GLN A OE1 1 
ATOM   488  N  NE2 . GLN A 1 80  ? -8.691  -20.774 9.880   1.00 46.98 ? 603 GLN A NE2 1 
ATOM   489  N  N   . THR A 1 81  ? -10.569 -16.681 4.370   1.00 35.30 ? 604 THR A N   1 
ATOM   490  C  CA  . THR A 1 81  ? -11.039 -16.799 2.997   1.00 34.26 ? 604 THR A CA  1 
ATOM   491  C  C   . THR A 1 81  ? -9.827  -16.925 2.067   1.00 32.78 ? 604 THR A C   1 
ATOM   492  O  O   . THR A 1 81  ? -9.934  -17.442 0.960   1.00 32.40 ? 604 THR A O   1 
ATOM   493  C  CB  . THR A 1 81  ? -11.878 -15.565 2.597   1.00 34.47 ? 604 THR A CB  1 
ATOM   494  O  OG1 . THR A 1 81  ? -12.950 -15.396 3.533   1.00 34.16 ? 604 THR A OG1 1 
ATOM   495  C  CG2 . THR A 1 81  ? -12.461 -15.734 1.202   1.00 33.97 ? 604 THR A CG2 1 
ATOM   496  N  N   . LEU A 1 82  ? -8.678  -16.450 2.540   1.00 31.65 ? 605 LEU A N   1 
ATOM   497  C  CA  . LEU A 1 82  ? -7.425  -16.497 1.791   1.00 31.79 ? 605 LEU A CA  1 
ATOM   498  C  C   . LEU A 1 82  ? -6.251  -16.371 2.752   1.00 32.69 ? 605 LEU A C   1 
ATOM   499  O  O   . LEU A 1 82  ? -6.352  -15.691 3.772   1.00 33.38 ? 605 LEU A O   1 
ATOM   500  C  CB  . LEU A 1 82  ? -7.357  -15.358 0.771   1.00 30.49 ? 605 LEU A CB  1 
ATOM   501  C  CG  . LEU A 1 82  ? -8.191  -15.463 -0.506  1.00 30.42 ? 605 LEU A CG  1 
ATOM   502  C  CD1 . LEU A 1 82  ? -7.986  -14.213 -1.343  1.00 28.79 ? 605 LEU A CD1 1 
ATOM   503  C  CD2 . LEU A 1 82  ? -7.782  -16.696 -1.295  1.00 29.30 ? 605 LEU A CD2 1 
ATOM   504  N  N   . GLY A 1 83  ? -5.140  -17.020 2.430   1.00 33.31 ? 606 GLY A N   1 
ATOM   505  C  CA  . GLY A 1 83  ? -3.980  -16.945 3.297   1.00 33.60 ? 606 GLY A CA  1 
ATOM   506  C  C   . GLY A 1 83  ? -3.341  -15.577 3.196   1.00 34.27 ? 606 GLY A C   1 
ATOM   507  O  O   . GLY A 1 83  ? -3.698  -14.802 2.312   1.00 34.11 ? 606 GLY A O   1 
ATOM   508  N  N   . PRO A 1 84  ? -2.395  -15.242 4.084   1.00 34.30 ? 607 PRO A N   1 
ATOM   509  C  CA  . PRO A 1 84  ? -1.729  -13.937 4.053   1.00 34.02 ? 607 PRO A CA  1 
ATOM   510  C  C   . PRO A 1 84  ? -1.247  -13.503 2.663   1.00 33.96 ? 607 PRO A C   1 
ATOM   511  O  O   . PRO A 1 84  ? -1.813  -12.587 2.064   1.00 33.65 ? 607 PRO A O   1 
ATOM   512  C  CB  . PRO A 1 84  ? -0.584  -14.126 5.039   1.00 34.14 ? 607 PRO A CB  1 
ATOM   513  C  CG  . PRO A 1 84  ? -1.197  -15.016 6.061   1.00 34.45 ? 607 PRO A CG  1 
ATOM   514  C  CD  . PRO A 1 84  ? -1.895  -16.054 5.206   1.00 34.96 ? 607 PRO A CD  1 
ATOM   515  N  N   . LYS A 1 85  ? -0.210  -14.161 2.148   1.00 34.30 ? 608 LYS A N   1 
ATOM   516  C  CA  . LYS A 1 85  ? 0.323   -13.802 0.838   1.00 36.63 ? 608 LYS A CA  1 
ATOM   517  C  C   . LYS A 1 85  ? -0.770  -13.700 -0.222  1.00 36.87 ? 608 LYS A C   1 
ATOM   518  O  O   . LYS A 1 85  ? -0.886  -12.680 -0.899  1.00 38.15 ? 608 LYS A O   1 
ATOM   519  C  CB  . LYS A 1 85  ? 1.391   -14.803 0.385   1.00 38.02 ? 608 LYS A CB  1 
ATOM   520  C  CG  . LYS A 1 85  ? 2.041   -14.425 -0.946  1.00 40.84 ? 608 LYS A CG  1 
ATOM   521  C  CD  . LYS A 1 85  ? 3.146   -15.399 -1.340  1.00 43.65 ? 608 LYS A CD  1 
ATOM   522  C  CE  . LYS A 1 85  ? 3.735   -15.057 -2.709  1.00 45.06 ? 608 LYS A CE  1 
ATOM   523  N  NZ  . LYS A 1 85  ? 4.870   -15.955 -3.072  1.00 45.98 ? 608 LYS A NZ  1 
ATOM   524  N  N   . ASP A 1 86  ? -1.574  -14.750 -0.363  1.00 36.09 ? 609 ASP A N   1 
ATOM   525  C  CA  . ASP A 1 86  ? -2.658  -14.756 -1.340  1.00 35.13 ? 609 ASP A CA  1 
ATOM   526  C  C   . ASP A 1 86  ? -3.562  -13.535 -1.202  1.00 33.96 ? 609 ASP A C   1 
ATOM   527  O  O   . ASP A 1 86  ? -3.929  -12.911 -2.200  1.00 33.94 ? 609 ASP A O   1 
ATOM   528  C  CB  . ASP A 1 86  ? -3.495  -16.029 -1.186  1.00 36.53 ? 609 ASP A CB  1 
ATOM   529  C  CG  . ASP A 1 86  ? -2.740  -17.277 -1.600  1.00 37.56 ? 609 ASP A CG  1 
ATOM   530  O  OD1 . ASP A 1 86  ? -3.161  -18.380 -1.194  1.00 38.66 ? 609 ASP A OD1 1 
ATOM   531  O  OD2 . ASP A 1 86  ? -1.736  -17.158 -2.339  1.00 37.28 ? 609 ASP A OD2 1 
ATOM   532  N  N   . ALA A 1 87  ? -3.924  -13.194 0.033   1.00 32.08 ? 610 ALA A N   1 
ATOM   533  C  CA  . ALA A 1 87  ? -4.797  -12.048 0.276   1.00 31.45 ? 610 ALA A CA  1 
ATOM   534  C  C   . ALA A 1 87  ? -4.158  -10.749 -0.217  1.00 30.87 ? 610 ALA A C   1 
ATOM   535  O  O   . ALA A 1 87  ? -4.804  -9.944  -0.886  1.00 29.78 ? 610 ALA A O   1 
ATOM   536  C  CB  . ALA A 1 87  ? -5.129  -11.941 1.761   1.00 30.31 ? 610 ALA A CB  1 
ATOM   537  N  N   . VAL A 1 88  ? -2.886  -10.555 0.112   1.00 30.62 ? 611 VAL A N   1 
ATOM   538  C  CA  . VAL A 1 88  ? -2.186  -9.357  -0.310  1.00 31.13 ? 611 VAL A CA  1 
ATOM   539  C  C   . VAL A 1 88  ? -2.154  -9.308  -1.831  1.00 31.24 ? 611 VAL A C   1 
ATOM   540  O  O   . VAL A 1 88  ? -2.524  -8.300  -2.433  1.00 31.22 ? 611 VAL A O   1 
ATOM   541  C  CB  . VAL A 1 88  ? -0.746  -9.316  0.255   1.00 31.37 ? 611 VAL A CB  1 
ATOM   542  C  CG1 . VAL A 1 88  ? 0.048   -8.197  -0.409  1.00 31.24 ? 611 VAL A CG1 1 
ATOM   543  C  CG2 . VAL A 1 88  ? -0.792  -9.089  1.762   1.00 30.46 ? 611 VAL A CG2 1 
ATOM   544  N  N   . VAL A 1 89  ? -1.731  -10.404 -2.451  1.00 31.62 ? 612 VAL A N   1 
ATOM   545  C  CA  . VAL A 1 89  ? -1.657  -10.482 -3.909  1.00 31.83 ? 612 VAL A CA  1 
ATOM   546  C  C   . VAL A 1 89  ? -3.006  -10.203 -4.574  1.00 31.42 ? 612 VAL A C   1 
ATOM   547  O  O   . VAL A 1 89  ? -3.088  -9.442  -5.534  1.00 31.31 ? 612 VAL A O   1 
ATOM   548  C  CB  . VAL A 1 89  ? -1.146  -11.874 -4.350  1.00 33.10 ? 612 VAL A CB  1 
ATOM   549  C  CG1 . VAL A 1 89  ? -1.177  -11.988 -5.855  1.00 34.05 ? 612 VAL A CG1 1 
ATOM   550  C  CG2 . VAL A 1 89  ? 0.277   -12.090 -3.847  1.00 33.15 ? 612 VAL A CG2 1 
ATOM   551  N  N   . LYS A 1 90  ? -4.061  -10.818 -4.048  1.00 31.57 ? 613 LYS A N   1 
ATOM   552  C  CA  . LYS A 1 90  ? -5.409  -10.655 -4.582  1.00 32.13 ? 613 LYS A CA  1 
ATOM   553  C  C   . LYS A 1 90  ? -5.801  -9.180  -4.612  1.00 32.26 ? 613 LYS A C   1 
ATOM   554  O  O   . LYS A 1 90  ? -6.358  -8.698  -5.598  1.00 31.71 ? 613 LYS A O   1 
ATOM   555  C  CB  . LYS A 1 90  ? -6.405  -11.441 -3.719  1.00 31.95 ? 613 LYS A CB  1 
ATOM   556  C  CG  . LYS A 1 90  ? -7.729  -11.827 -4.395  1.00 34.01 ? 613 LYS A CG  1 
ATOM   557  C  CD  . LYS A 1 90  ? -8.677  -10.663 -4.559  1.00 34.48 ? 613 LYS A CD  1 
ATOM   558  C  CE  . LYS A 1 90  ? -10.048 -11.138 -5.034  1.00 35.56 ? 613 LYS A CE  1 
ATOM   559  N  NZ  . LYS A 1 90  ? -9.992  -11.871 -6.329  1.00 36.06 ? 613 LYS A NZ  1 
ATOM   560  N  N   . VAL A 1 91  ? -5.498  -8.466  -3.531  1.00 31.39 ? 614 VAL A N   1 
ATOM   561  C  CA  . VAL A 1 91  ? -5.840  -7.054  -3.420  1.00 29.85 ? 614 VAL A CA  1 
ATOM   562  C  C   . VAL A 1 91  ? -4.884  -6.109  -4.151  1.00 28.59 ? 614 VAL A C   1 
ATOM   563  O  O   . VAL A 1 91  ? -5.305  -5.331  -5.006  1.00 27.12 ? 614 VAL A O   1 
ATOM   564  C  CB  . VAL A 1 91  ? -5.921  -6.632  -1.939  1.00 30.38 ? 614 VAL A CB  1 
ATOM   565  C  CG1 . VAL A 1 91  ? -6.215  -5.148  -1.838  1.00 29.75 ? 614 VAL A CG1 1 
ATOM   566  C  CG2 . VAL A 1 91  ? -7.008  -7.431  -1.228  1.00 30.21 ? 614 VAL A CG2 1 
ATOM   567  N  N   . PHE A 1 92  ? -3.600  -6.178  -3.823  1.00 27.81 ? 615 PHE A N   1 
ATOM   568  C  CA  . PHE A 1 92  ? -2.624  -5.299  -4.449  1.00 28.92 ? 615 PHE A CA  1 
ATOM   569  C  C   . PHE A 1 92  ? -2.380  -5.482  -5.944  1.00 30.21 ? 615 PHE A C   1 
ATOM   570  O  O   . PHE A 1 92  ? -2.260  -4.495  -6.666  1.00 30.10 ? 615 PHE A O   1 
ATOM   571  C  CB  . PHE A 1 92  ? -1.309  -5.370  -3.683  1.00 27.58 ? 615 PHE A CB  1 
ATOM   572  C  CG  . PHE A 1 92  ? -1.332  -4.589  -2.402  1.00 29.12 ? 615 PHE A CG  1 
ATOM   573  C  CD1 . PHE A 1 92  ? -0.740  -3.331  -2.326  1.00 27.29 ? 615 PHE A CD1 1 
ATOM   574  C  CD2 . PHE A 1 92  ? -1.988  -5.091  -1.280  1.00 28.14 ? 615 PHE A CD2 1 
ATOM   575  C  CE1 . PHE A 1 92  ? -0.813  -2.577  -1.155  1.00 26.92 ? 615 PHE A CE1 1 
ATOM   576  C  CE2 . PHE A 1 92  ? -2.065  -4.344  -0.105  1.00 28.98 ? 615 PHE A CE2 1 
ATOM   577  C  CZ  . PHE A 1 92  ? -1.473  -3.088  -0.041  1.00 27.99 ? 615 PHE A CZ  1 
ATOM   578  N  N   . ASN A 1 93  ? -2.307  -6.724  -6.416  1.00 31.18 ? 616 ASN A N   1 
ATOM   579  C  CA  . ASN A 1 93  ? -2.088  -6.963  -7.838  1.00 32.52 ? 616 ASN A CA  1 
ATOM   580  C  C   . ASN A 1 93  ? -3.116  -6.222  -8.684  1.00 31.01 ? 616 ASN A C   1 
ATOM   581  O  O   . ASN A 1 93  ? -2.810  -5.744  -9.779  1.00 32.35 ? 616 ASN A O   1 
ATOM   582  C  CB  . ASN A 1 93  ? -2.161  -8.458  -8.156  1.00 35.59 ? 616 ASN A CB  1 
ATOM   583  C  CG  . ASN A 1 93  ? -0.799  -9.065  -8.397  1.00 38.92 ? 616 ASN A CG  1 
ATOM   584  O  OD1 . ASN A 1 93  ? -0.565  -9.707  -9.428  1.00 42.24 ? 616 ASN A OD1 1 
ATOM   585  N  ND2 . ASN A 1 93  ? 0.115   -8.870  -7.448  1.00 39.16 ? 616 ASN A ND2 1 
ATOM   586  N  N   . GLN A 1 94  ? -4.333  -6.117  -8.169  1.00 29.81 ? 617 GLN A N   1 
ATOM   587  C  CA  . GLN A 1 94  ? -5.394  -5.437  -8.896  1.00 30.82 ? 617 GLN A CA  1 
ATOM   588  C  C   . GLN A 1 94  ? -5.453  -3.942  -8.593  1.00 31.85 ? 617 GLN A C   1 
ATOM   589  O  O   . GLN A 1 94  ? -5.331  -3.109  -9.491  1.00 32.04 ? 617 GLN A O   1 
ATOM   590  C  CB  . GLN A 1 94  ? -6.751  -6.079  -8.574  1.00 29.78 ? 617 GLN A CB  1 
ATOM   591  C  CG  . GLN A 1 94  ? -7.943  -5.443  -9.290  1.00 29.25 ? 617 GLN A CG  1 
ATOM   592  C  CD  . GLN A 1 94  ? -9.266  -6.121  -8.955  1.00 32.27 ? 617 GLN A CD  1 
ATOM   593  O  OE1 . GLN A 1 94  ? -10.300 -5.833  -9.567  1.00 32.85 ? 617 GLN A OE1 1 
ATOM   594  N  NE2 . GLN A 1 94  ? -9.240  -7.021  -7.975  1.00 31.89 ? 617 GLN A NE2 1 
ATOM   595  N  N   . TRP A 1 95  ? -5.616  -3.603  -7.318  1.00 32.10 ? 618 TRP A N   1 
ATOM   596  C  CA  . TRP A 1 95  ? -5.743  -2.211  -6.919  1.00 32.25 ? 618 TRP A CA  1 
ATOM   597  C  C   . TRP A 1 95  ? -4.484  -1.398  -6.650  1.00 31.69 ? 618 TRP A C   1 
ATOM   598  O  O   . TRP A 1 95  ? -4.533  -0.172  -6.652  1.00 31.79 ? 618 TRP A O   1 
ATOM   599  C  CB  . TRP A 1 95  ? -6.691  -2.142  -5.731  1.00 31.70 ? 618 TRP A CB  1 
ATOM   600  C  CG  . TRP A 1 95  ? -8.007  -2.686  -6.118  1.00 32.62 ? 618 TRP A CG  1 
ATOM   601  C  CD1 . TRP A 1 95  ? -8.506  -3.931  -5.855  1.00 31.92 ? 618 TRP A CD1 1 
ATOM   602  C  CD2 . TRP A 1 95  ? -8.960  -2.040  -6.950  1.00 33.45 ? 618 TRP A CD2 1 
ATOM   603  N  NE1 . TRP A 1 95  ? -9.716  -4.096  -6.481  1.00 31.92 ? 618 TRP A NE1 1 
ATOM   604  C  CE2 . TRP A 1 95  ? -10.019 -2.945  -7.164  1.00 32.46 ? 618 TRP A CE2 1 
ATOM   605  C  CE3 . TRP A 1 95  ? -9.024  -0.772  -7.544  1.00 33.46 ? 618 TRP A CE3 1 
ATOM   606  C  CZ2 . TRP A 1 95  ? -11.124 -2.627  -7.940  1.00 33.41 ? 618 TRP A CZ2 1 
ATOM   607  C  CZ3 . TRP A 1 95  ? -10.116 -0.456  -8.312  1.00 34.23 ? 618 TRP A CZ3 1 
ATOM   608  C  CH2 . TRP A 1 95  ? -11.153 -1.378  -8.504  1.00 34.10 ? 618 TRP A CH2 1 
ATOM   609  N  N   . GLY A 1 96  ? -3.358  -2.067  -6.435  1.00 30.93 ? 619 GLY A N   1 
ATOM   610  C  CA  . GLY A 1 96  ? -2.126  -1.343  -6.189  1.00 30.18 ? 619 GLY A CA  1 
ATOM   611  C  C   . GLY A 1 96  ? -1.772  -0.428  -7.349  1.00 30.73 ? 619 GLY A C   1 
ATOM   612  O  O   . GLY A 1 96  ? -0.985  0.507   -7.197  1.00 29.80 ? 619 GLY A O   1 
ATOM   613  N  N   . LEU A 1 97  ? -2.353  -0.701  -8.515  1.00 30.22 ? 620 LEU A N   1 
ATOM   614  C  CA  . LEU A 1 97  ? -2.104  0.103   -9.706  1.00 29.84 ? 620 LEU A CA  1 
ATOM   615  C  C   . LEU A 1 97  ? -2.601  1.533   -9.527  1.00 29.20 ? 620 LEU A C   1 
ATOM   616  O  O   . LEU A 1 97  ? -2.133  2.448   -10.205 1.00 28.52 ? 620 LEU A O   1 
ATOM   617  C  CB  . LEU A 1 97  ? -2.777  -0.534  -10.923 1.00 30.87 ? 620 LEU A CB  1 
ATOM   618  C  CG  . LEU A 1 97  ? -2.125  -1.791  -11.503 1.00 33.35 ? 620 LEU A CG  1 
ATOM   619  C  CD1 . LEU A 1 97  ? -2.955  -2.319  -12.663 1.00 30.90 ? 620 LEU A CD1 1 
ATOM   620  C  CD2 . LEU A 1 97  ? -0.721  -1.458  -11.972 1.00 33.38 ? 620 LEU A CD2 1 
ATOM   621  N  N   . LEU A 1 98  ? -3.549  1.715   -8.608  1.00 29.15 ? 621 LEU A N   1 
ATOM   622  C  CA  . LEU A 1 98  ? -4.104  3.036   -8.324  1.00 29.08 ? 621 LEU A CA  1 
ATOM   623  C  C   . LEU A 1 98  ? -3.004  3.970   -7.839  1.00 28.78 ? 621 LEU A C   1 
ATOM   624  O  O   . LEU A 1 98  ? -3.075  5.181   -8.046  1.00 27.72 ? 621 LEU A O   1 
ATOM   625  C  CB  . LEU A 1 98  ? -5.179  2.956   -7.234  1.00 30.03 ? 621 LEU A CB  1 
ATOM   626  C  CG  . LEU A 1 98  ? -6.581  2.393   -7.495  1.00 30.50 ? 621 LEU A CG  1 
ATOM   627  C  CD1 . LEU A 1 98  ? -7.294  2.198   -6.167  1.00 27.82 ? 621 LEU A CD1 1 
ATOM   628  C  CD2 . LEU A 1 98  ? -7.368  3.341   -8.382  1.00 30.47 ? 621 LEU A CD2 1 
ATOM   629  N  N   . PHE A 1 99  ? -1.990  3.401   -7.192  1.00 27.91 ? 622 PHE A N   1 
ATOM   630  C  CA  . PHE A 1 99  ? -0.886  4.187   -6.665  1.00 28.17 ? 622 PHE A CA  1 
ATOM   631  C  C   . PHE A 1 99  ? -0.067  4.952   -7.707  1.00 28.98 ? 622 PHE A C   1 
ATOM   632  O  O   . PHE A 1 99  ? 0.398   6.055   -7.425  1.00 27.85 ? 622 PHE A O   1 
ATOM   633  C  CB  . PHE A 1 99  ? 0.047   3.301   -5.826  1.00 27.01 ? 622 PHE A CB  1 
ATOM   634  C  CG  . PHE A 1 99  ? -0.622  2.674   -4.634  1.00 26.21 ? 622 PHE A CG  1 
ATOM   635  C  CD1 . PHE A 1 99  ? -1.625  3.350   -3.945  1.00 25.54 ? 622 PHE A CD1 1 
ATOM   636  C  CD2 . PHE A 1 99  ? -0.237  1.412   -4.191  1.00 26.17 ? 622 PHE A CD2 1 
ATOM   637  C  CE1 . PHE A 1 99  ? -2.246  2.772   -2.840  1.00 27.40 ? 622 PHE A CE1 1 
ATOM   638  C  CE2 . PHE A 1 99  ? -0.851  0.827   -3.088  1.00 25.97 ? 622 PHE A CE2 1 
ATOM   639  C  CZ  . PHE A 1 99  ? -1.853  1.510   -2.409  1.00 27.25 ? 622 PHE A CZ  1 
ATOM   640  N  N   . LYS A 1 100 ? 0.114   4.399   -8.907  1.00 29.55 ? 623 LYS A N   1 
ATOM   641  C  CA  . LYS A 1 100 ? 0.906   5.121   -9.901  1.00 31.68 ? 623 LYS A CA  1 
ATOM   642  C  C   . LYS A 1 100 ? 0.306   6.465   -10.301 1.00 30.44 ? 623 LYS A C   1 
ATOM   643  O  O   . LYS A 1 100 ? 0.975   7.282   -10.926 1.00 30.68 ? 623 LYS A O   1 
ATOM   644  C  CB  . LYS A 1 100 ? 1.194   4.266   -11.150 1.00 34.13 ? 623 LYS A CB  1 
ATOM   645  C  CG  . LYS A 1 100 ? 0.006   3.710   -11.915 1.00 38.74 ? 623 LYS A CG  1 
ATOM   646  C  CD  . LYS A 1 100 ? 0.501   2.987   -13.186 1.00 40.79 ? 623 LYS A CD  1 
ATOM   647  C  CE  . LYS A 1 100 ? 1.534   1.901   -12.865 1.00 42.17 ? 623 LYS A CE  1 
ATOM   648  N  NZ  . LYS A 1 100 ? 2.060   1.200   -14.080 1.00 44.04 ? 623 LYS A NZ  1 
ATOM   649  N  N   . ARG A 1 101 ? -0.947  6.697   -9.930  1.00 29.50 ? 624 ARG A N   1 
ATOM   650  C  CA  . ARG A 1 101 ? -1.595  7.969   -10.225 1.00 28.24 ? 624 ARG A CA  1 
ATOM   651  C  C   . ARG A 1 101 ? -1.996  8.663   -8.931  1.00 27.41 ? 624 ARG A C   1 
ATOM   652  O  O   . ARG A 1 101 ? -2.950  9.433   -8.890  1.00 26.18 ? 624 ARG A O   1 
ATOM   653  C  CB  . ARG A 1 101 ? -2.814  7.769   -11.129 1.00 28.40 ? 624 ARG A CB  1 
ATOM   654  C  CG  . ARG A 1 101 ? -2.464  7.768   -12.609 1.00 26.88 ? 624 ARG A CG  1 
ATOM   655  C  CD  . ARG A 1 101 ? -3.673  7.515   -13.474 1.00 28.45 ? 624 ARG A CD  1 
ATOM   656  N  NE  . ARG A 1 101 ? -4.187  6.164   -13.292 1.00 30.00 ? 624 ARG A NE  1 
ATOM   657  C  CZ  . ARG A 1 101 ? -5.285  5.698   -13.881 1.00 31.56 ? 624 ARG A CZ  1 
ATOM   658  N  NH1 . ARG A 1 101 ? -5.989  6.481   -14.691 1.00 30.83 ? 624 ARG A NH1 1 
ATOM   659  N  NH2 . ARG A 1 101 ? -5.674  4.449   -13.666 1.00 30.07 ? 624 ARG A NH2 1 
ATOM   660  N  N   . GLN A 1 102 ? -1.250  8.367   -7.871  1.00 26.93 ? 625 GLN A N   1 
ATOM   661  C  CA  . GLN A 1 102 ? -1.468  8.961   -6.557  1.00 27.06 ? 625 GLN A CA  1 
ATOM   662  C  C   . GLN A 1 102 ? -0.123  9.412   -5.999  1.00 25.87 ? 625 GLN A C   1 
ATOM   663  O  O   . GLN A 1 102 ? -0.031  9.907   -4.882  1.00 26.03 ? 625 GLN A O   1 
ATOM   664  C  CB  . GLN A 1 102 ? -2.117  7.957   -5.598  1.00 26.28 ? 625 GLN A CB  1 
ATOM   665  C  CG  . GLN A 1 102 ? -3.534  7.540   -5.977  1.00 26.27 ? 625 GLN A CG  1 
ATOM   666  C  CD  . GLN A 1 102 ? -4.180  6.665   -4.919  1.00 27.56 ? 625 GLN A CD  1 
ATOM   667  O  OE1 . GLN A 1 102 ? -3.492  6.017   -4.139  1.00 30.01 ? 625 GLN A OE1 1 
ATOM   668  N  NE2 . GLN A 1 102 ? -5.503  6.632   -4.897  1.00 29.75 ? 625 GLN A NE2 1 
ATOM   669  N  N   . ALA A 1 103 ? 0.916   9.221   -6.806  1.00 26.41 ? 626 ALA A N   1 
ATOM   670  C  CA  . ALA A 1 103 ? 2.282   9.599   -6.457  1.00 27.66 ? 626 ALA A CA  1 
ATOM   671  C  C   . ALA A 1 103 ? 2.976   9.970   -7.763  1.00 28.53 ? 626 ALA A C   1 
ATOM   672  O  O   . ALA A 1 103 ? 2.980   9.193   -8.717  1.00 29.57 ? 626 ALA A O   1 
ATOM   673  C  CB  . ALA A 1 103 ? 3.004   8.438   -5.783  1.00 26.78 ? 626 ALA A CB  1 
ATOM   674  N  N   . PHE A 1 104 ? 3.570   11.157  -7.803  1.00 29.08 ? 627 PHE A N   1 
ATOM   675  C  CA  . PHE A 1 104 ? 4.211   11.622  -9.022  1.00 29.98 ? 627 PHE A CA  1 
ATOM   676  C  C   . PHE A 1 104 ? 5.704   11.855  -8.910  1.00 29.95 ? 627 PHE A C   1 
ATOM   677  O  O   . PHE A 1 104 ? 6.388   12.012  -9.925  1.00 31.22 ? 627 PHE A O   1 
ATOM   678  C  CB  . PHE A 1 104 ? 3.486   12.870  -9.492  1.00 30.37 ? 627 PHE A CB  1 
ATOM   679  C  CG  . PHE A 1 104 ? 2.009   12.703  -9.475  1.00 31.56 ? 627 PHE A CG  1 
ATOM   680  C  CD1 . PHE A 1 104 ? 1.361   12.031  -10.507 1.00 33.53 ? 627 PHE A CD1 1 
ATOM   681  C  CD2 . PHE A 1 104 ? 1.272   13.102  -8.364  1.00 32.12 ? 627 PHE A CD2 1 
ATOM   682  C  CE1 . PHE A 1 104 ? -0.004  11.747  -10.423 1.00 34.68 ? 627 PHE A CE1 1 
ATOM   683  C  CE2 . PHE A 1 104 ? -0.088  12.823  -8.272  1.00 32.61 ? 627 PHE A CE2 1 
ATOM   684  C  CZ  . PHE A 1 104 ? -0.727  12.146  -9.300  1.00 33.37 ? 627 PHE A CZ  1 
ATOM   685  N  N   . ASP A 1 105 ? 6.215   11.906  -7.688  1.00 29.46 ? 628 ASP A N   1 
ATOM   686  C  CA  . ASP A 1 105 ? 7.649   12.044  -7.537  1.00 30.53 ? 628 ASP A CA  1 
ATOM   687  C  C   . ASP A 1 105 ? 8.188   11.086  -6.490  1.00 30.72 ? 628 ASP A C   1 
ATOM   688  O  O   . ASP A 1 105 ? 7.438   10.401  -5.789  1.00 30.79 ? 628 ASP A O   1 
ATOM   689  C  CB  . ASP A 1 105 ? 8.085   13.493  -7.247  1.00 30.93 ? 628 ASP A CB  1 
ATOM   690  C  CG  . ASP A 1 105 ? 7.654   13.990  -5.898  1.00 32.34 ? 628 ASP A CG  1 
ATOM   691  O  OD1 . ASP A 1 105 ? 7.349   13.165  -5.012  1.00 33.71 ? 628 ASP A OD1 1 
ATOM   692  O  OD2 . ASP A 1 105 ? 7.642   15.229  -5.727  1.00 33.66 ? 628 ASP A OD2 1 
ATOM   693  N  N   . GLU A 1 106 ? 9.506   11.035  -6.418  1.00 29.96 ? 629 GLU A N   1 
ATOM   694  C  CA  . GLU A 1 106 ? 10.208  10.151  -5.515  1.00 31.60 ? 629 GLU A CA  1 
ATOM   695  C  C   . GLU A 1 106 ? 9.714   10.153  -4.071  1.00 30.71 ? 629 GLU A C   1 
ATOM   696  O  O   . GLU A 1 106 ? 9.353   9.099   -3.541  1.00 29.39 ? 629 GLU A O   1 
ATOM   697  C  CB  . GLU A 1 106 ? 11.692  10.479  -5.561  1.00 33.42 ? 629 GLU A CB  1 
ATOM   698  C  CG  . GLU A 1 106 ? 12.565  9.379   -5.040  1.00 38.26 ? 629 GLU A CG  1 
ATOM   699  C  CD  . GLU A 1 106 ? 13.970  9.472   -5.592  1.00 42.21 ? 629 GLU A CD  1 
ATOM   700  O  OE1 . GLU A 1 106 ? 14.696  10.428  -5.227  1.00 42.99 ? 629 GLU A OE1 1 
ATOM   701  O  OE2 . GLU A 1 106 ? 14.342  8.595   -6.405  1.00 43.84 ? 629 GLU A OE2 1 
ATOM   702  N  N   . GLU A 1 107 ? 9.691   11.319  -3.431  1.00 29.93 ? 630 GLU A N   1 
ATOM   703  C  CA  . GLU A 1 107 ? 9.240   11.362  -2.049  1.00 31.40 ? 630 GLU A CA  1 
ATOM   704  C  C   . GLU A 1 107 ? 7.800   10.890  -1.880  1.00 30.64 ? 630 GLU A C   1 
ATOM   705  O  O   . GLU A 1 107 ? 7.460   10.295  -0.855  1.00 31.78 ? 630 GLU A O   1 
ATOM   706  C  CB  . GLU A 1 107 ? 9.433   12.759  -1.436  1.00 32.06 ? 630 GLU A CB  1 
ATOM   707  C  CG  . GLU A 1 107 ? 8.934   13.923  -2.246  1.00 33.83 ? 630 GLU A CG  1 
ATOM   708  C  CD  . GLU A 1 107 ? 9.249   15.243  -1.567  1.00 36.73 ? 630 GLU A CD  1 
ATOM   709  O  OE1 . GLU A 1 107 ? 8.481   15.638  -0.660  1.00 37.04 ? 630 GLU A OE1 1 
ATOM   710  O  OE2 . GLU A 1 107 ? 10.277  15.870  -1.928  1.00 34.73 ? 630 GLU A OE2 1 
ATOM   711  N  N   . GLU A 1 108 ? 6.957   11.128  -2.879  1.00 28.04 ? 631 GLU A N   1 
ATOM   712  C  CA  . GLU A 1 108 ? 5.576   10.684  -2.779  1.00 27.04 ? 631 GLU A CA  1 
ATOM   713  C  C   . GLU A 1 108 ? 5.517   9.156   -2.807  1.00 25.40 ? 631 GLU A C   1 
ATOM   714  O  O   . GLU A 1 108 ? 4.622   8.551   -2.223  1.00 24.08 ? 631 GLU A O   1 
ATOM   715  C  CB  . GLU A 1 108 ? 4.730   11.304  -3.893  1.00 28.03 ? 631 GLU A CB  1 
ATOM   716  C  CG  . GLU A 1 108 ? 4.473   12.791  -3.671  1.00 31.96 ? 631 GLU A CG  1 
ATOM   717  C  CD  . GLU A 1 108 ? 3.457   13.375  -4.633  1.00 34.66 ? 631 GLU A CD  1 
ATOM   718  O  OE1 . GLU A 1 108 ? 3.764   13.457  -5.837  1.00 36.61 ? 631 GLU A OE1 1 
ATOM   719  O  OE2 . GLU A 1 108 ? 2.351   13.752  -4.183  1.00 36.79 ? 631 GLU A OE2 1 
ATOM   720  N  N   . TYR A 1 109 ? 6.481   8.530   -3.477  1.00 24.52 ? 632 TYR A N   1 
ATOM   721  C  CA  . TYR A 1 109 ? 6.522   7.074   -3.520  1.00 24.92 ? 632 TYR A CA  1 
ATOM   722  C  C   . TYR A 1 109 ? 7.132   6.587   -2.211  1.00 23.64 ? 632 TYR A C   1 
ATOM   723  O  O   . TYR A 1 109 ? 6.781   5.521   -1.712  1.00 21.96 ? 632 TYR A O   1 
ATOM   724  C  CB  . TYR A 1 109 ? 7.343   6.575   -4.714  1.00 26.85 ? 632 TYR A CB  1 
ATOM   725  C  CG  . TYR A 1 109 ? 6.534   6.472   -5.989  1.00 29.44 ? 632 TYR A CG  1 
ATOM   726  C  CD1 . TYR A 1 109 ? 5.566   5.479   -6.143  1.00 30.35 ? 632 TYR A CD1 1 
ATOM   727  C  CD2 . TYR A 1 109 ? 6.700   7.395   -7.023  1.00 31.17 ? 632 TYR A CD2 1 
ATOM   728  C  CE1 . TYR A 1 109 ? 4.777   5.409   -7.294  1.00 31.67 ? 632 TYR A CE1 1 
ATOM   729  C  CE2 . TYR A 1 109 ? 5.917   7.335   -8.178  1.00 31.04 ? 632 TYR A CE2 1 
ATOM   730  C  CZ  . TYR A 1 109 ? 4.958   6.340   -8.305  1.00 31.76 ? 632 TYR A CZ  1 
ATOM   731  O  OH  . TYR A 1 109 ? 4.169   6.281   -9.430  1.00 32.37 ? 632 TYR A OH  1 
ATOM   732  N  N   . ILE A 1 110 ? 8.045   7.383   -1.662  1.00 23.38 ? 633 ILE A N   1 
ATOM   733  C  CA  . ILE A 1 110 ? 8.677   7.045   -0.392  1.00 23.40 ? 633 ILE A CA  1 
ATOM   734  C  C   . ILE A 1 110 ? 7.580   7.118   0.671   1.00 22.51 ? 633 ILE A C   1 
ATOM   735  O  O   . ILE A 1 110 ? 7.471   6.243   1.528   1.00 20.58 ? 633 ILE A O   1 
ATOM   736  C  CB  . ILE A 1 110 ? 9.815   8.038   -0.051  1.00 23.83 ? 633 ILE A CB  1 
ATOM   737  C  CG1 . ILE A 1 110 ? 10.987  7.831   -1.015  1.00 25.84 ? 633 ILE A CG1 1 
ATOM   738  C  CG2 . ILE A 1 110 ? 10.257  7.856   1.394   1.00 23.97 ? 633 ILE A CG2 1 
ATOM   739  C  CD1 . ILE A 1 110 ? 12.118  8.810   -0.824  1.00 26.89 ? 633 ILE A CD1 1 
ATOM   740  N  N   . ASP A 1 111 ? 6.759   8.162   0.584   1.00 21.13 ? 634 ASP A N   1 
ATOM   741  C  CA  . ASP A 1 111 ? 5.646   8.368   1.505   1.00 21.55 ? 634 ASP A CA  1 
ATOM   742  C  C   . ASP A 1 111 ? 4.674   7.203   1.381   1.00 22.61 ? 634 ASP A C   1 
ATOM   743  O  O   . ASP A 1 111 ? 4.166   6.690   2.378   1.00 23.82 ? 634 ASP A O   1 
ATOM   744  C  CB  . ASP A 1 111 ? 4.930   9.685   1.164   1.00 20.38 ? 634 ASP A CB  1 
ATOM   745  C  CG  . ASP A 1 111 ? 3.750   9.974   2.077   1.00 19.41 ? 634 ASP A CG  1 
ATOM   746  O  OD1 . ASP A 1 111 ? 3.937   9.977   3.309   1.00 19.47 ? 634 ASP A OD1 1 
ATOM   747  O  OD2 . ASP A 1 111 ? 2.637   10.214  1.565   1.00 20.15 ? 634 ASP A OD2 1 
ATOM   748  N  N   . LEU A 1 112 ? 4.429   6.801   0.138   1.00 22.19 ? 635 LEU A N   1 
ATOM   749  C  CA  . LEU A 1 112 ? 3.532   5.701   -0.187  1.00 22.91 ? 635 LEU A CA  1 
ATOM   750  C  C   . LEU A 1 112 ? 3.942   4.450   0.596   1.00 22.14 ? 635 LEU A C   1 
ATOM   751  O  O   . LEU A 1 112 ? 3.126   3.846   1.299   1.00 20.74 ? 635 LEU A O   1 
ATOM   752  C  CB  . LEU A 1 112 ? 3.588   5.455   -1.704  1.00 24.28 ? 635 LEU A CB  1 
ATOM   753  C  CG  . LEU A 1 112 ? 2.481   4.749   -2.499  1.00 27.16 ? 635 LEU A CG  1 
ATOM   754  C  CD1 . LEU A 1 112 ? 2.807   3.282   -2.690  1.00 27.94 ? 635 LEU A CD1 1 
ATOM   755  C  CD2 . LEU A 1 112 ? 1.147   4.940   -1.809  1.00 28.76 ? 635 LEU A CD2 1 
HETATM 756  N  N   . MSE A 1 113 ? 5.215   4.082   0.487   1.00 21.40 ? 636 MSE A N   1 
HETATM 757  C  CA  . MSE A 1 113 ? 5.742   2.918   1.182   1.00 21.13 ? 636 MSE A CA  1 
HETATM 758  C  C   . MSE A 1 113 ? 5.771   3.074   2.699   1.00 21.73 ? 636 MSE A C   1 
HETATM 759  O  O   . MSE A 1 113 ? 5.561   2.099   3.415   1.00 20.57 ? 636 MSE A O   1 
HETATM 760  C  CB  . MSE A 1 113 ? 7.126   2.587   0.650   1.00 21.02 ? 636 MSE A CB  1 
HETATM 761  C  CG  . MSE A 1 113 ? 7.065   1.954   -0.728  1.00 23.00 ? 636 MSE A CG  1 
HETATM 762  SE SE  . MSE A 1 113 ? 8.784   1.802   -1.597  1.00 25.90 ? 636 MSE A SE  1 
HETATM 763  C  CE  . MSE A 1 113 ? 9.509   0.281   -0.679  1.00 27.05 ? 636 MSE A CE  1 
ATOM   764  N  N   . ASN A 1 114 ? 6.031   4.283   3.193   1.00 20.03 ? 637 ASN A N   1 
ATOM   765  C  CA  . ASN A 1 114 ? 6.032   4.509   4.639   1.00 19.98 ? 637 ASN A CA  1 
ATOM   766  C  C   . ASN A 1 114 ? 4.636   4.250   5.202   1.00 19.74 ? 637 ASN A C   1 
ATOM   767  O  O   . ASN A 1 114 ? 4.476   3.614   6.242   1.00 21.32 ? 637 ASN A O   1 
ATOM   768  C  CB  . ASN A 1 114 ? 6.416   5.950   4.985   1.00 17.47 ? 637 ASN A CB  1 
ATOM   769  C  CG  . ASN A 1 114 ? 7.901   6.203   4.901   1.00 18.57 ? 637 ASN A CG  1 
ATOM   770  O  OD1 . ASN A 1 114 ? 8.712   5.314   5.141   1.00 15.98 ? 637 ASN A OD1 1 
ATOM   771  N  ND2 . ASN A 1 114 ? 8.267   7.438   4.584   1.00 18.92 ? 637 ASN A ND2 1 
ATOM   772  N  N   . ILE A 1 115 ? 3.627   4.765   4.510   1.00 18.97 ? 638 ILE A N   1 
ATOM   773  C  CA  . ILE A 1 115 ? 2.250   4.598   4.944   1.00 20.03 ? 638 ILE A CA  1 
ATOM   774  C  C   . ILE A 1 115 ? 1.873   3.130   5.009   1.00 20.63 ? 638 ILE A C   1 
ATOM   775  O  O   . ILE A 1 115 ? 1.285   2.684   5.987   1.00 22.34 ? 638 ILE A O   1 
ATOM   776  C  CB  . ILE A 1 115 ? 1.282   5.339   4.008   1.00 19.39 ? 638 ILE A CB  1 
ATOM   777  C  CG1 . ILE A 1 115 ? 1.573   6.842   4.059   1.00 19.38 ? 638 ILE A CG1 1 
ATOM   778  C  CG2 . ILE A 1 115 ? -0.156  5.061   4.422   1.00 19.28 ? 638 ILE A CG2 1 
ATOM   779  C  CD1 . ILE A 1 115 ? 0.817   7.649   3.037   1.00 19.01 ? 638 ILE A CD1 1 
ATOM   780  N  N   . ILE A 1 116 ? 2.216   2.379   3.966   1.00 21.55 ? 639 ILE A N   1 
ATOM   781  C  CA  . ILE A 1 116 ? 1.915   0.955   3.929   1.00 20.91 ? 639 ILE A CA  1 
ATOM   782  C  C   . ILE A 1 116 ? 2.508   0.247   5.147   1.00 21.47 ? 639 ILE A C   1 
ATOM   783  O  O   . ILE A 1 116 ? 1.824   -0.514  5.825   1.00 21.16 ? 639 ILE A O   1 
ATOM   784  C  CB  . ILE A 1 116 ? 2.455   0.315   2.636   1.00 19.87 ? 639 ILE A CB  1 
ATOM   785  C  CG1 . ILE A 1 116 ? 1.654   0.840   1.438   1.00 18.72 ? 639 ILE A CG1 1 
ATOM   786  C  CG2 . ILE A 1 116 ? 2.353   -1.193  2.716   1.00 18.33 ? 639 ILE A CG2 1 
ATOM   787  C  CD1 . ILE A 1 116 ? 2.141   0.359   0.077   1.00 18.07 ? 639 ILE A CD1 1 
HETATM 788  N  N   . MSE A 1 117 ? 3.779   0.506   5.427   1.00 22.48 ? 640 MSE A N   1 
HETATM 789  C  CA  . MSE A 1 117 ? 4.425   -0.107  6.574   1.00 23.89 ? 640 MSE A CA  1 
HETATM 790  C  C   . MSE A 1 117 ? 3.738   0.315   7.868   1.00 26.07 ? 640 MSE A C   1 
HETATM 791  O  O   . MSE A 1 117 ? 3.441   -0.516  8.724   1.00 26.21 ? 640 MSE A O   1 
HETATM 792  C  CB  . MSE A 1 117 ? 5.893   0.285   6.638   1.00 24.21 ? 640 MSE A CB  1 
HETATM 793  C  CG  . MSE A 1 117 ? 6.588   -0.234  7.882   1.00 23.50 ? 640 MSE A CG  1 
HETATM 794  SE SE  . MSE A 1 117 ? 8.415   0.331   7.973   1.00 26.71 ? 640 MSE A SE  1 
HETATM 795  C  CE  . MSE A 1 117 ? 8.150   2.180   8.516   1.00 23.94 ? 640 MSE A CE  1 
ATOM   796  N  N   . GLU A 1 118 ? 3.495   1.612   8.011   1.00 27.84 ? 641 GLU A N   1 
ATOM   797  C  CA  . GLU A 1 118 ? 2.839   2.147   9.203   1.00 30.60 ? 641 GLU A CA  1 
ATOM   798  C  C   . GLU A 1 118 ? 1.436   1.577   9.398   1.00 30.95 ? 641 GLU A C   1 
ATOM   799  O  O   . GLU A 1 118 ? 1.075   1.147   10.491  1.00 31.40 ? 641 GLU A O   1 
ATOM   800  C  CB  . GLU A 1 118 ? 2.749   3.673   9.111   1.00 31.21 ? 641 GLU A CB  1 
ATOM   801  C  CG  . GLU A 1 118 ? 4.006   4.413   9.534   1.00 33.33 ? 641 GLU A CG  1 
ATOM   802  C  CD  . GLU A 1 118 ? 4.057   5.828   8.982   1.00 34.71 ? 641 GLU A CD  1 
ATOM   803  O  OE1 . GLU A 1 118 ? 3.057   6.569   9.130   1.00 36.36 ? 641 GLU A OE1 1 
ATOM   804  O  OE2 . GLU A 1 118 ? 5.100   6.196   8.402   1.00 33.11 ? 641 GLU A OE2 1 
ATOM   805  N  N   . LYS A 1 119 ? 0.645   1.577   8.331   1.00 30.84 ? 642 LYS A N   1 
ATOM   806  C  CA  . LYS A 1 119 ? -0.718  1.079   8.403   1.00 30.17 ? 642 LYS A CA  1 
ATOM   807  C  C   . LYS A 1 119 ? -0.803  -0.418  8.674   1.00 30.53 ? 642 LYS A C   1 
ATOM   808  O  O   . LYS A 1 119 ? -1.772  -0.891  9.272   1.00 31.26 ? 642 LYS A O   1 
ATOM   809  C  CB  . LYS A 1 119 ? -1.470  1.439   7.119   1.00 30.03 ? 642 LYS A CB  1 
ATOM   810  C  CG  . LYS A 1 119 ? -1.780  2.927   7.007   1.00 31.34 ? 642 LYS A CG  1 
ATOM   811  C  CD  . LYS A 1 119 ? -2.594  3.398   8.209   1.00 31.78 ? 642 LYS A CD  1 
ATOM   812  C  CE  . LYS A 1 119 ? -2.773  4.910   8.214   1.00 34.24 ? 642 LYS A CE  1 
ATOM   813  N  NZ  . LYS A 1 119 ? -3.535  5.393   9.399   1.00 32.38 ? 642 LYS A NZ  1 
ATOM   814  N  N   . ILE A 1 120 ? 0.204   -1.168  8.237   1.00 29.92 ? 643 ILE A N   1 
ATOM   815  C  CA  . ILE A 1 120 ? 0.203   -2.598  8.483   1.00 29.52 ? 643 ILE A CA  1 
ATOM   816  C  C   . ILE A 1 120 ? 0.332   -2.814  9.987   1.00 28.97 ? 643 ILE A C   1 
ATOM   817  O  O   . ILE A 1 120 ? -0.406  -3.600  10.575  1.00 29.57 ? 643 ILE A O   1 
ATOM   818  C  CB  . ILE A 1 120 ? 1.360   -3.300  7.729   1.00 29.25 ? 643 ILE A CB  1 
ATOM   819  C  CG1 . ILE A 1 120 ? 1.007   -3.403  6.244   1.00 27.30 ? 643 ILE A CG1 1 
ATOM   820  C  CG2 . ILE A 1 120 ? 1.608   -4.692  8.307   1.00 27.04 ? 643 ILE A CG2 1 
ATOM   821  C  CD1 . ILE A 1 120 ? 2.098   -3.992  5.379   1.00 29.00 ? 643 ILE A CD1 1 
ATOM   822  N  N   . VAL A 1 121 ? 1.259   -2.092  10.603  1.00 28.30 ? 644 VAL A N   1 
ATOM   823  C  CA  . VAL A 1 121 ? 1.478   -2.192  12.040  1.00 29.74 ? 644 VAL A CA  1 
ATOM   824  C  C   . VAL A 1 121 ? 0.217   -1.796  12.797  1.00 31.74 ? 644 VAL A C   1 
ATOM   825  O  O   . VAL A 1 121 ? -0.189  -2.450  13.754  1.00 31.44 ? 644 VAL A O   1 
ATOM   826  C  CB  . VAL A 1 121 ? 2.620   -1.265  12.489  1.00 27.76 ? 644 VAL A CB  1 
ATOM   827  C  CG1 . VAL A 1 121 ? 2.735   -1.277  13.994  1.00 27.01 ? 644 VAL A CG1 1 
ATOM   828  C  CG2 . VAL A 1 121 ? 3.923   -1.704  11.857  1.00 27.22 ? 644 VAL A CG2 1 
ATOM   829  N  N   . GLU A 1 122 ? -0.396  -0.714  12.336  1.00 34.52 ? 645 GLU A N   1 
ATOM   830  C  CA  . GLU A 1 122 ? -1.601  -0.163  12.930  1.00 37.31 ? 645 GLU A CA  1 
ATOM   831  C  C   . GLU A 1 122 ? -2.775  -1.139  12.850  1.00 38.32 ? 645 GLU A C   1 
ATOM   832  O  O   . GLU A 1 122 ? -3.565  -1.253  13.787  1.00 38.24 ? 645 GLU A O   1 
ATOM   833  C  CB  . GLU A 1 122 ? -1.943  1.136   12.206  1.00 39.04 ? 645 GLU A CB  1 
ATOM   834  C  CG  . GLU A 1 122 ? -2.887  2.065   12.934  1.00 42.04 ? 645 GLU A CG  1 
ATOM   835  C  CD  . GLU A 1 122 ? -3.074  3.364   12.175  1.00 44.77 ? 645 GLU A CD  1 
ATOM   836  O  OE1 . GLU A 1 122 ? -2.051  4.027   11.896  1.00 44.74 ? 645 GLU A OE1 1 
ATOM   837  O  OE2 . GLU A 1 122 ? -4.230  3.719   11.848  1.00 46.56 ? 645 GLU A OE2 1 
ATOM   838  N  N   . GLN A 1 123 ? -2.878  -1.835  11.721  1.00 38.80 ? 646 GLN A N   1 
ATOM   839  C  CA  . GLN A 1 123 ? -3.946  -2.805  11.483  1.00 39.18 ? 646 GLN A CA  1 
ATOM   840  C  C   . GLN A 1 123 ? -3.697  -4.068  12.298  1.00 39.31 ? 646 GLN A C   1 
ATOM   841  O  O   . GLN A 1 123 ? -4.610  -4.853  12.538  1.00 38.58 ? 646 GLN A O   1 
ATOM   842  C  CB  . GLN A 1 123 ? -3.986  -3.167  10.000  1.00 40.76 ? 646 GLN A CB  1 
ATOM   843  C  CG  . GLN A 1 123 ? -5.143  -4.059  9.567   1.00 41.47 ? 646 GLN A CG  1 
ATOM   844  C  CD  . GLN A 1 123 ? -6.396  -3.278  9.241   1.00 42.20 ? 646 GLN A CD  1 
ATOM   845  O  OE1 . GLN A 1 123 ? -6.341  -2.257  8.548   1.00 43.12 ? 646 GLN A OE1 1 
ATOM   846  N  NE2 . GLN A 1 123 ? -7.542  -3.762  9.720   1.00 40.91 ? 646 GLN A NE2 1 
ATOM   847  N  N   . SER A 1 124 ? -2.443  -4.250  12.700  1.00 39.82 ? 647 SER A N   1 
ATOM   848  C  CA  . SER A 1 124 ? -2.003  -5.397  13.485  1.00 41.25 ? 647 SER A CA  1 
ATOM   849  C  C   . SER A 1 124 ? -2.305  -6.776  12.902  1.00 41.56 ? 647 SER A C   1 
ATOM   850  O  O   . SER A 1 124 ? -3.140  -7.516  13.425  1.00 40.89 ? 647 SER A O   1 
ATOM   851  C  CB  . SER A 1 124 ? -2.556  -5.315  14.917  1.00 42.06 ? 647 SER A CB  1 
ATOM   852  O  OG  . SER A 1 124 ? -3.972  -5.315  14.944  1.00 43.33 ? 647 SER A OG  1 
ATOM   853  N  N   . PHE A 1 125 ? -1.613  -7.108  11.813  1.00 41.83 ? 648 PHE A N   1 
ATOM   854  C  CA  . PHE A 1 125 ? -1.739  -8.412  11.164  1.00 42.25 ? 648 PHE A CA  1 
ATOM   855  C  C   . PHE A 1 125 ? -0.854  -9.322  12.017  1.00 42.63 ? 648 PHE A C   1 
ATOM   856  O  O   . PHE A 1 125 ? -0.034  -8.828  12.784  1.00 42.39 ? 648 PHE A O   1 
ATOM   857  C  CB  . PHE A 1 125 ? -1.177  -8.362  9.736   1.00 42.02 ? 648 PHE A CB  1 
ATOM   858  C  CG  . PHE A 1 125 ? -2.007  -7.562  8.765   1.00 42.00 ? 648 PHE A CG  1 
ATOM   859  C  CD1 . PHE A 1 125 ? -2.948  -8.188  7.945   1.00 40.82 ? 648 PHE A CD1 1 
ATOM   860  C  CD2 . PHE A 1 125 ? -1.851  -6.182  8.670   1.00 40.83 ? 648 PHE A CD2 1 
ATOM   861  C  CE1 . PHE A 1 125 ? -3.709  -7.448  7.033   1.00 40.53 ? 648 PHE A CE1 1 
ATOM   862  C  CE2 . PHE A 1 125 ? -2.604  -5.437  7.767   1.00 40.75 ? 648 PHE A CE2 1 
ATOM   863  C  CZ  . PHE A 1 125 ? -3.539  -6.068  6.952   1.00 40.99 ? 648 PHE A CZ  1 
ATOM   864  N  N   . ASP A 1 126 ? -0.993  -10.637 11.893  1.00 44.39 ? 649 ASP A N   1 
ATOM   865  C  CA  . ASP A 1 126 ? -0.171  -11.531 12.707  1.00 46.42 ? 649 ASP A CA  1 
ATOM   866  C  C   . ASP A 1 126 ? 1.271   -11.747 12.258  1.00 46.64 ? 649 ASP A C   1 
ATOM   867  O  O   . ASP A 1 126 ? 2.140   -12.054 13.085  1.00 48.35 ? 649 ASP A O   1 
ATOM   868  C  CB  . ASP A 1 126 ? -0.863  -12.877 12.874  1.00 48.89 ? 649 ASP A CB  1 
ATOM   869  C  CG  . ASP A 1 126 ? -2.140  -12.767 13.674  1.00 51.52 ? 649 ASP A CG  1 
ATOM   870  O  OD1 . ASP A 1 126 ? -2.264  -11.817 14.486  1.00 52.49 ? 649 ASP A OD1 1 
ATOM   871  O  OD2 . ASP A 1 126 ? -3.019  -13.640 13.501  1.00 53.46 ? 649 ASP A OD2 1 
ATOM   872  N  N   . LYS A 1 127 ? 1.530   -11.607 10.964  1.00 45.75 ? 650 LYS A N   1 
ATOM   873  C  CA  . LYS A 1 127 ? 2.888   -11.754 10.445  1.00 45.95 ? 650 LYS A CA  1 
ATOM   874  C  C   . LYS A 1 127 ? 3.224   -10.508 9.636   1.00 43.99 ? 650 LYS A C   1 
ATOM   875  O  O   . LYS A 1 127 ? 3.511   -10.583 8.436   1.00 45.18 ? 650 LYS A O   1 
ATOM   876  C  CB  . LYS A 1 127 ? 3.008   -13.002 9.569   1.00 48.52 ? 650 LYS A CB  1 
ATOM   877  C  CG  . LYS A 1 127 ? 1.736   -13.335 8.797   1.00 53.00 ? 650 LYS A CG  1 
ATOM   878  C  CD  . LYS A 1 127 ? 1.182   -12.125 8.037   1.00 54.40 ? 650 LYS A CD  1 
ATOM   879  C  CE  . LYS A 1 127 ? -0.351  -12.149 7.998   1.00 54.93 ? 650 LYS A CE  1 
ATOM   880  N  NZ  . LYS A 1 127 ? -0.953  -11.911 9.338   1.00 54.15 ? 650 LYS A NZ  1 
ATOM   881  N  N   . PRO A 1 128 ? 3.170   -9.335  10.291  1.00 41.66 ? 651 PRO A N   1 
ATOM   882  C  CA  . PRO A 1 128 ? 3.458   -8.034  9.693   1.00 38.23 ? 651 PRO A CA  1 
ATOM   883  C  C   . PRO A 1 128 ? 4.553   -8.100  8.621   1.00 35.79 ? 651 PRO A C   1 
ATOM   884  O  O   . PRO A 1 128 ? 4.417   -7.528  7.544   1.00 35.22 ? 651 PRO A O   1 
ATOM   885  C  CB  . PRO A 1 128 ? 3.890   -7.221  10.902  1.00 38.65 ? 651 PRO A CB  1 
ATOM   886  C  CG  . PRO A 1 128 ? 2.967   -7.696  11.949  1.00 40.38 ? 651 PRO A CG  1 
ATOM   887  C  CD  . PRO A 1 128 ? 3.066   -9.200  11.756  1.00 40.49 ? 651 PRO A CD  1 
ATOM   888  N  N   . ASP A 1 129 ? 5.653   -8.776  8.925   1.00 33.48 ? 652 ASP A N   1 
ATOM   889  C  CA  . ASP A 1 129 ? 6.756   -8.879  7.967   1.00 33.60 ? 652 ASP A CA  1 
ATOM   890  C  C   . ASP A 1 129 ? 6.325   -9.505  6.629   1.00 32.11 ? 652 ASP A C   1 
ATOM   891  O  O   . ASP A 1 129 ? 6.745   -9.069  5.550   1.00 31.43 ? 652 ASP A O   1 
ATOM   892  C  CB  . ASP A 1 129 ? 7.922   -9.675  8.577   1.00 35.43 ? 652 ASP A CB  1 
ATOM   893  C  CG  . ASP A 1 129 ? 7.482   -11.008 9.159   1.00 36.09 ? 652 ASP A CG  1 
ATOM   894  O  OD1 . ASP A 1 129 ? 8.314   -11.933 9.184   1.00 37.23 ? 652 ASP A OD1 1 
ATOM   895  O  OD2 . ASP A 1 129 ? 6.317   -11.131 9.601   1.00 37.33 ? 652 ASP A OD2 1 
ATOM   896  N  N   . LEU A 1 130 ? 5.471   -10.520 6.697   1.00 30.22 ? 653 LEU A N   1 
ATOM   897  C  CA  . LEU A 1 130 ? 5.014   -11.161 5.476   1.00 29.97 ? 653 LEU A CA  1 
ATOM   898  C  C   . LEU A 1 130 ? 4.060   -10.270 4.689   1.00 28.41 ? 653 LEU A C   1 
ATOM   899  O  O   . LEU A 1 130 ? 4.106   -10.244 3.460   1.00 26.25 ? 653 LEU A O   1 
ATOM   900  C  CB  . LEU A 1 130 ? 4.335   -12.503 5.775   1.00 31.14 ? 653 LEU A CB  1 
ATOM   901  C  CG  . LEU A 1 130 ? 3.890   -13.291 4.532   1.00 31.51 ? 653 LEU A CG  1 
ATOM   902  C  CD1 . LEU A 1 130 ? 5.101   -13.656 3.692   1.00 31.78 ? 653 LEU A CD1 1 
ATOM   903  C  CD2 . LEU A 1 130 ? 3.138   -14.543 4.945   1.00 31.15 ? 653 LEU A CD2 1 
ATOM   904  N  N   . ILE A 1 131 ? 3.202   -9.539  5.391   1.00 26.98 ? 654 ILE A N   1 
ATOM   905  C  CA  . ILE A 1 131 ? 2.248   -8.655  4.730   1.00 27.93 ? 654 ILE A CA  1 
ATOM   906  C  C   . ILE A 1 131 ? 2.964   -7.535  3.978   1.00 27.77 ? 654 ILE A C   1 
ATOM   907  O  O   . ILE A 1 131 ? 2.635   -7.243  2.831   1.00 27.87 ? 654 ILE A O   1 
ATOM   908  C  CB  . ILE A 1 131 ? 1.274   -8.012  5.747   1.00 27.97 ? 654 ILE A CB  1 
ATOM   909  C  CG1 . ILE A 1 131 ? 0.502   -9.100  6.500   1.00 28.28 ? 654 ILE A CG1 1 
ATOM   910  C  CG2 . ILE A 1 131 ? 0.298   -7.084  5.025   1.00 27.52 ? 654 ILE A CG2 1 
ATOM   911  C  CD1 . ILE A 1 131 ? -0.501  -9.849  5.649   1.00 26.79 ? 654 ILE A CD1 1 
ATOM   912  N  N   . LEU A 1 132 ? 3.946   -6.921  4.630   1.00 27.64 ? 655 LEU A N   1 
ATOM   913  C  CA  . LEU A 1 132 ? 4.701   -5.817  4.040   1.00 26.73 ? 655 LEU A CA  1 
ATOM   914  C  C   . LEU A 1 132 ? 5.597   -6.279  2.895   1.00 25.94 ? 655 LEU A C   1 
ATOM   915  O  O   . LEU A 1 132 ? 5.757   -5.577  1.901   1.00 24.51 ? 655 LEU A O   1 
ATOM   916  C  CB  . LEU A 1 132 ? 5.536   -5.109  5.124   1.00 25.75 ? 655 LEU A CB  1 
ATOM   917  C  CG  . LEU A 1 132 ? 6.182   -3.745  4.824   1.00 25.15 ? 655 LEU A CG  1 
ATOM   918  C  CD1 . LEU A 1 132 ? 7.584   -3.927  4.322   1.00 25.63 ? 655 LEU A CD1 1 
ATOM   919  C  CD2 . LEU A 1 132 ? 5.348   -2.980  3.813   1.00 22.87 ? 655 LEU A CD2 1 
ATOM   920  N  N   . PHE A 1 133 ? 6.173   -7.466  3.040   1.00 26.01 ? 656 PHE A N   1 
ATOM   921  C  CA  . PHE A 1 133 ? 7.040   -8.014  2.008   1.00 26.27 ? 656 PHE A CA  1 
ATOM   922  C  C   . PHE A 1 133 ? 6.239   -8.362  0.765   1.00 24.56 ? 656 PHE A C   1 
ATOM   923  O  O   . PHE A 1 133 ? 6.675   -8.123  -0.357  1.00 24.76 ? 656 PHE A O   1 
ATOM   924  C  CB  . PHE A 1 133 ? 7.754   -9.269  2.514   1.00 27.85 ? 656 PHE A CB  1 
ATOM   925  C  CG  . PHE A 1 133 ? 8.413   -10.067 1.421   1.00 28.32 ? 656 PHE A CG  1 
ATOM   926  C  CD1 . PHE A 1 133 ? 9.428   -9.510  0.637   1.00 29.06 ? 656 PHE A CD1 1 
ATOM   927  C  CD2 . PHE A 1 133 ? 7.994   -11.362 1.151   1.00 28.78 ? 656 PHE A CD2 1 
ATOM   928  C  CE1 . PHE A 1 133 ? 10.011  -10.240 -0.401  1.00 29.59 ? 656 PHE A CE1 1 
ATOM   929  C  CE2 . PHE A 1 133 ? 8.565   -12.098 0.124   1.00 29.40 ? 656 PHE A CE2 1 
ATOM   930  C  CZ  . PHE A 1 133 ? 9.575   -11.539 -0.657  1.00 30.60 ? 656 PHE A CZ  1 
ATOM   931  N  N   . SER A 1 134 ? 5.065   -8.936  0.982   1.00 24.95 ? 657 SER A N   1 
ATOM   932  C  CA  . SER A 1 134 ? 4.190   -9.328  -0.109  1.00 25.27 ? 657 SER A CA  1 
ATOM   933  C  C   . SER A 1 134 ? 3.654   -8.121  -0.862  1.00 24.92 ? 657 SER A C   1 
ATOM   934  O  O   . SER A 1 134 ? 3.637   -8.106  -2.092  1.00 24.07 ? 657 SER A O   1 
ATOM   935  C  CB  . SER A 1 134 ? 3.019   -10.150 0.431   1.00 26.22 ? 657 SER A CB  1 
ATOM   936  O  OG  . SER A 1 134 ? 3.485   -11.281 1.141   1.00 26.84 ? 657 SER A OG  1 
ATOM   937  N  N   . ALA A 1 135 ? 3.216   -7.111  -0.117  1.00 25.55 ? 658 ALA A N   1 
ATOM   938  C  CA  . ALA A 1 135 ? 2.671   -5.894  -0.708  1.00 24.89 ? 658 ALA A CA  1 
ATOM   939  C  C   . ALA A 1 135 ? 3.699   -5.186  -1.580  1.00 24.39 ? 658 ALA A C   1 
ATOM   940  O  O   . ALA A 1 135 ? 3.407   -4.814  -2.715  1.00 25.02 ? 658 ALA A O   1 
ATOM   941  C  CB  . ALA A 1 135 ? 2.184   -4.960  0.378   1.00 24.16 ? 658 ALA A CB  1 
ATOM   942  N  N   . LEU A 1 136 ? 4.899   -4.997  -1.047  1.00 24.84 ? 659 LEU A N   1 
ATOM   943  C  CA  . LEU A 1 136 ? 5.960   -4.333  -1.796  1.00 25.21 ? 659 LEU A CA  1 
ATOM   944  C  C   . LEU A 1 136 ? 6.364   -5.134  -3.033  1.00 26.09 ? 659 LEU A C   1 
ATOM   945  O  O   . LEU A 1 136 ? 6.617   -4.560  -4.089  1.00 26.48 ? 659 LEU A O   1 
ATOM   946  C  CB  . LEU A 1 136 ? 7.173   -4.095  -0.893  1.00 24.03 ? 659 LEU A CB  1 
ATOM   947  C  CG  . LEU A 1 136 ? 6.928   -3.069  0.217   1.00 25.44 ? 659 LEU A CG  1 
ATOM   948  C  CD1 . LEU A 1 136 ? 8.131   -3.007  1.133   1.00 24.99 ? 659 LEU A CD1 1 
ATOM   949  C  CD2 . LEU A 1 136 ? 6.649   -1.704  -0.394  1.00 24.37 ? 659 LEU A CD2 1 
ATOM   950  N  N   . VAL A 1 137 ? 6.415   -6.457  -2.907  1.00 26.93 ? 660 VAL A N   1 
ATOM   951  C  CA  . VAL A 1 137 ? 6.780   -7.314  -4.033  1.00 27.83 ? 660 VAL A CA  1 
ATOM   952  C  C   . VAL A 1 137 ? 5.755   -7.228  -5.162  1.00 27.28 ? 660 VAL A C   1 
ATOM   953  O  O   . VAL A 1 137 ? 6.113   -7.202  -6.343  1.00 26.30 ? 660 VAL A O   1 
ATOM   954  C  CB  . VAL A 1 137 ? 6.915   -8.787  -3.594  1.00 28.79 ? 660 VAL A CB  1 
ATOM   955  C  CG1 . VAL A 1 137 ? 6.951   -9.694  -4.817  1.00 29.25 ? 660 VAL A CG1 1 
ATOM   956  C  CG2 . VAL A 1 137 ? 8.180   -8.965  -2.777  1.00 29.59 ? 660 VAL A CG2 1 
ATOM   957  N  N   . SER A 1 138 ? 4.478   -7.198  -4.794  1.00 26.78 ? 661 SER A N   1 
ATOM   958  C  CA  . SER A 1 138 ? 3.410   -7.094  -5.776  1.00 26.55 ? 661 SER A CA  1 
ATOM   959  C  C   . SER A 1 138 ? 3.608   -5.813  -6.578  1.00 28.02 ? 661 SER A C   1 
ATOM   960  O  O   . SER A 1 138 ? 3.574   -5.827  -7.810  1.00 27.46 ? 661 SER A O   1 
ATOM   961  C  CB  . SER A 1 138 ? 2.051   -7.067  -5.077  1.00 24.89 ? 661 SER A CB  1 
ATOM   962  O  OG  . SER A 1 138 ? 1.007   -6.785  -5.992  1.00 26.94 ? 661 SER A OG  1 
ATOM   963  N  N   . LEU A 1 139 ? 3.820   -4.708  -5.868  1.00 28.75 ? 662 LEU A N   1 
ATOM   964  C  CA  . LEU A 1 139 ? 4.029   -3.417  -6.509  1.00 29.56 ? 662 LEU A CA  1 
ATOM   965  C  C   . LEU A 1 139 ? 5.248   -3.486  -7.416  1.00 30.22 ? 662 LEU A C   1 
ATOM   966  O  O   . LEU A 1 139 ? 5.223   -3.001  -8.547  1.00 29.14 ? 662 LEU A O   1 
ATOM   967  C  CB  . LEU A 1 139 ? 4.223   -2.327  -5.449  1.00 29.11 ? 662 LEU A CB  1 
ATOM   968  C  CG  . LEU A 1 139 ? 3.003   -2.075  -4.562  1.00 29.64 ? 662 LEU A CG  1 
ATOM   969  C  CD1 . LEU A 1 139 ? 3.309   -0.995  -3.552  1.00 29.42 ? 662 LEU A CD1 1 
ATOM   970  C  CD2 . LEU A 1 139 ? 1.821   -1.669  -5.426  1.00 29.10 ? 662 LEU A CD2 1 
ATOM   971  N  N   . TYR A 1 140 ? 6.309   -4.104  -6.910  1.00 30.03 ? 663 TYR A N   1 
ATOM   972  C  CA  . TYR A 1 140 ? 7.547   -4.254  -7.663  1.00 31.56 ? 663 TYR A CA  1 
ATOM   973  C  C   . TYR A 1 140 ? 7.323   -5.024  -8.963  1.00 32.63 ? 663 TYR A C   1 
ATOM   974  O  O   . TYR A 1 140 ? 7.844   -4.649  -10.016 1.00 32.09 ? 663 TYR A O   1 
ATOM   975  C  CB  . TYR A 1 140 ? 8.580   -4.997  -6.821  1.00 32.81 ? 663 TYR A CB  1 
ATOM   976  C  CG  . TYR A 1 140 ? 9.917   -5.183  -7.504  1.00 33.15 ? 663 TYR A CG  1 
ATOM   977  C  CD1 . TYR A 1 140 ? 10.855  -4.154  -7.533  1.00 34.05 ? 663 TYR A CD1 1 
ATOM   978  C  CD2 . TYR A 1 140 ? 10.248  -6.395  -8.106  1.00 33.23 ? 663 TYR A CD2 1 
ATOM   979  C  CE1 . TYR A 1 140 ? 12.098  -4.327  -8.138  1.00 35.32 ? 663 TYR A CE1 1 
ATOM   980  C  CE2 . TYR A 1 140 ? 11.488  -6.580  -8.719  1.00 34.75 ? 663 TYR A CE2 1 
ATOM   981  C  CZ  . TYR A 1 140 ? 12.409  -5.542  -8.728  1.00 35.79 ? 663 TYR A CZ  1 
ATOM   982  O  OH  . TYR A 1 140 ? 13.645  -5.707  -9.313  1.00 35.69 ? 663 TYR A OH  1 
ATOM   983  N  N   . ASP A 1 141 ? 6.558   -6.111  -8.876  1.00 33.23 ? 664 ASP A N   1 
ATOM   984  C  CA  . ASP A 1 141 ? 6.265   -6.940  -10.039 1.00 34.16 ? 664 ASP A CA  1 
ATOM   985  C  C   . ASP A 1 141 ? 5.411   -6.211  -11.061 1.00 35.40 ? 664 ASP A C   1 
ATOM   986  O  O   . ASP A 1 141 ? 5.472   -6.519  -12.252 1.00 35.74 ? 664 ASP A O   1 
ATOM   987  C  CB  . ASP A 1 141 ? 5.539   -8.223  -9.632  1.00 34.34 ? 664 ASP A CB  1 
ATOM   988  C  CG  . ASP A 1 141 ? 6.416   -9.171  -8.849  1.00 34.02 ? 664 ASP A CG  1 
ATOM   989  O  OD1 . ASP A 1 141 ? 7.652   -9.144  -9.038  1.00 31.63 ? 664 ASP A OD1 1 
ATOM   990  O  OD2 . ASP A 1 141 ? 5.856   -9.956  -8.055  1.00 34.94 ? 664 ASP A OD2 1 
ATOM   991  N  N   . ASN A 1 142 ? 4.603   -5.264  -10.592 1.00 36.22 ? 665 ASN A N   1 
ATOM   992  C  CA  . ASN A 1 142 ? 3.737   -4.487  -11.470 1.00 37.49 ? 665 ASN A CA  1 
ATOM   993  C  C   . ASN A 1 142 ? 4.380   -3.179  -11.914 1.00 38.29 ? 665 ASN A C   1 
ATOM   994  O  O   . ASN A 1 142 ? 3.737   -2.340  -12.542 1.00 38.58 ? 665 ASN A O   1 
ATOM   995  C  CB  . ASN A 1 142 ? 2.397   -4.203  -10.786 1.00 38.47 ? 665 ASN A CB  1 
ATOM   996  C  CG  . ASN A 1 142 ? 1.456   -5.386  -10.851 1.00 40.36 ? 665 ASN A CG  1 
ATOM   997  O  OD1 . ASN A 1 142 ? 1.086   -5.834  -11.934 1.00 42.53 ? 665 ASN A OD1 1 
ATOM   998  N  ND2 . ASN A 1 142 ? 1.066   -5.904  -9.693  1.00 41.26 ? 665 ASN A ND2 1 
ATOM   999  N  N   . ASP A 1 143 ? 5.657   -3.015  -11.583 1.00 40.02 ? 666 ASP A N   1 
ATOM   1000 C  CA  . ASP A 1 143 ? 6.413   -1.823  -11.956 1.00 41.75 ? 666 ASP A CA  1 
ATOM   1001 C  C   . ASP A 1 143 ? 5.916   -0.506  -11.364 1.00 41.47 ? 666 ASP A C   1 
ATOM   1002 O  O   . ASP A 1 143 ? 6.153   0.562   -11.932 1.00 42.71 ? 666 ASP A O   1 
ATOM   1003 C  CB  . ASP A 1 143 ? 6.469   -1.696  -13.478 1.00 43.86 ? 666 ASP A CB  1 
ATOM   1004 C  CG  . ASP A 1 143 ? 7.646   -2.429  -14.075 1.00 46.78 ? 666 ASP A CG  1 
ATOM   1005 O  OD1 . ASP A 1 143 ? 8.792   -2.083  -13.709 1.00 48.36 ? 666 ASP A OD1 1 
ATOM   1006 O  OD2 . ASP A 1 143 ? 7.431   -3.339  -14.907 1.00 48.10 ? 666 ASP A OD2 1 
ATOM   1007 N  N   . ILE A 1 144 ? 5.229   -0.576  -10.232 1.00 40.85 ? 667 ILE A N   1 
ATOM   1008 C  CA  . ILE A 1 144 ? 4.736   0.630   -9.585  1.00 39.41 ? 667 ILE A CA  1 
ATOM   1009 C  C   . ILE A 1 144 ? 5.898   1.231   -8.815  1.00 39.00 ? 667 ILE A C   1 
ATOM   1010 O  O   . ILE A 1 144 ? 5.984   2.440   -8.643  1.00 37.80 ? 667 ILE A O   1 
ATOM   1011 C  CB  . ILE A 1 144 ? 3.578   0.308   -8.644  1.00 39.56 ? 667 ILE A CB  1 
ATOM   1012 C  CG1 . ILE A 1 144 ? 2.444   -0.328  -9.457  1.00 39.43 ? 667 ILE A CG1 1 
ATOM   1013 C  CG2 . ILE A 1 144 ? 3.117   1.572   -7.933  1.00 39.05 ? 667 ILE A CG2 1 
ATOM   1014 C  CD1 . ILE A 1 144 ? 1.219   -0.656  -8.660  1.00 41.48 ? 667 ILE A CD1 1 
ATOM   1015 N  N   . ILE A 1 145 ? 6.796   0.365   -8.355  1.00 39.03 ? 668 ILE A N   1 
ATOM   1016 C  CA  . ILE A 1 145 ? 7.993   0.805   -7.645  1.00 40.04 ? 668 ILE A CA  1 
ATOM   1017 C  C   . ILE A 1 145 ? 9.208   0.080   -8.217  1.00 41.02 ? 668 ILE A C   1 
ATOM   1018 O  O   . ILE A 1 145 ? 9.106   -1.092  -8.586  1.00 41.64 ? 668 ILE A O   1 
ATOM   1019 C  CB  . ILE A 1 145 ? 7.915   0.533   -6.126  1.00 39.18 ? 668 ILE A CB  1 
ATOM   1020 C  CG1 . ILE A 1 145 ? 7.613   -0.939  -5.864  1.00 39.19 ? 668 ILE A CG1 1 
ATOM   1021 C  CG2 . ILE A 1 145 ? 6.876   1.441   -5.490  1.00 38.72 ? 668 ILE A CG2 1 
ATOM   1022 C  CD1 . ILE A 1 145 ? 7.518   -1.287  -4.374  1.00 38.93 ? 668 ILE A CD1 1 
ATOM   1023 N  N   . GLU A 1 146 ? 10.346  0.773   -8.291  1.00 41.59 ? 669 GLU A N   1 
ATOM   1024 C  CA  . GLU A 1 146 ? 11.578  0.202   -8.831  1.00 41.84 ? 669 GLU A CA  1 
ATOM   1025 C  C   . GLU A 1 146 ? 12.690  0.323   -7.803  1.00 41.44 ? 669 GLU A C   1 
ATOM   1026 O  O   . GLU A 1 146 ? 12.558  1.055   -6.816  1.00 39.38 ? 669 GLU A O   1 
ATOM   1027 C  CB  . GLU A 1 146 ? 11.963  0.920   -10.136 1.00 43.98 ? 669 GLU A CB  1 
ATOM   1028 C  CG  . GLU A 1 146 ? 11.603  2.424   -10.200 1.00 49.05 ? 669 GLU A CG  1 
ATOM   1029 C  CD  . GLU A 1 146 ? 12.616  3.315   -9.491  1.00 52.17 ? 669 GLU A CD  1 
ATOM   1030 O  OE1 . GLU A 1 146 ? 13.775  2.871   -9.334  1.00 53.41 ? 669 GLU A OE1 1 
ATOM   1031 O  OE2 . GLU A 1 146 ? 12.271  4.459   -9.115  1.00 53.22 ? 669 GLU A OE2 1 
ATOM   1032 N  N   . GLU A 1 147 ? 13.786  -0.385  -8.035  1.00 41.23 ? 670 GLU A N   1 
ATOM   1033 C  CA  . GLU A 1 147 ? 14.887  -0.361  -7.095  1.00 42.25 ? 670 GLU A CA  1 
ATOM   1034 C  C   . GLU A 1 147 ? 15.356  0.990   -6.566  1.00 42.24 ? 670 GLU A C   1 
ATOM   1035 O  O   . GLU A 1 147 ? 15.593  1.144   -5.365  1.00 41.88 ? 670 GLU A O   1 
ATOM   1036 C  CB  . GLU A 1 147 ? 16.090  -1.090  -7.679  1.00 42.03 ? 670 GLU A CB  1 
ATOM   1037 C  CG  . GLU A 1 147 ? 15.972  -1.518  -9.137  1.00 43.53 ? 670 GLU A CG  1 
ATOM   1038 C  CD  . GLU A 1 147 ? 15.176  -2.791  -9.315  1.00 43.75 ? 670 GLU A CD  1 
ATOM   1039 O  OE1 . GLU A 1 147 ? 15.593  -3.848  -8.784  1.00 43.69 ? 670 GLU A OE1 1 
ATOM   1040 O  OE2 . GLU A 1 147 ? 14.128  -2.726  -9.990  1.00 43.82 ? 670 GLU A OE2 1 
ATOM   1041 N  N   . ASP A 1 148 ? 15.526  1.961   -7.455  1.00 42.84 ? 671 ASP A N   1 
ATOM   1042 C  CA  . ASP A 1 148 ? 15.991  3.269   -7.024  1.00 43.53 ? 671 ASP A CA  1 
ATOM   1043 C  C   . ASP A 1 148 ? 15.150  3.858   -5.894  1.00 42.26 ? 671 ASP A C   1 
ATOM   1044 O  O   . ASP A 1 148 ? 15.674  4.165   -4.823  1.00 41.76 ? 671 ASP A O   1 
ATOM   1045 C  CB  . ASP A 1 148 ? 16.027  4.244   -8.200  1.00 45.44 ? 671 ASP A CB  1 
ATOM   1046 C  CG  . ASP A 1 148 ? 17.228  4.023   -9.104  1.00 48.97 ? 671 ASP A CG  1 
ATOM   1047 O  OD1 . ASP A 1 148 ? 18.344  3.821   -8.573  1.00 49.42 ? 671 ASP A OD1 1 
ATOM   1048 O  OD2 . ASP A 1 148 ? 17.062  4.065   -10.344 1.00 51.04 ? 671 ASP A OD2 1 
ATOM   1049 N  N   . VAL A 1 149 ? 13.852  4.023   -6.125  1.00 40.82 ? 672 VAL A N   1 
ATOM   1050 C  CA  . VAL A 1 149 ? 12.986  4.582   -5.093  1.00 39.74 ? 672 VAL A CA  1 
ATOM   1051 C  C   . VAL A 1 149 ? 12.965  3.680   -3.859  1.00 37.91 ? 672 VAL A C   1 
ATOM   1052 O  O   . VAL A 1 149 ? 12.905  4.164   -2.729  1.00 36.45 ? 672 VAL A O   1 
ATOM   1053 C  CB  . VAL A 1 149 ? 11.538  4.771   -5.603  1.00 40.02 ? 672 VAL A CB  1 
ATOM   1054 C  CG1 . VAL A 1 149 ? 10.697  5.448   -4.543  1.00 41.50 ? 672 VAL A CG1 1 
ATOM   1055 C  CG2 . VAL A 1 149 ? 11.536  5.621   -6.843  1.00 41.69 ? 672 VAL A CG2 1 
ATOM   1056 N  N   . ILE A 1 150 ? 13.025  2.369   -4.079  1.00 35.98 ? 673 ILE A N   1 
ATOM   1057 C  CA  . ILE A 1 150 ? 13.012  1.422   -2.970  1.00 34.38 ? 673 ILE A CA  1 
ATOM   1058 C  C   . ILE A 1 150 ? 14.212  1.619   -2.043  1.00 33.29 ? 673 ILE A C   1 
ATOM   1059 O  O   . ILE A 1 150 ? 14.065  1.591   -0.824  1.00 30.24 ? 673 ILE A O   1 
ATOM   1060 C  CB  . ILE A 1 150 ? 12.991  -0.043  -3.467  1.00 33.98 ? 673 ILE A CB  1 
ATOM   1061 C  CG1 . ILE A 1 150 ? 11.717  -0.304  -4.271  1.00 34.48 ? 673 ILE A CG1 1 
ATOM   1062 C  CG2 . ILE A 1 150 ? 13.043  -0.997  -2.276  1.00 35.19 ? 673 ILE A CG2 1 
ATOM   1063 C  CD1 . ILE A 1 150 ? 11.659  -1.679  -4.901  1.00 33.87 ? 673 ILE A CD1 1 
ATOM   1064 N  N   . TYR A 1 151 ? 15.397  1.822   -2.618  1.00 33.07 ? 674 TYR A N   1 
ATOM   1065 C  CA  . TYR A 1 151 ? 16.599  2.030   -1.808  1.00 33.65 ? 674 TYR A CA  1 
ATOM   1066 C  C   . TYR A 1 151 ? 16.467  3.323   -1.013  1.00 33.48 ? 674 TYR A C   1 
ATOM   1067 O  O   . TYR A 1 151 ? 16.780  3.369   0.177   1.00 33.16 ? 674 TYR A O   1 
ATOM   1068 C  CB  . TYR A 1 151 ? 17.845  2.110   -2.692  1.00 34.55 ? 674 TYR A CB  1 
ATOM   1069 C  CG  . TYR A 1 151 ? 18.094  0.880   -3.523  1.00 36.42 ? 674 TYR A CG  1 
ATOM   1070 C  CD1 . TYR A 1 151 ? 17.931  -0.397  -2.982  1.00 37.71 ? 674 TYR A CD1 1 
ATOM   1071 C  CD2 . TYR A 1 151 ? 18.519  0.986   -4.845  1.00 37.00 ? 674 TYR A CD2 1 
ATOM   1072 C  CE1 . TYR A 1 151 ? 18.185  -1.536  -3.740  1.00 37.85 ? 674 TYR A CE1 1 
ATOM   1073 C  CE2 . TYR A 1 151 ? 18.778  -0.147  -5.610  1.00 37.09 ? 674 TYR A CE2 1 
ATOM   1074 C  CZ  . TYR A 1 151 ? 18.609  -1.399  -5.050  1.00 37.51 ? 674 TYR A CZ  1 
ATOM   1075 O  OH  . TYR A 1 151 ? 18.866  -2.514  -5.797  1.00 38.56 ? 674 TYR A OH  1 
ATOM   1076 N  N   . LYS A 1 152 ? 16.008  4.374   -1.690  1.00 33.15 ? 675 LYS A N   1 
ATOM   1077 C  CA  . LYS A 1 152 ? 15.812  5.671   -1.056  1.00 32.19 ? 675 LYS A CA  1 
ATOM   1078 C  C   . LYS A 1 152 ? 14.876  5.502   0.128   1.00 30.34 ? 675 LYS A C   1 
ATOM   1079 O  O   . LYS A 1 152 ? 15.188  5.927   1.238   1.00 29.88 ? 675 LYS A O   1 
ATOM   1080 C  CB  . LYS A 1 152 ? 15.205  6.663   -2.051  1.00 34.47 ? 675 LYS A CB  1 
ATOM   1081 C  CG  . LYS A 1 152 ? 16.210  7.459   -2.865  1.00 36.29 ? 675 LYS A CG  1 
ATOM   1082 C  CD  . LYS A 1 152 ? 16.601  8.742   -2.140  1.00 40.74 ? 675 LYS A CD  1 
ATOM   1083 C  CE  . LYS A 1 152 ? 17.362  9.689   -3.067  1.00 43.23 ? 675 LYS A CE  1 
ATOM   1084 N  NZ  . LYS A 1 152 ? 17.686  10.988  -2.397  1.00 44.57 ? 675 LYS A NZ  1 
ATOM   1085 N  N   . TRP A 1 153 ? 13.725  4.883   -0.119  1.00 28.98 ? 676 TRP A N   1 
ATOM   1086 C  CA  . TRP A 1 153 ? 12.753  4.651   0.941   1.00 28.94 ? 676 TRP A CA  1 
ATOM   1087 C  C   . TRP A 1 153 ? 13.415  3.941   2.111   1.00 29.23 ? 676 TRP A C   1 
ATOM   1088 O  O   . TRP A 1 153 ? 13.342  4.397   3.251   1.00 28.98 ? 676 TRP A O   1 
ATOM   1089 C  CB  . TRP A 1 153 ? 11.592  3.788   0.441   1.00 28.09 ? 676 TRP A CB  1 
ATOM   1090 C  CG  . TRP A 1 153 ? 10.748  3.256   1.562   1.00 27.40 ? 676 TRP A CG  1 
ATOM   1091 C  CD1 . TRP A 1 153 ? 9.891   3.967   2.351   1.00 27.96 ? 676 TRP A CD1 1 
ATOM   1092 C  CD2 . TRP A 1 153 ? 10.725  1.913   2.055   1.00 28.06 ? 676 TRP A CD2 1 
ATOM   1093 N  NE1 . TRP A 1 153 ? 9.334   3.150   3.307   1.00 27.06 ? 676 TRP A NE1 1 
ATOM   1094 C  CE2 . TRP A 1 153 ? 9.830   1.880   3.149   1.00 28.28 ? 676 TRP A CE2 1 
ATOM   1095 C  CE3 . TRP A 1 153 ? 11.375  0.729   1.682   1.00 27.15 ? 676 TRP A CE3 1 
ATOM   1096 C  CZ2 . TRP A 1 153 ? 9.567   0.711   3.873   1.00 26.82 ? 676 TRP A CZ2 1 
ATOM   1097 C  CZ3 . TRP A 1 153 ? 11.112  -0.433  2.400   1.00 27.50 ? 676 TRP A CZ3 1 
ATOM   1098 C  CH2 . TRP A 1 153 ? 10.216  -0.431  3.483   1.00 25.88 ? 676 TRP A CH2 1 
ATOM   1099 N  N   . TRP A 1 154 ? 14.068  2.823   1.811   1.00 30.51 ? 677 TRP A N   1 
ATOM   1100 C  CA  . TRP A 1 154 ? 14.726  2.020   2.828   1.00 32.50 ? 677 TRP A CA  1 
ATOM   1101 C  C   . TRP A 1 154 ? 15.834  2.746   3.590   1.00 33.22 ? 677 TRP A C   1 
ATOM   1102 O  O   . TRP A 1 154 ? 15.983  2.561   4.796   1.00 31.83 ? 677 TRP A O   1 
ATOM   1103 C  CB  . TRP A 1 154 ? 15.281  0.732   2.207   1.00 33.59 ? 677 TRP A CB  1 
ATOM   1104 C  CG  . TRP A 1 154 ? 15.844  -0.172  3.242   1.00 32.95 ? 677 TRP A CG  1 
ATOM   1105 C  CD1 . TRP A 1 154 ? 17.160  -0.404  3.491   1.00 31.99 ? 677 TRP A CD1 1 
ATOM   1106 C  CD2 . TRP A 1 154 ? 15.109  -0.878  4.250   1.00 33.22 ? 677 TRP A CD2 1 
ATOM   1107 N  NE1 . TRP A 1 154 ? 17.297  -1.204  4.598   1.00 33.93 ? 677 TRP A NE1 1 
ATOM   1108 C  CE2 . TRP A 1 154 ? 16.054  -1.513  5.084   1.00 33.40 ? 677 TRP A CE2 1 
ATOM   1109 C  CE3 . TRP A 1 154 ? 13.742  -1.034  4.531   1.00 32.49 ? 677 TRP A CE3 1 
ATOM   1110 C  CZ2 . TRP A 1 154 ? 15.683  -2.294  6.189   1.00 33.70 ? 677 TRP A CZ2 1 
ATOM   1111 C  CZ3 . TRP A 1 154 ? 13.368  -1.814  5.632   1.00 33.54 ? 677 TRP A CZ3 1 
ATOM   1112 C  CH2 . TRP A 1 154 ? 14.340  -2.435  6.445   1.00 33.40 ? 677 TRP A CH2 1 
ATOM   1113 N  N   . ASP A 1 155 ? 16.610  3.564   2.888   1.00 34.47 ? 678 ASP A N   1 
ATOM   1114 C  CA  . ASP A 1 155 ? 17.695  4.310   3.524   1.00 36.34 ? 678 ASP A CA  1 
ATOM   1115 C  C   . ASP A 1 155 ? 17.174  5.355   4.511   1.00 35.77 ? 678 ASP A C   1 
ATOM   1116 O  O   . ASP A 1 155 ? 17.848  5.694   5.487   1.00 35.38 ? 678 ASP A O   1 
ATOM   1117 C  CB  . ASP A 1 155 ? 18.546  5.006   2.461   1.00 39.24 ? 678 ASP A CB  1 
ATOM   1118 C  CG  . ASP A 1 155 ? 19.451  4.045   1.712   1.00 43.17 ? 678 ASP A CG  1 
ATOM   1119 O  OD1 . ASP A 1 155 ? 19.240  2.814   1.803   1.00 45.46 ? 678 ASP A OD1 1 
ATOM   1120 O  OD2 . ASP A 1 155 ? 20.376  4.526   1.021   1.00 45.64 ? 678 ASP A OD2 1 
ATOM   1121 N  N   . ASN A 1 156 ? 15.973  5.862   4.251   1.00 34.51 ? 679 ASN A N   1 
ATOM   1122 C  CA  . ASN A 1 156 ? 15.367  6.877   5.104   1.00 34.15 ? 679 ASN A CA  1 
ATOM   1123 C  C   . ASN A 1 156 ? 14.242  6.344   5.975   1.00 33.27 ? 679 ASN A C   1 
ATOM   1124 O  O   . ASN A 1 156 ? 13.529  7.113   6.618   1.00 33.17 ? 679 ASN A O   1 
ATOM   1125 C  CB  . ASN A 1 156 ? 14.844  8.023   4.245   1.00 35.30 ? 679 ASN A CB  1 
ATOM   1126 C  CG  . ASN A 1 156 ? 15.953  8.753   3.528   1.00 37.88 ? 679 ASN A CG  1 
ATOM   1127 O  OD1 . ASN A 1 156 ? 16.743  9.465   4.147   1.00 41.26 ? 679 ASN A OD1 1 
ATOM   1128 N  ND2 . ASN A 1 156 ? 16.029  8.570   2.215   1.00 38.30 ? 679 ASN A ND2 1 
ATOM   1129 N  N   . VAL A 1 157 ? 14.092  5.027   6.008   1.00 33.40 ? 680 VAL A N   1 
ATOM   1130 C  CA  . VAL A 1 157 ? 13.044  4.396   6.802   1.00 32.85 ? 680 VAL A CA  1 
ATOM   1131 C  C   . VAL A 1 157 ? 13.244  4.625   8.298   1.00 32.36 ? 680 VAL A C   1 
ATOM   1132 O  O   . VAL A 1 157 ? 14.367  4.795   8.771   1.00 32.69 ? 680 VAL A O   1 
ATOM   1133 C  CB  . VAL A 1 157 ? 12.981  2.875   6.545   1.00 32.83 ? 680 VAL A CB  1 
ATOM   1134 C  CG1 . VAL A 1 157 ? 14.185  2.186   7.176   1.00 32.65 ? 680 VAL A CG1 1 
ATOM   1135 C  CG2 . VAL A 1 157 ? 11.676  2.314   7.094   1.00 33.09 ? 680 VAL A CG2 1 
ATOM   1136 N  N   . SER A 1 158 ? 12.138  4.622   9.031   1.00 31.93 ? 681 SER A N   1 
ATOM   1137 C  CA  . SER A 1 158 ? 12.152  4.823   10.473  1.00 32.02 ? 681 SER A CA  1 
ATOM   1138 C  C   . SER A 1 158 ? 12.861  3.678   11.179  1.00 31.58 ? 681 SER A C   1 
ATOM   1139 O  O   . SER A 1 158 ? 12.720  2.525   10.783  1.00 31.38 ? 681 SER A O   1 
ATOM   1140 C  CB  . SER A 1 158 ? 10.715  4.929   10.983  1.00 31.20 ? 681 SER A CB  1 
ATOM   1141 O  OG  . SER A 1 158 ? 10.652  4.734   12.385  1.00 31.72 ? 681 SER A OG  1 
ATOM   1142 N  N   . THR A 1 159 ? 13.630  3.990   12.218  1.00 31.50 ? 682 THR A N   1 
ATOM   1143 C  CA  . THR A 1 159 ? 14.322  2.941   12.965  1.00 30.54 ? 682 THR A CA  1 
ATOM   1144 C  C   . THR A 1 159 ? 13.633  2.691   14.298  1.00 30.48 ? 682 THR A C   1 
ATOM   1145 O  O   . THR A 1 159 ? 14.155  1.974   15.148  1.00 30.36 ? 682 THR A O   1 
ATOM   1146 C  CB  . THR A 1 159 ? 15.811  3.277   13.227  1.00 30.06 ? 682 THR A CB  1 
ATOM   1147 O  OG1 . THR A 1 159 ? 15.916  4.538   13.900  1.00 32.22 ? 682 THR A OG1 1 
ATOM   1148 C  CG2 . THR A 1 159 ? 16.584  3.319   11.922  1.00 27.64 ? 682 THR A CG2 1 
ATOM   1149 N  N   . ASP A 1 160 ? 12.459  3.286   14.481  1.00 30.63 ? 683 ASP A N   1 
ATOM   1150 C  CA  . ASP A 1 160 ? 11.715  3.081   15.711  1.00 31.48 ? 683 ASP A CA  1 
ATOM   1151 C  C   . ASP A 1 160 ? 11.538  1.573   15.833  1.00 33.68 ? 683 ASP A C   1 
ATOM   1152 O  O   . ASP A 1 160 ? 11.045  0.921   14.913  1.00 33.89 ? 683 ASP A O   1 
ATOM   1153 C  CB  . ASP A 1 160 ? 10.341  3.744   15.642  1.00 30.46 ? 683 ASP A CB  1 
ATOM   1154 C  CG  . ASP A 1 160 ? 9.547   3.566   16.923  1.00 31.15 ? 683 ASP A CG  1 
ATOM   1155 O  OD1 . ASP A 1 160 ? 9.832   2.605   17.668  1.00 30.28 ? 683 ASP A OD1 1 
ATOM   1156 O  OD2 . ASP A 1 160 ? 8.633   4.378   17.179  1.00 30.83 ? 683 ASP A OD2 1 
ATOM   1157 N  N   . PRO A 1 161 ? 11.951  0.993   16.965  1.00 34.00 ? 684 PRO A N   1 
ATOM   1158 C  CA  . PRO A 1 161 ? 11.812  -0.451  17.153  1.00 33.28 ? 684 PRO A CA  1 
ATOM   1159 C  C   . PRO A 1 161 ? 10.401  -0.977  16.871  1.00 33.56 ? 684 PRO A C   1 
ATOM   1160 O  O   . PRO A 1 161 ? 10.216  -2.167  16.603  1.00 34.16 ? 684 PRO A O   1 
ATOM   1161 C  CB  . PRO A 1 161 ? 12.231  -0.640  18.604  1.00 33.72 ? 684 PRO A CB  1 
ATOM   1162 C  CG  . PRO A 1 161 ? 13.298  0.400   18.757  1.00 33.66 ? 684 PRO A CG  1 
ATOM   1163 C  CD  . PRO A 1 161 ? 12.678  1.605   18.092  1.00 34.05 ? 684 PRO A CD  1 
ATOM   1164 N  N   . ARG A 1 162 ? 9.409   -0.089  16.916  1.00 32.60 ? 685 ARG A N   1 
ATOM   1165 C  CA  . ARG A 1 162 ? 8.030   -0.494  16.676  1.00 32.20 ? 685 ARG A CA  1 
ATOM   1166 C  C   . ARG A 1 162 ? 7.863   -1.098  15.285  1.00 30.97 ? 685 ARG A C   1 
ATOM   1167 O  O   . ARG A 1 162 ? 6.852   -1.731  14.998  1.00 30.13 ? 685 ARG A O   1 
ATOM   1168 C  CB  . ARG A 1 162 ? 7.077   0.700   16.842  1.00 33.64 ? 685 ARG A CB  1 
ATOM   1169 C  CG  . ARG A 1 162 ? 6.818   1.516   15.578  1.00 34.33 ? 685 ARG A CG  1 
ATOM   1170 C  CD  . ARG A 1 162 ? 5.976   2.752   15.879  1.00 36.69 ? 685 ARG A CD  1 
ATOM   1171 N  NE  . ARG A 1 162 ? 4.629   2.427   16.343  1.00 39.32 ? 685 ARG A NE  1 
ATOM   1172 C  CZ  . ARG A 1 162 ? 3.584   2.213   15.546  1.00 38.94 ? 685 ARG A CZ  1 
ATOM   1173 N  NH1 . ARG A 1 162 ? 3.722   2.291   14.233  1.00 42.18 ? 685 ARG A NH1 1 
ATOM   1174 N  NH2 . ARG A 1 162 ? 2.401   1.919   16.065  1.00 38.09 ? 685 ARG A NH2 1 
ATOM   1175 N  N   . TYR A 1 163 ? 8.861   -0.898  14.429  1.00 30.12 ? 686 TYR A N   1 
ATOM   1176 C  CA  . TYR A 1 163 ? 8.807   -1.418  13.069  1.00 30.88 ? 686 TYR A CA  1 
ATOM   1177 C  C   . TYR A 1 163 ? 9.762   -2.590  12.843  1.00 31.07 ? 686 TYR A C   1 
ATOM   1178 O  O   . TYR A 1 163 ? 9.878   -3.096  11.725  1.00 28.09 ? 686 TYR A O   1 
ATOM   1179 C  CB  . TYR A 1 163 ? 9.115   -0.302  12.064  1.00 30.93 ? 686 TYR A CB  1 
ATOM   1180 C  CG  . TYR A 1 163 ? 8.132   0.844   12.120  1.00 31.42 ? 686 TYR A CG  1 
ATOM   1181 C  CD1 . TYR A 1 163 ? 6.782   0.647   11.833  1.00 32.73 ? 686 TYR A CD1 1 
ATOM   1182 C  CD2 . TYR A 1 163 ? 8.543   2.119   12.497  1.00 32.32 ? 686 TYR A CD2 1 
ATOM   1183 C  CE1 . TYR A 1 163 ? 5.862   1.692   11.927  1.00 33.87 ? 686 TYR A CE1 1 
ATOM   1184 C  CE2 . TYR A 1 163 ? 7.635   3.171   12.595  1.00 33.12 ? 686 TYR A CE2 1 
ATOM   1185 C  CZ  . TYR A 1 163 ? 6.296   2.951   12.309  1.00 33.76 ? 686 TYR A CZ  1 
ATOM   1186 O  OH  . TYR A 1 163 ? 5.386   3.983   12.403  1.00 35.28 ? 686 TYR A OH  1 
ATOM   1187 N  N   . ASP A 1 164 ? 10.441  -3.022  13.906  1.00 31.31 ? 687 ASP A N   1 
ATOM   1188 C  CA  . ASP A 1 164 ? 11.372  -4.135  13.795  1.00 31.10 ? 687 ASP A CA  1 
ATOM   1189 C  C   . ASP A 1 164 ? 10.710  -5.376  13.209  1.00 31.23 ? 687 ASP A C   1 
ATOM   1190 O  O   . ASP A 1 164 ? 11.259  -6.009  12.310  1.00 30.56 ? 687 ASP A O   1 
ATOM   1191 C  CB  . ASP A 1 164 ? 11.973  -4.490  15.161  1.00 32.85 ? 687 ASP A CB  1 
ATOM   1192 C  CG  . ASP A 1 164 ? 13.067  -3.533  15.586  1.00 34.14 ? 687 ASP A CG  1 
ATOM   1193 O  OD1 . ASP A 1 164 ? 13.784  -3.023  14.700  1.00 34.98 ? 687 ASP A OD1 1 
ATOM   1194 O  OD2 . ASP A 1 164 ? 13.224  -3.305  16.804  1.00 35.32 ? 687 ASP A OD2 1 
ATOM   1195 N  N   . GLU A 1 165 ? 9.528   -5.721  13.713  1.00 31.01 ? 688 GLU A N   1 
ATOM   1196 C  CA  . GLU A 1 165 ? 8.826   -6.904  13.235  1.00 32.38 ? 688 GLU A CA  1 
ATOM   1197 C  C   . GLU A 1 165 ? 8.446   -6.842  11.752  1.00 32.33 ? 688 GLU A C   1 
ATOM   1198 O  O   . GLU A 1 165 ? 8.825   -7.719  10.974  1.00 32.34 ? 688 GLU A O   1 
ATOM   1199 C  CB  . GLU A 1 165 ? 7.567   -7.156  14.069  1.00 35.09 ? 688 GLU A CB  1 
ATOM   1200 C  CG  . GLU A 1 165 ? 7.371   -8.625  14.425  1.00 37.77 ? 688 GLU A CG  1 
ATOM   1201 C  CD  . GLU A 1 165 ? 5.947   -8.958  14.830  1.00 40.10 ? 688 GLU A CD  1 
ATOM   1202 O  OE1 . GLU A 1 165 ? 5.314   -8.141  15.535  1.00 41.88 ? 688 GLU A OE1 1 
ATOM   1203 O  OE2 . GLU A 1 165 ? 5.468   -10.046 14.452  1.00 41.90 ? 688 GLU A OE2 1 
ATOM   1204 N  N   . VAL A 1 166 ? 7.700   -5.814  11.359  1.00 30.97 ? 689 VAL A N   1 
ATOM   1205 C  CA  . VAL A 1 166 ? 7.278   -5.675  9.967   1.00 30.83 ? 689 VAL A CA  1 
ATOM   1206 C  C   . VAL A 1 166 ? 8.427   -5.597  8.957   1.00 29.95 ? 689 VAL A C   1 
ATOM   1207 O  O   . VAL A 1 166 ? 8.235   -5.880  7.778   1.00 29.94 ? 689 VAL A O   1 
ATOM   1208 C  CB  . VAL A 1 166 ? 6.393   -4.417  9.762   1.00 32.27 ? 689 VAL A CB  1 
ATOM   1209 C  CG1 . VAL A 1 166 ? 5.174   -4.484  10.651  1.00 33.73 ? 689 VAL A CG1 1 
ATOM   1210 C  CG2 . VAL A 1 166 ? 7.195   -3.151  10.049  1.00 31.02 ? 689 VAL A CG2 1 
ATOM   1211 N  N   . LYS A 1 167 ? 9.615   -5.216  9.417   1.00 30.21 ? 690 LYS A N   1 
ATOM   1212 C  CA  . LYS A 1 167 ? 10.769  -5.078  8.530   1.00 31.68 ? 690 LYS A CA  1 
ATOM   1213 C  C   . LYS A 1 167 ? 11.617  -6.333  8.341   1.00 31.75 ? 690 LYS A C   1 
ATOM   1214 O  O   . LYS A 1 167 ? 12.407  -6.409  7.402   1.00 31.43 ? 690 LYS A O   1 
ATOM   1215 C  CB  . LYS A 1 167 ? 11.667  -3.932  9.017   1.00 33.26 ? 690 LYS A CB  1 
ATOM   1216 C  CG  . LYS A 1 167 ? 11.034  -2.559  8.883   1.00 34.40 ? 690 LYS A CG  1 
ATOM   1217 C  CD  . LYS A 1 167 ? 11.699  -1.530  9.791   1.00 34.42 ? 690 LYS A CD  1 
ATOM   1218 C  CE  . LYS A 1 167 ? 13.125  -1.210  9.387   1.00 32.62 ? 690 LYS A CE  1 
ATOM   1219 N  NZ  . LYS A 1 167 ? 13.706  -0.194  10.311  1.00 32.05 ? 690 LYS A NZ  1 
ATOM   1220 N  N   . LYS A 1 168 ? 11.454  -7.312  9.224   1.00 31.96 ? 691 LYS A N   1 
ATOM   1221 C  CA  . LYS A 1 168 ? 12.226  -8.554  9.152   1.00 33.27 ? 691 LYS A CA  1 
ATOM   1222 C  C   . LYS A 1 168 ? 12.478  -9.122  7.758   1.00 34.07 ? 691 LYS A C   1 
ATOM   1223 O  O   . LYS A 1 168 ? 13.622  -9.331  7.362   1.00 34.11 ? 691 LYS A O   1 
ATOM   1224 C  CB  . LYS A 1 168 ? 11.557  -9.645  9.991   1.00 33.25 ? 691 LYS A CB  1 
ATOM   1225 C  CG  . LYS A 1 168 ? 11.839  -9.568  11.479  1.00 34.23 ? 691 LYS A CG  1 
ATOM   1226 C  CD  . LYS A 1 168 ? 11.271  -10.776 12.217  1.00 35.63 ? 691 LYS A CD  1 
ATOM   1227 C  CE  . LYS A 1 168 ? 9.769   -10.906 12.005  1.00 36.02 ? 691 LYS A CE  1 
ATOM   1228 N  NZ  . LYS A 1 168 ? 9.159   -11.897 12.929  1.00 37.64 ? 691 LYS A NZ  1 
ATOM   1229 N  N   . LEU A 1 169 ? 11.404  -9.386  7.025   1.00 34.85 ? 692 LEU A N   1 
ATOM   1230 C  CA  . LEU A 1 169 ? 11.511  -9.969  5.699   1.00 36.05 ? 692 LEU A CA  1 
ATOM   1231 C  C   . LEU A 1 169 ? 11.944  -8.973  4.641   1.00 36.04 ? 692 LEU A C   1 
ATOM   1232 O  O   . LEU A 1 169 ? 12.886  -9.225  3.894   1.00 35.41 ? 692 LEU A O   1 
ATOM   1233 C  CB  . LEU A 1 169 ? 10.173  -10.605 5.318   1.00 37.43 ? 692 LEU A CB  1 
ATOM   1234 C  CG  . LEU A 1 169 ? 10.127  -11.677 4.227   1.00 39.84 ? 692 LEU A CG  1 
ATOM   1235 C  CD1 . LEU A 1 169 ? 11.337  -12.595 4.323   1.00 40.66 ? 692 LEU A CD1 1 
ATOM   1236 C  CD2 . LEU A 1 169 ? 8.843   -12.475 4.400   1.00 39.18 ? 692 LEU A CD2 1 
ATOM   1237 N  N   . THR A 1 170 ? 11.270  -7.833  4.582   1.00 36.02 ? 693 THR A N   1 
ATOM   1238 C  CA  . THR A 1 170 ? 11.599  -6.822  3.590   1.00 36.22 ? 693 THR A CA  1 
ATOM   1239 C  C   . THR A 1 170 ? 13.054  -6.339  3.646   1.00 35.64 ? 693 THR A C   1 
ATOM   1240 O  O   . THR A 1 170 ? 13.613  -5.938  2.619   1.00 34.91 ? 693 THR A O   1 
ATOM   1241 C  CB  . THR A 1 170 ? 10.610  -5.630  3.692   1.00 35.92 ? 693 THR A CB  1 
ATOM   1242 O  OG1 . THR A 1 170 ? 11.231  -4.431  3.207   1.00 36.84 ? 693 THR A OG1 1 
ATOM   1243 C  CG2 . THR A 1 170 ? 10.151  -5.452  5.126   1.00 37.83 ? 693 THR A CG2 1 
ATOM   1244 N  N   . VAL A 1 171 ? 13.682  -6.394  4.818   1.00 35.98 ? 694 VAL A N   1 
ATOM   1245 C  CA  . VAL A 1 171 ? 15.074  -5.948  4.918   1.00 37.70 ? 694 VAL A CA  1 
ATOM   1246 C  C   . VAL A 1 171 ? 15.974  -6.871  4.107   1.00 37.94 ? 694 VAL A C   1 
ATOM   1247 O  O   . VAL A 1 171 ? 16.922  -6.421  3.462   1.00 37.89 ? 694 VAL A O   1 
ATOM   1248 C  CB  . VAL A 1 171 ? 15.591  -5.907  6.379   1.00 38.38 ? 694 VAL A CB  1 
ATOM   1249 C  CG1 . VAL A 1 171 ? 15.497  -7.279  7.010   1.00 38.07 ? 694 VAL A CG1 1 
ATOM   1250 C  CG2 . VAL A 1 171 ? 17.032  -5.409  6.402   1.00 36.94 ? 694 VAL A CG2 1 
ATOM   1251 N  N   . LYS A 1 172 ? 15.678  -8.167  4.142   1.00 37.40 ? 695 LYS A N   1 
ATOM   1252 C  CA  . LYS A 1 172 ? 16.459  -9.125  3.368   1.00 36.53 ? 695 LYS A CA  1 
ATOM   1253 C  C   . LYS A 1 172 ? 16.185  -8.896  1.877   1.00 35.46 ? 695 LYS A C   1 
ATOM   1254 O  O   . LYS A 1 172 ? 17.096  -8.967  1.052   1.00 34.44 ? 695 LYS A O   1 
ATOM   1255 C  CB  . LYS A 1 172 ? 16.075  -10.562 3.734   1.00 37.39 ? 695 LYS A CB  1 
ATOM   1256 C  CG  . LYS A 1 172 ? 16.878  -11.217 4.852   1.00 39.38 ? 695 LYS A CG  1 
ATOM   1257 C  CD  . LYS A 1 172 ? 16.246  -10.993 6.208   1.00 41.41 ? 695 LYS A CD  1 
ATOM   1258 C  CE  . LYS A 1 172 ? 16.859  -11.906 7.271   1.00 43.58 ? 695 LYS A CE  1 
ATOM   1259 N  NZ  . LYS A 1 172 ? 16.244  -13.267 7.309   1.00 44.24 ? 695 LYS A NZ  1 
ATOM   1260 N  N   . TRP A 1 173 ? 14.923  -8.623  1.539   1.00 34.22 ? 696 TRP A N   1 
ATOM   1261 C  CA  . TRP A 1 173 ? 14.533  -8.391  0.151   1.00 33.95 ? 696 TRP A CA  1 
ATOM   1262 C  C   . TRP A 1 173 ? 15.314  -7.231  -0.457  1.00 36.16 ? 696 TRP A C   1 
ATOM   1263 O  O   . TRP A 1 173 ? 15.870  -7.351  -1.553  1.00 36.59 ? 696 TRP A O   1 
ATOM   1264 C  CB  . TRP A 1 173 ? 13.037  -8.097  0.057   1.00 31.97 ? 696 TRP A CB  1 
ATOM   1265 C  CG  . TRP A 1 173 ? 12.558  -7.899  -1.352  1.00 30.74 ? 696 TRP A CG  1 
ATOM   1266 C  CD1 . TRP A 1 173 ? 12.693  -8.771  -2.395  1.00 29.62 ? 696 TRP A CD1 1 
ATOM   1267 C  CD2 . TRP A 1 173 ? 11.851  -6.766  -1.867  1.00 29.37 ? 696 TRP A CD2 1 
ATOM   1268 N  NE1 . TRP A 1 173 ? 12.113  -8.252  -3.526  1.00 29.82 ? 696 TRP A NE1 1 
ATOM   1269 C  CE2 . TRP A 1 173 ? 11.585  -7.022  -3.233  1.00 29.41 ? 696 TRP A CE2 1 
ATOM   1270 C  CE3 . TRP A 1 173 ? 11.411  -5.560  -1.309  1.00 28.54 ? 696 TRP A CE3 1 
ATOM   1271 C  CZ2 . TRP A 1 173 ? 10.905  -6.116  -4.050  1.00 28.57 ? 696 TRP A CZ2 1 
ATOM   1272 C  CZ3 . TRP A 1 173 ? 10.732  -4.657  -2.120  1.00 29.42 ? 696 TRP A CZ3 1 
ATOM   1273 C  CH2 . TRP A 1 173 ? 10.485  -4.943  -3.478  1.00 29.82 ? 696 TRP A CH2 1 
ATOM   1274 N  N   . VAL A 1 174 ? 15.357  -6.103  0.250   1.00 36.84 ? 697 VAL A N   1 
ATOM   1275 C  CA  . VAL A 1 174 ? 16.089  -4.947  -0.250  1.00 37.40 ? 697 VAL A CA  1 
ATOM   1276 C  C   . VAL A 1 174 ? 17.550  -5.322  -0.452  1.00 38.46 ? 697 VAL A C   1 
ATOM   1277 O  O   . VAL A 1 174 ? 18.179  -4.921  -1.431  1.00 37.30 ? 697 VAL A O   1 
ATOM   1278 C  CB  . VAL A 1 174 ? 16.004  -3.756  0.732   1.00 37.32 ? 697 VAL A CB  1 
ATOM   1279 C  CG1 . VAL A 1 174 ? 16.928  -2.632  0.271   1.00 35.63 ? 697 VAL A CG1 1 
ATOM   1280 C  CG2 . VAL A 1 174 ? 14.573  -3.249  0.801   1.00 36.34 ? 697 VAL A CG2 1 
ATOM   1281 N  N   . GLU A 1 175 ? 18.081  -6.100  0.485   1.00 40.81 ? 698 GLU A N   1 
ATOM   1282 C  CA  . GLU A 1 175 ? 19.469  -6.548  0.427   1.00 43.25 ? 698 GLU A CA  1 
ATOM   1283 C  C   . GLU A 1 175 ? 19.683  -7.418  -0.811  1.00 42.53 ? 698 GLU A C   1 
ATOM   1284 O  O   . GLU A 1 175 ? 20.656  -7.240  -1.545  1.00 41.77 ? 698 GLU A O   1 
ATOM   1285 C  CB  . GLU A 1 175 ? 19.810  -7.327  1.700   1.00 46.67 ? 698 GLU A CB  1 
ATOM   1286 C  CG  . GLU A 1 175 ? 21.248  -7.850  1.792   1.00 53.37 ? 698 GLU A CG  1 
ATOM   1287 C  CD  . GLU A 1 175 ? 22.306  -6.746  1.742   1.00 57.28 ? 698 GLU A CD  1 
ATOM   1288 O  OE1 . GLU A 1 175 ? 21.936  -5.547  1.787   1.00 60.02 ? 698 GLU A OE1 1 
ATOM   1289 O  OE2 . GLU A 1 175 ? 23.516  -7.074  1.663   1.00 58.11 ? 698 GLU A OE2 1 
ATOM   1290 N  N   . TRP A 1 176 ? 18.769  -8.361  -1.034  1.00 41.85 ? 699 TRP A N   1 
ATOM   1291 C  CA  . TRP A 1 176 ? 18.850  -9.237  -2.197  1.00 41.23 ? 699 TRP A CA  1 
ATOM   1292 C  C   . TRP A 1 176 ? 18.843  -8.401  -3.475  1.00 42.06 ? 699 TRP A C   1 
ATOM   1293 O  O   . TRP A 1 176 ? 19.603  -8.671  -4.405  1.00 42.00 ? 699 TRP A O   1 
ATOM   1294 C  CB  . TRP A 1 176 ? 17.664  -10.209 -2.218  1.00 41.02 ? 699 TRP A CB  1 
ATOM   1295 C  CG  . TRP A 1 176 ? 17.453  -10.910 -3.552  1.00 39.81 ? 699 TRP A CG  1 
ATOM   1296 C  CD1 . TRP A 1 176 ? 16.314  -10.903 -4.315  1.00 39.62 ? 699 TRP A CD1 1 
ATOM   1297 C  CD2 . TRP A 1 176 ? 18.406  -11.700 -4.269  1.00 38.14 ? 699 TRP A CD2 1 
ATOM   1298 N  NE1 . TRP A 1 176 ? 16.503  -11.641 -5.459  1.00 39.38 ? 699 TRP A NE1 1 
ATOM   1299 C  CE2 . TRP A 1 176 ? 17.780  -12.146 -5.455  1.00 39.18 ? 699 TRP A CE2 1 
ATOM   1300 C  CE3 . TRP A 1 176 ? 19.728  -12.084 -4.022  1.00 37.54 ? 699 TRP A CE3 1 
ATOM   1301 C  CZ2 . TRP A 1 176 ? 18.434  -12.946 -6.398  1.00 38.75 ? 699 TRP A CZ2 1 
ATOM   1302 C  CZ3 . TRP A 1 176 ? 20.379  -12.877 -4.953  1.00 38.55 ? 699 TRP A CZ3 1 
ATOM   1303 C  CH2 . TRP A 1 176 ? 19.729  -13.303 -6.127  1.00 38.78 ? 699 TRP A CH2 1 
ATOM   1304 N  N   . LEU A 1 177 ? 17.972  -7.395  -3.516  1.00 42.82 ? 700 LEU A N   1 
ATOM   1305 C  CA  . LEU A 1 177 ? 17.858  -6.510  -4.672  1.00 43.63 ? 700 LEU A CA  1 
ATOM   1306 C  C   . LEU A 1 177 ? 19.159  -5.772  -4.974  1.00 44.65 ? 700 LEU A C   1 
ATOM   1307 O  O   . LEU A 1 177 ? 19.505  -5.575  -6.141  1.00 43.61 ? 700 LEU A O   1 
ATOM   1308 C  CB  . LEU A 1 177 ? 16.743  -5.485  -4.451  1.00 43.63 ? 700 LEU A CB  1 
ATOM   1309 C  CG  . LEU A 1 177 ? 15.305  -5.977  -4.586  1.00 43.58 ? 700 LEU A CG  1 
ATOM   1310 C  CD1 . LEU A 1 177 ? 14.351  -4.854  -4.208  1.00 44.33 ? 700 LEU A CD1 1 
ATOM   1311 C  CD2 . LEU A 1 177 ? 15.061  -6.435  -6.014  1.00 43.36 ? 700 LEU A CD2 1 
ATOM   1312 N  N   . GLN A 1 178 ? 19.865  -5.344  -3.930  1.00 47.22 ? 701 GLN A N   1 
ATOM   1313 C  CA  . GLN A 1 178 ? 21.128  -4.629  -4.110  1.00 51.05 ? 701 GLN A CA  1 
ATOM   1314 C  C   . GLN A 1 178 ? 22.137  -5.592  -4.738  1.00 52.31 ? 701 GLN A C   1 
ATOM   1315 O  O   . GLN A 1 178 ? 22.757  -5.278  -5.756  1.00 52.16 ? 701 GLN A O   1 
ATOM   1316 C  CB  . GLN A 1 178 ? 21.656  -4.093  -2.764  1.00 52.35 ? 701 GLN A CB  1 
ATOM   1317 C  CG  . GLN A 1 178 ? 20.727  -3.094  -2.078  1.00 54.72 ? 701 GLN A CG  1 
ATOM   1318 C  CD  . GLN A 1 178 ? 21.170  -2.756  -0.661  1.00 56.36 ? 701 GLN A CD  1 
ATOM   1319 O  OE1 . GLN A 1 178 ? 20.548  -1.939  0.018   1.00 57.46 ? 701 GLN A OE1 1 
ATOM   1320 N  NE2 . GLN A 1 178 ? 22.248  -3.391  -0.209  1.00 57.54 ? 701 GLN A NE2 1 
ATOM   1321 N  N   . ASN A 1 179 ? 22.291  -6.768  -4.140  1.00 54.15 ? 702 ASN A N   1 
ATOM   1322 C  CA  . ASN A 1 179 ? 23.225  -7.763  -4.657  1.00 56.37 ? 702 ASN A CA  1 
ATOM   1323 C  C   . ASN A 1 179 ? 22.955  -8.155  -6.112  1.00 57.83 ? 702 ASN A C   1 
ATOM   1324 O  O   . ASN A 1 179 ? 23.885  -8.285  -6.915  1.00 58.04 ? 702 ASN A O   1 
ATOM   1325 C  CB  . ASN A 1 179 ? 23.199  -9.020  -3.776  1.00 56.52 ? 702 ASN A CB  1 
ATOM   1326 C  CG  . ASN A 1 179 ? 23.720  -8.760  -2.367  1.00 57.02 ? 702 ASN A CG  1 
ATOM   1327 O  OD1 . ASN A 1 179 ? 24.495  -7.827  -2.139  1.00 58.08 ? 702 ASN A OD1 1 
ATOM   1328 N  ND2 . ASN A 1 179 ? 23.308  -9.593  -1.417  1.00 56.72 ? 702 ASN A ND2 1 
ATOM   1329 N  N   . ALA A 1 180 ? 21.684  -8.335  -6.450  1.00 59.30 ? 703 ALA A N   1 
ATOM   1330 C  CA  . ALA A 1 180 ? 21.305  -8.722  -7.799  1.00 60.76 ? 703 ALA A CA  1 
ATOM   1331 C  C   . ALA A 1 180 ? 21.393  -7.549  -8.775  1.00 62.50 ? 703 ALA A C   1 
ATOM   1332 O  O   . ALA A 1 180 ? 21.168  -7.720  -9.975  1.00 63.33 ? 703 ALA A O   1 
ATOM   1333 C  CB  . ALA A 1 180 ? 19.903  -9.287  -7.786  1.00 60.07 ? 703 ALA A CB  1 
ATOM   1334 N  N   . ASP A 1 181 ? 21.729  -6.362  -8.273  1.00 64.07 ? 704 ASP A N   1 
ATOM   1335 C  CA  . ASP A 1 181 ? 21.825  -5.187  -9.143  1.00 65.69 ? 704 ASP A CA  1 
ATOM   1336 C  C   . ASP A 1 181 ? 23.054  -5.127  -10.051 1.00 66.41 ? 704 ASP A C   1 
ATOM   1337 O  O   . ASP A 1 181 ? 24.195  -5.270  -9.552  1.00 66.99 ? 704 ASP A O   1 
ATOM   1338 C  CB  . ASP A 1 181 ? 21.766  -3.902  -8.320  1.00 66.49 ? 704 ASP A CB  1 
ATOM   1339 C  CG  . ASP A 1 181 ? 20.599  -3.020  -8.722  1.00 67.56 ? 704 ASP A CG  1 
ATOM   1340 O  OD1 . ASP A 1 181 ? 20.246  -3.021  -9.924  1.00 67.87 ? 704 ASP A OD1 1 
ATOM   1341 O  OD2 . ASP A 1 181 ? 20.041  -2.324  -7.846  1.00 66.85 ? 704 ASP A OD2 1 
HETATM 1342 O  O   . HOH B 2 .   ? 8.976   -7.907  6.167   1.00 32.42 ? 1   HOH A O   1 
HETATM 1343 O  O   . HOH B 2 .   ? 11.341  5.868   4.425   1.00 26.35 ? 2   HOH A O   1 
HETATM 1344 O  O   . HOH B 2 .   ? -11.562 -2.729  2.787   1.00 31.58 ? 3   HOH A O   1 
HETATM 1345 O  O   . HOH B 2 .   ? 3.700   8.252   -11.191 1.00 32.65 ? 4   HOH A O   1 
HETATM 1346 O  O   . HOH B 2 .   ? 3.710   -10.713 -3.335  1.00 30.88 ? 5   HOH A O   1 
HETATM 1347 O  O   . HOH B 2 .   ? 9.666   5.323   7.640   1.00 26.44 ? 6   HOH A O   1 
HETATM 1348 O  O   . HOH B 2 .   ? 12.541  -0.720  13.052  1.00 29.85 ? 7   HOH A O   1 
HETATM 1349 O  O   . HOH B 2 .   ? 6.632   -4.116  13.458  1.00 30.05 ? 8   HOH A O   1 
HETATM 1350 O  O   . HOH B 2 .   ? 8.278   11.032  1.586   1.00 24.55 ? 9   HOH A O   1 
HETATM 1351 O  O   . HOH B 2 .   ? 16.980  4.573   7.908   1.00 27.53 ? 10  HOH A O   1 
HETATM 1352 O  O   . HOH B 2 .   ? 10.921  13.860  -4.827  1.00 37.47 ? 11  HOH A O   1 
HETATM 1353 O  O   . HOH B 2 .   ? -0.892  11.927  7.750   1.00 31.18 ? 12  HOH A O   1 
HETATM 1354 O  O   . HOH B 2 .   ? -8.763  -7.353  -5.409  1.00 50.65 ? 13  HOH A O   1 
HETATM 1355 O  O   . HOH B 2 .   ? 4.204   12.459  4.501   1.00 26.63 ? 14  HOH A O   1 
HETATM 1356 O  O   . HOH B 2 .   ? 10.960  8.499   5.392   1.00 32.96 ? 15  HOH A O   1 
HETATM 1357 O  O   . HOH B 2 .   ? 3.837   13.303  1.225   1.00 38.91 ? 16  HOH A O   1 
HETATM 1358 O  O   . HOH B 2 .   ? 0.525   -4.435  -7.413  1.00 29.82 ? 17  HOH A O   1 
HETATM 1359 O  O   . HOH B 2 .   ? -4.482  11.291  -10.055 1.00 31.56 ? 18  HOH A O   1 
HETATM 1360 O  O   . HOH B 2 .   ? -6.517  -17.154 6.157   1.00 36.52 ? 19  HOH A O   1 
HETATM 1361 O  O   . HOH B 2 .   ? 0.625   -17.036 3.077   1.00 30.93 ? 20  HOH A O   1 
HETATM 1362 O  O   . HOH B 2 .   ? -12.248 11.617  8.202   1.00 62.23 ? 21  HOH A O   1 
HETATM 1363 O  O   . HOH B 2 .   ? -11.574 -6.535  -6.600  1.00 37.61 ? 22  HOH A O   1 
HETATM 1364 O  O   . HOH B 2 .   ? -4.155  -14.736 -4.422  1.00 31.14 ? 23  HOH A O   1 
HETATM 1365 O  O   . HOH B 2 .   ? -14.913 4.831   5.939   1.00 35.51 ? 24  HOH A O   1 
HETATM 1366 O  O   . HOH B 2 .   ? 17.662  -6.423  -8.075  1.00 32.53 ? 25  HOH A O   1 
HETATM 1367 O  O   . HOH B 2 .   ? -13.643 0.034   6.190   1.00 33.54 ? 26  HOH A O   1 
HETATM 1368 O  O   . HOH B 2 .   ? 15.991  4.854   16.528  1.00 52.24 ? 27  HOH A O   1 
HETATM 1369 O  O   . HOH B 2 .   ? 0.650   -5.665  12.008  1.00 31.74 ? 28  HOH A O   1 
HETATM 1370 O  O   . HOH B 2 .   ? -6.837  10.161  4.274   1.00 34.19 ? 29  HOH A O   1 
HETATM 1371 O  O   . HOH B 2 .   ? 6.443   -12.080 12.330  1.00 48.74 ? 30  HOH A O   1 
HETATM 1372 O  O   . HOH B 2 .   ? 23.129  -5.850  -0.833  1.00 46.51 ? 31  HOH A O   1 
HETATM 1373 O  O   . HOH B 2 .   ? 16.411  -0.547  10.395  1.00 41.29 ? 32  HOH A O   1 
HETATM 1374 O  O   . HOH B 2 .   ? -9.704  13.843  7.419   1.00 43.76 ? 34  HOH A O   1 
HETATM 1375 O  O   . HOH B 2 .   ? -2.706  8.083   9.775   1.00 44.78 ? 35  HOH A O   1 
HETATM 1376 O  O   . HOH B 2 .   ? 9.578   1.670   20.576  1.00 36.62 ? 36  HOH A O   1 
HETATM 1377 O  O   . HOH B 2 .   ? -6.683  -9.553  -8.171  1.00 36.30 ? 37  HOH A O   1 
HETATM 1378 O  O   . HOH B 2 .   ? 9.509   16.471  -7.870  1.00 42.07 ? 38  HOH A O   1 
HETATM 1379 O  O   . HOH B 2 .   ? 25.897  -4.522  -7.066  1.00 43.17 ? 39  HOH A O   1 
HETATM 1380 O  O   . HOH B 2 .   ? -15.560 2.201   5.410   1.00 42.81 ? 40  HOH A O   1 
HETATM 1381 O  O   . HOH B 2 .   ? -1.503  -17.028 1.194   1.00 41.51 ? 41  HOH A O   1 
HETATM 1382 O  O   . HOH B 2 .   ? 1.821   2.988   12.462  1.00 47.86 ? 43  HOH A O   1 
HETATM 1383 O  O   . HOH B 2 .   ? 8.726   -4.567  16.212  1.00 33.68 ? 44  HOH A O   1 
HETATM 1384 O  O   . HOH B 2 .   ? -11.500 -17.376 10.897  1.00 47.00 ? 45  HOH A O   1 
HETATM 1385 O  O   . HOH B 2 .   ? 15.815  7.499   12.839  1.00 45.19 ? 47  HOH A O   1 
HETATM 1386 O  O   . HOH B 2 .   ? -5.593  6.169   11.877  1.00 35.77 ? 48  HOH A O   1 
HETATM 1387 O  O   . HOH B 2 .   ? -5.826  -3.632  -12.239 1.00 32.80 ? 49  HOH A O   1 
HETATM 1388 O  O   . HOH B 2 .   ? 5.781   16.168  -3.333  1.00 45.15 ? 51  HOH A O   1 
HETATM 1389 O  O   . HOH B 2 .   ? 7.414   6.239   15.512  1.00 42.95 ? 52  HOH A O   1 
HETATM 1390 O  O   . HOH B 2 .   ? -17.433 16.891  -0.554  1.00 47.77 ? 53  HOH A O   1 
HETATM 1391 O  O   . HOH B 2 .   ? 6.034   9.267   4.962   1.00 36.73 ? 54  HOH A O   1 
HETATM 1392 O  O   . HOH B 2 .   ? 14.764  11.082  5.404   1.00 50.54 ? 55  HOH A O   1 
HETATM 1393 O  O   . HOH B 2 .   ? -16.640 -6.375  1.098   1.00 42.71 ? 56  HOH A O   1 
HETATM 1394 O  O   . HOH B 2 .   ? 4.561   -5.377  14.755  1.00 34.68 ? 57  HOH A O   1 
HETATM 1395 O  O   . HOH B 2 .   ? 0.697   6.669   7.970   1.00 40.29 ? 59  HOH A O   1 
HETATM 1396 O  O   . HOH B 2 .   ? -0.918  16.850  -3.288  1.00 41.73 ? 60  HOH A O   1 
HETATM 1397 O  O   . HOH B 2 .   ? -10.545 13.013  9.979   1.00 34.91 ? 62  HOH A O   1 
HETATM 1398 O  O   . HOH B 2 .   ? 6.478   13.099  1.799   1.00 39.30 ? 63  HOH A O   1 
HETATM 1399 O  O   . HOH B 2 .   ? -5.567  -8.877  -10.692 1.00 37.00 ? 64  HOH A O   1 
HETATM 1400 O  O   . HOH B 2 .   ? 1.746   -5.398  14.416  1.00 42.72 ? 65  HOH A O   1 
HETATM 1401 O  O   . HOH B 2 .   ? -0.195  1.728   15.398  1.00 58.73 ? 66  HOH A O   1 
HETATM 1402 O  O   . HOH B 2 .   ? -13.127 4.318   8.048   1.00 54.73 ? 67  HOH A O   1 
HETATM 1403 O  O   . HOH B 2 .   ? 10.928  8.053   8.041   1.00 35.39 ? 69  HOH A O   1 
HETATM 1404 O  O   . HOH B 2 .   ? -6.263  -10.768 9.635   1.00 34.60 ? 70  HOH A O   1 
HETATM 1405 O  O   . HOH B 2 .   ? 4.002   15.857  -6.836  1.00 37.64 ? 71  HOH A O   1 
HETATM 1406 O  O   . HOH B 2 .   ? 1.603   9.511   7.212   1.00 33.67 ? 72  HOH A O   1 
HETATM 1407 O  O   . HOH B 2 .   ? -16.415 12.037  -5.699  1.00 40.39 ? 73  HOH A O   1 
HETATM 1408 O  O   . HOH B 2 .   ? -13.609 -3.573  1.117   1.00 42.21 ? 74  HOH A O   1 
HETATM 1409 O  O   . HOH B 2 .   ? 5.205   -13.155 -0.173  1.00 37.65 ? 75  HOH A O   1 
HETATM 1410 O  O   . HOH B 2 .   ? -9.122  -1.000  -14.728 1.00 59.73 ? 76  HOH A O   1 
HETATM 1411 O  O   . HOH B 2 .   ? 16.438  -0.545  13.153  1.00 55.45 ? 77  HOH A O   1 
HETATM 1412 O  O   . HOH B 2 .   ? 15.739  -3.649  12.603  1.00 46.25 ? 79  HOH A O   1 
HETATM 1413 O  O   . HOH B 2 .   ? 13.866  -5.924  11.304  1.00 43.24 ? 81  HOH A O   1 
HETATM 1414 O  O   . HOH B 2 .   ? 0.998   15.898  -5.330  1.00 42.18 ? 82  HOH A O   1 
HETATM 1415 O  O   . HOH B 2 .   ? 25.488  -5.248  -2.801  1.00 48.82 ? 83  HOH A O   1 
HETATM 1416 O  O   . HOH B 2 .   ? 6.123   -5.209  17.362  1.00 41.91 ? 84  HOH A O   1 
HETATM 1417 O  O   . HOH B 2 .   ? 5.190   8.848   7.430   1.00 50.72 ? 86  HOH A O   1 
HETATM 1418 O  O   . HOH B 2 .   ? 12.269  15.371  -7.633  1.00 41.91 ? 87  HOH A O   1 
HETATM 1419 O  O   . HOH B 2 .   ? -14.801 18.181  -7.171  1.00 35.34 ? 89  HOH A O   1 
HETATM 1420 O  O   . HOH B 2 .   ? 11.571  -4.542  18.532  1.00 38.96 ? 90  HOH A O   1 
HETATM 1421 O  O   . HOH B 2 .   ? -10.542 16.282  6.332   1.00 47.01 ? 91  HOH A O   1 
HETATM 1422 O  O   . HOH B 2 .   ? -13.263 -17.849 13.069  1.00 39.82 ? 93  HOH A O   1 
HETATM 1423 O  O   . HOH B 2 .   ? -3.175  3.395   -12.715 1.00 44.19 ? 94  HOH A O   1 
HETATM 1424 O  O   . HOH B 2 .   ? -19.662 6.868   1.687   1.00 59.15 ? 95  HOH A O   1 
HETATM 1425 O  O   . HOH B 2 .   ? 9.923   -6.596  17.660  1.00 38.16 ? 96  HOH A O   1 
HETATM 1426 O  O   . HOH B 2 .   ? 20.648  1.869   3.963   1.00 50.72 ? 98  HOH A O   1 
HETATM 1427 O  O   . HOH B 2 .   ? 6.161   9.532   -11.212 1.00 39.71 ? 99  HOH A O   1 
HETATM 1428 O  O   . HOH B 2 .   ? 4.856   3.824   -10.958 1.00 41.39 ? 102 HOH A O   1 
HETATM 1429 O  O   . HOH B 2 .   ? -8.568  -3.387  -12.890 1.00 44.64 ? 103 HOH A O   1 
HETATM 1430 O  O   . HOH B 2 .   ? 23.762  -9.843  1.869   1.00 60.51 ? 104 HOH A O   1 
HETATM 1431 O  O   . HOH B 2 .   ? 21.691  -0.189  -2.419  1.00 46.54 ? 107 HOH A O   1 
# 
